data_2FG4
# 
_entry.id   2FG4 
# 
_audit_conform.dict_name       mmcif_pdbx.dic 
_audit_conform.dict_version    5.377 
_audit_conform.dict_location   http://mmcif.pdb.org/dictionaries/ascii/mmcif_pdbx.dic 
# 
loop_
_database_2.database_id 
_database_2.database_code 
_database_2.pdbx_database_accession 
_database_2.pdbx_DOI 
PDB   2FG4         pdb_00002fg4 10.2210/pdb2fg4/pdb 
RCSB  RCSB035838   ?            ?                   
WWPDB D_1000035838 ?            ?                   
# 
loop_
_pdbx_database_related.db_name 
_pdbx_database_related.db_id 
_pdbx_database_related.details 
_pdbx_database_related.content_type 
PDB 2FFX . unspecified 
PDB 2FG8 . unspecified 
# 
_pdbx_database_status.status_code                     REL 
_pdbx_database_status.entry_id                        2FG4 
_pdbx_database_status.recvd_initial_deposition_date   2005-12-21 
_pdbx_database_status.deposit_site                    RCSB 
_pdbx_database_status.process_site                    RCSB 
_pdbx_database_status.status_code_sf                  REL 
_pdbx_database_status.status_code_mr                  ? 
_pdbx_database_status.SG_entry                        N 
_pdbx_database_status.pdb_format_compatible           Y 
_pdbx_database_status.status_code_cs                  ? 
_pdbx_database_status.status_code_nmr_data            ? 
_pdbx_database_status.methods_development_category    ? 
# 
loop_
_audit_author.name 
_audit_author.pdbx_ordinal 
'Wang, Z.'      1 
'Li, C.'        2 
'Ellenburg, M.' 3 
'Ruble, J.'     4 
'Ho, J.X.'      5 
'Carter, D.C.'  6 
# 
_citation.id                        primary 
_citation.title                     'Structure of human ferritin L chain.' 
_citation.journal_abbrev            'ACTA CRYSTALLOGR.,SECT.D' 
_citation.journal_volume            62 
_citation.page_first                800 
_citation.page_last                 806 
_citation.year                      2006 
_citation.journal_id_ASTM           ABCRE6 
_citation.country                   DK 
_citation.journal_id_ISSN           0907-4449 
_citation.journal_id_CSD            0766 
_citation.book_publisher            ? 
_citation.pdbx_database_id_PubMed   16790936 
_citation.pdbx_database_id_DOI      10.1107/S0907444906018294 
# 
loop_
_citation_author.citation_id 
_citation_author.name 
_citation_author.ordinal 
_citation_author.identifier_ORCID 
primary 'Wang, Z.'      1 ? 
primary 'Li, C.'        2 ? 
primary 'Ellenburg, M.' 3 ? 
primary 'Soistman, E.'  4 ? 
primary 'Ruble, J.'     5 ? 
primary 'Wright, B.'    6 ? 
primary 'Ho, J.X.'      7 ? 
primary 'Carter, D.C.'  8 ? 
# 
_cell.entry_id           2FG4 
_cell.length_a           152.865 
_cell.length_b           152.865 
_cell.length_c           152.865 
_cell.angle_alpha        90.00 
_cell.angle_beta         90.00 
_cell.angle_gamma        90.00 
_cell.Z_PDB              48 
_cell.pdbx_unique_axis   ? 
_cell.length_a_esd       ? 
_cell.length_b_esd       ? 
_cell.length_c_esd       ? 
_cell.angle_alpha_esd    ? 
_cell.angle_beta_esd     ? 
_cell.angle_gamma_esd    ? 
# 
_symmetry.entry_id                         2FG4 
_symmetry.space_group_name_H-M             'I 4 3 2' 
_symmetry.pdbx_full_space_group_name_H-M   ? 
_symmetry.cell_setting                     ? 
_symmetry.Int_Tables_number                211 
_symmetry.space_group_name_Hall            ? 
# 
loop_
_entity.id 
_entity.type 
_entity.src_method 
_entity.pdbx_description 
_entity.formula_weight 
_entity.pdbx_number_of_molecules 
_entity.pdbx_ec 
_entity.pdbx_mutation 
_entity.pdbx_fragment 
_entity.details 
1 polymer     man 'Ferritin light chain' 19917.486 1  ? ? ? ? 
2 non-polymer syn 'CADMIUM ION'          112.411   13 ? ? ? ? 
3 water       nat water                  18.015    99 ? ? ? ? 
# 
_entity_name_com.entity_id   1 
_entity_name_com.name        'Ferritin L subunit' 
# 
_entity_poly.entity_id                      1 
_entity_poly.type                           'polypeptide(L)' 
_entity_poly.nstd_linkage                   no 
_entity_poly.nstd_monomer                   no 
_entity_poly.pdbx_seq_one_letter_code       
;SSQIRQNYSTDVEAAVNSLVNLYLQASYTYLSLGFYFDRDDVALEGVSHFFRELAEEKREGYERLLKMQNQRGGRALFQD
IKKPAEDEWGKTPDAMKAAMALEKKLNQALLDLHALGSARTDPHLCDFLETHFLDEEVKLIKKMGDHLTNLHRLGGPEAG
LGEYLFERLTLKHD
;
_entity_poly.pdbx_seq_one_letter_code_can   
;SSQIRQNYSTDVEAAVNSLVNLYLQASYTYLSLGFYFDRDDVALEGVSHFFRELAEEKREGYERLLKMQNQRGGRALFQD
IKKPAEDEWGKTPDAMKAAMALEKKLNQALLDLHALGSARTDPHLCDFLETHFLDEEVKLIKKMGDHLTNLHRLGGPEAG
LGEYLFERLTLKHD
;
_entity_poly.pdbx_strand_id                 A 
_entity_poly.pdbx_target_identifier         ? 
# 
loop_
_entity_poly_seq.entity_id 
_entity_poly_seq.num 
_entity_poly_seq.mon_id 
_entity_poly_seq.hetero 
1 1   SER n 
1 2   SER n 
1 3   GLN n 
1 4   ILE n 
1 5   ARG n 
1 6   GLN n 
1 7   ASN n 
1 8   TYR n 
1 9   SER n 
1 10  THR n 
1 11  ASP n 
1 12  VAL n 
1 13  GLU n 
1 14  ALA n 
1 15  ALA n 
1 16  VAL n 
1 17  ASN n 
1 18  SER n 
1 19  LEU n 
1 20  VAL n 
1 21  ASN n 
1 22  LEU n 
1 23  TYR n 
1 24  LEU n 
1 25  GLN n 
1 26  ALA n 
1 27  SER n 
1 28  TYR n 
1 29  THR n 
1 30  TYR n 
1 31  LEU n 
1 32  SER n 
1 33  LEU n 
1 34  GLY n 
1 35  PHE n 
1 36  TYR n 
1 37  PHE n 
1 38  ASP n 
1 39  ARG n 
1 40  ASP n 
1 41  ASP n 
1 42  VAL n 
1 43  ALA n 
1 44  LEU n 
1 45  GLU n 
1 46  GLY n 
1 47  VAL n 
1 48  SER n 
1 49  HIS n 
1 50  PHE n 
1 51  PHE n 
1 52  ARG n 
1 53  GLU n 
1 54  LEU n 
1 55  ALA n 
1 56  GLU n 
1 57  GLU n 
1 58  LYS n 
1 59  ARG n 
1 60  GLU n 
1 61  GLY n 
1 62  TYR n 
1 63  GLU n 
1 64  ARG n 
1 65  LEU n 
1 66  LEU n 
1 67  LYS n 
1 68  MET n 
1 69  GLN n 
1 70  ASN n 
1 71  GLN n 
1 72  ARG n 
1 73  GLY n 
1 74  GLY n 
1 75  ARG n 
1 76  ALA n 
1 77  LEU n 
1 78  PHE n 
1 79  GLN n 
1 80  ASP n 
1 81  ILE n 
1 82  LYS n 
1 83  LYS n 
1 84  PRO n 
1 85  ALA n 
1 86  GLU n 
1 87  ASP n 
1 88  GLU n 
1 89  TRP n 
1 90  GLY n 
1 91  LYS n 
1 92  THR n 
1 93  PRO n 
1 94  ASP n 
1 95  ALA n 
1 96  MET n 
1 97  LYS n 
1 98  ALA n 
1 99  ALA n 
1 100 MET n 
1 101 ALA n 
1 102 LEU n 
1 103 GLU n 
1 104 LYS n 
1 105 LYS n 
1 106 LEU n 
1 107 ASN n 
1 108 GLN n 
1 109 ALA n 
1 110 LEU n 
1 111 LEU n 
1 112 ASP n 
1 113 LEU n 
1 114 HIS n 
1 115 ALA n 
1 116 LEU n 
1 117 GLY n 
1 118 SER n 
1 119 ALA n 
1 120 ARG n 
1 121 THR n 
1 122 ASP n 
1 123 PRO n 
1 124 HIS n 
1 125 LEU n 
1 126 CYS n 
1 127 ASP n 
1 128 PHE n 
1 129 LEU n 
1 130 GLU n 
1 131 THR n 
1 132 HIS n 
1 133 PHE n 
1 134 LEU n 
1 135 ASP n 
1 136 GLU n 
1 137 GLU n 
1 138 VAL n 
1 139 LYS n 
1 140 LEU n 
1 141 ILE n 
1 142 LYS n 
1 143 LYS n 
1 144 MET n 
1 145 GLY n 
1 146 ASP n 
1 147 HIS n 
1 148 LEU n 
1 149 THR n 
1 150 ASN n 
1 151 LEU n 
1 152 HIS n 
1 153 ARG n 
1 154 LEU n 
1 155 GLY n 
1 156 GLY n 
1 157 PRO n 
1 158 GLU n 
1 159 ALA n 
1 160 GLY n 
1 161 LEU n 
1 162 GLY n 
1 163 GLU n 
1 164 TYR n 
1 165 LEU n 
1 166 PHE n 
1 167 GLU n 
1 168 ARG n 
1 169 LEU n 
1 170 THR n 
1 171 LEU n 
1 172 LYS n 
1 173 HIS n 
1 174 ASP n 
# 
_entity_src_gen.entity_id                          1 
_entity_src_gen.pdbx_src_id                        1 
_entity_src_gen.pdbx_alt_source_flag               sample 
_entity_src_gen.pdbx_seq_type                      ? 
_entity_src_gen.pdbx_beg_seq_num                   ? 
_entity_src_gen.pdbx_end_seq_num                   ? 
_entity_src_gen.gene_src_common_name               human 
_entity_src_gen.gene_src_genus                     Homo 
_entity_src_gen.pdbx_gene_src_gene                 FTL 
_entity_src_gen.gene_src_species                   ? 
_entity_src_gen.gene_src_strain                    ? 
_entity_src_gen.gene_src_tissue                    ? 
_entity_src_gen.gene_src_tissue_fraction           ? 
_entity_src_gen.gene_src_details                   ? 
_entity_src_gen.pdbx_gene_src_fragment             ? 
_entity_src_gen.pdbx_gene_src_scientific_name      'Homo sapiens' 
_entity_src_gen.pdbx_gene_src_ncbi_taxonomy_id     9606 
_entity_src_gen.pdbx_gene_src_variant              ? 
_entity_src_gen.pdbx_gene_src_cell_line            ? 
_entity_src_gen.pdbx_gene_src_atcc                 ? 
_entity_src_gen.pdbx_gene_src_organ                ? 
_entity_src_gen.pdbx_gene_src_organelle            ? 
_entity_src_gen.pdbx_gene_src_cell                 ? 
_entity_src_gen.pdbx_gene_src_cellular_location    ? 
_entity_src_gen.host_org_common_name               ? 
_entity_src_gen.pdbx_host_org_scientific_name      'Escherichia coli' 
_entity_src_gen.pdbx_host_org_ncbi_taxonomy_id     562 
_entity_src_gen.host_org_genus                     Escherichia 
_entity_src_gen.pdbx_host_org_gene                 ? 
_entity_src_gen.pdbx_host_org_organ                ? 
_entity_src_gen.host_org_species                   ? 
_entity_src_gen.pdbx_host_org_tissue               ? 
_entity_src_gen.pdbx_host_org_tissue_fraction      ? 
_entity_src_gen.pdbx_host_org_strain               ? 
_entity_src_gen.pdbx_host_org_variant              ? 
_entity_src_gen.pdbx_host_org_cell_line            ? 
_entity_src_gen.pdbx_host_org_atcc                 ? 
_entity_src_gen.pdbx_host_org_culture_collection   ? 
_entity_src_gen.pdbx_host_org_cell                 ? 
_entity_src_gen.pdbx_host_org_organelle            ? 
_entity_src_gen.pdbx_host_org_cellular_location    ? 
_entity_src_gen.pdbx_host_org_vector_type          plasmid 
_entity_src_gen.pdbx_host_org_vector               ? 
_entity_src_gen.host_org_details                   ? 
_entity_src_gen.expression_system_id               ? 
_entity_src_gen.plasmid_name                       'pET 11a-LF' 
_entity_src_gen.plasmid_details                    ? 
_entity_src_gen.pdbx_description                   ? 
# 
_struct_ref.id                         1 
_struct_ref.db_name                    UNP 
_struct_ref.db_code                    FRIL_HUMAN 
_struct_ref.pdbx_db_accession          P02792 
_struct_ref.entity_id                  1 
_struct_ref.pdbx_align_begin           1 
_struct_ref.pdbx_db_isoform            ? 
_struct_ref.pdbx_seq_one_letter_code   ? 
# 
_struct_ref_seq.align_id                      1 
_struct_ref_seq.ref_id                        1 
_struct_ref_seq.pdbx_PDB_id_code              2FG4 
_struct_ref_seq.pdbx_strand_id                A 
_struct_ref_seq.seq_align_beg                 1 
_struct_ref_seq.pdbx_seq_align_beg_ins_code   ? 
_struct_ref_seq.seq_align_end                 174 
_struct_ref_seq.pdbx_seq_align_end_ins_code   ? 
_struct_ref_seq.pdbx_db_accession             P02792 
_struct_ref_seq.db_align_beg                  1 
_struct_ref_seq.pdbx_db_align_beg_ins_code    ? 
_struct_ref_seq.db_align_end                  174 
_struct_ref_seq.pdbx_db_align_end_ins_code    ? 
_struct_ref_seq.pdbx_auth_seq_align_beg       5 
_struct_ref_seq.pdbx_auth_seq_align_end       178 
# 
loop_
_chem_comp.id 
_chem_comp.type 
_chem_comp.mon_nstd_flag 
_chem_comp.name 
_chem_comp.pdbx_synonyms 
_chem_comp.formula 
_chem_comp.formula_weight 
ALA 'L-peptide linking' y ALANINE         ? 'C3 H7 N O2'     89.093  
ARG 'L-peptide linking' y ARGININE        ? 'C6 H15 N4 O2 1' 175.209 
ASN 'L-peptide linking' y ASPARAGINE      ? 'C4 H8 N2 O3'    132.118 
ASP 'L-peptide linking' y 'ASPARTIC ACID' ? 'C4 H7 N O4'     133.103 
CD  non-polymer         . 'CADMIUM ION'   ? 'Cd 2'           112.411 
CYS 'L-peptide linking' y CYSTEINE        ? 'C3 H7 N O2 S'   121.158 
GLN 'L-peptide linking' y GLUTAMINE       ? 'C5 H10 N2 O3'   146.144 
GLU 'L-peptide linking' y 'GLUTAMIC ACID' ? 'C5 H9 N O4'     147.129 
GLY 'peptide linking'   y GLYCINE         ? 'C2 H5 N O2'     75.067  
HIS 'L-peptide linking' y HISTIDINE       ? 'C6 H10 N3 O2 1' 156.162 
HOH non-polymer         . WATER           ? 'H2 O'           18.015  
ILE 'L-peptide linking' y ISOLEUCINE      ? 'C6 H13 N O2'    131.173 
LEU 'L-peptide linking' y LEUCINE         ? 'C6 H13 N O2'    131.173 
LYS 'L-peptide linking' y LYSINE          ? 'C6 H15 N2 O2 1' 147.195 
MET 'L-peptide linking' y METHIONINE      ? 'C5 H11 N O2 S'  149.211 
PHE 'L-peptide linking' y PHENYLALANINE   ? 'C9 H11 N O2'    165.189 
PRO 'L-peptide linking' y PROLINE         ? 'C5 H9 N O2'     115.130 
SER 'L-peptide linking' y SERINE          ? 'C3 H7 N O3'     105.093 
THR 'L-peptide linking' y THREONINE       ? 'C4 H9 N O3'     119.119 
TRP 'L-peptide linking' y TRYPTOPHAN      ? 'C11 H12 N2 O2'  204.225 
TYR 'L-peptide linking' y TYROSINE        ? 'C9 H11 N O3'    181.189 
VAL 'L-peptide linking' y VALINE          ? 'C5 H11 N O2'    117.146 
# 
_exptl.entry_id          2FG4 
_exptl.method            'X-RAY DIFFRACTION' 
_exptl.crystals_number   1 
# 
_exptl_crystal.id                    1 
_exptl_crystal.density_meas          ? 
_exptl_crystal.density_Matthews      3.74 
_exptl_crystal.density_percent_sol   67.07 
_exptl_crystal.description           ? 
_exptl_crystal.F_000                 ? 
_exptl_crystal.preparation           ? 
# 
_exptl_crystal_grow.crystal_id      1 
_exptl_crystal_grow.method          'VAPOR DIFFUSION' 
_exptl_crystal_grow.temp            294 
_exptl_crystal_grow.temp_details    ? 
_exptl_crystal_grow.pH              5.0 
_exptl_crystal_grow.pdbx_details    '1.6% Cadmium Sulfate, 0.2M Sodium Acetate, pH 5.0, VAPOR DIFFUSION, temperature 294K' 
_exptl_crystal_grow.pdbx_pH_range   . 
# 
_diffrn.id                     1 
_diffrn.ambient_temp           293 
_diffrn.ambient_temp_details   ? 
_diffrn.crystal_id             1 
# 
_diffrn_detector.diffrn_id              1 
_diffrn_detector.detector               'IMAGE PLATE' 
_diffrn_detector.type                   'RIGAKU RAXIS IV' 
_diffrn_detector.pdbx_collection_date   2003-12-16 
_diffrn_detector.details                'Osmic Blue' 
# 
_diffrn_radiation.diffrn_id                        1 
_diffrn_radiation.wavelength_id                    1 
_diffrn_radiation.pdbx_monochromatic_or_laue_m_l   M 
_diffrn_radiation.monochromator                    ? 
_diffrn_radiation.pdbx_diffrn_protocol             'SINGLE WAVELENGTH' 
_diffrn_radiation.pdbx_scattering_type             x-ray 
# 
_diffrn_radiation_wavelength.id           1 
_diffrn_radiation_wavelength.wavelength   1.54178 
_diffrn_radiation_wavelength.wt           1.0 
# 
_diffrn_source.diffrn_id                   1 
_diffrn_source.source                      'ROTATING ANODE' 
_diffrn_source.type                        RIGAKU 
_diffrn_source.pdbx_synchrotron_site       ? 
_diffrn_source.pdbx_synchrotron_beamline   ? 
_diffrn_source.pdbx_wavelength             ? 
_diffrn_source.pdbx_wavelength_list        1.54178 
# 
_reflns.entry_id                     2FG4 
_reflns.observed_criterion_sigma_I   ? 
_reflns.observed_criterion_sigma_F   1 
_reflns.d_resolution_low             30.0 
_reflns.d_resolution_high            2.1 
_reflns.number_obs                   18119 
_reflns.number_all                   ? 
_reflns.percent_possible_obs         96.1 
_reflns.pdbx_Rmerge_I_obs            ? 
_reflns.pdbx_Rsym_value              0.102 
_reflns.pdbx_netI_over_sigmaI        15.5 
_reflns.B_iso_Wilson_estimate        16.9 
_reflns.pdbx_redundancy              ? 
_reflns.R_free_details               ? 
_reflns.limit_h_max                  ? 
_reflns.limit_h_min                  ? 
_reflns.limit_k_max                  ? 
_reflns.limit_k_min                  ? 
_reflns.limit_l_max                  ? 
_reflns.limit_l_min                  ? 
_reflns.observed_criterion_F_max     ? 
_reflns.observed_criterion_F_min     ? 
_reflns.pdbx_chi_squared             ? 
_reflns.pdbx_scaling_rejects         ? 
_reflns.pdbx_ordinal                 1 
_reflns.pdbx_diffrn_id               1 
# 
_reflns_shell.d_res_high             2.1 
_reflns_shell.d_res_low              ? 
_reflns_shell.percent_possible_all   96.1 
_reflns_shell.Rmerge_I_obs           ? 
_reflns_shell.pdbx_Rsym_value        ? 
_reflns_shell.meanI_over_sigI_obs    ? 
_reflns_shell.pdbx_redundancy        ? 
_reflns_shell.percent_possible_obs   ? 
_reflns_shell.number_unique_all      ? 
_reflns_shell.number_measured_all    ? 
_reflns_shell.number_measured_obs    ? 
_reflns_shell.number_unique_obs      ? 
_reflns_shell.pdbx_chi_squared       ? 
_reflns_shell.pdbx_ordinal           1 
_reflns_shell.pdbx_diffrn_id         1 
# 
_refine.entry_id                                 2FG4 
_refine.ls_number_reflns_obs                     16878 
_refine.ls_number_reflns_all                     ? 
_refine.pdbx_ls_sigma_I                          ? 
_refine.pdbx_ls_sigma_F                          0.0 
_refine.pdbx_data_cutoff_high_absF               469694.40 
_refine.pdbx_data_cutoff_low_absF                0.000000 
_refine.pdbx_data_cutoff_high_rms_absF           ? 
_refine.ls_d_res_low                             24.80 
_refine.ls_d_res_high                            2.10 
_refine.ls_percent_reflns_obs                    93.2 
_refine.ls_R_factor_obs                          ? 
_refine.ls_R_factor_all                          ? 
_refine.ls_R_factor_R_work                       0.194 
_refine.ls_R_factor_R_free                       0.22 
_refine.ls_R_factor_R_free_error                 0.007 
_refine.ls_R_factor_R_free_error_details         ? 
_refine.ls_percent_reflns_R_free                 4.8 
_refine.ls_number_reflns_R_free                  818 
_refine.ls_number_parameters                     ? 
_refine.ls_number_restraints                     ? 
_refine.occupancy_min                            ? 
_refine.occupancy_max                            ? 
_refine.correlation_coeff_Fo_to_Fc               ? 
_refine.correlation_coeff_Fo_to_Fc_free          ? 
_refine.B_iso_mean                               24.5 
_refine.aniso_B[1][1]                            0.00 
_refine.aniso_B[2][2]                            0.00 
_refine.aniso_B[3][3]                            0.00 
_refine.aniso_B[1][2]                            0.00 
_refine.aniso_B[1][3]                            0.00 
_refine.aniso_B[2][3]                            0.00 
_refine.solvent_model_details                    'FLAT MODEL' 
_refine.solvent_model_param_ksol                 0.347391 
_refine.solvent_model_param_bsol                 47.5883 
_refine.pdbx_solvent_vdw_probe_radii             ? 
_refine.pdbx_solvent_ion_probe_radii             ? 
_refine.pdbx_solvent_shrinkage_radii             ? 
_refine.pdbx_ls_cross_valid_method               THROUGHOUT 
_refine.details                                  'BULK SOLVENT MODEL USED' 
_refine.pdbx_starting_model                      'pdb entry 2FFX' 
_refine.pdbx_method_to_determine_struct          'MOLECULAR REPLACEMENT' 
_refine.pdbx_isotropic_thermal_model             RESTRAINED 
_refine.pdbx_stereochemistry_target_values       ? 
_refine.pdbx_stereochem_target_val_spec_case     ? 
_refine.pdbx_R_Free_selection_details            RANDOM 
_refine.pdbx_overall_ESU_R                       ? 
_refine.pdbx_overall_ESU_R_Free                  ? 
_refine.overall_SU_ML                            ? 
_refine.overall_SU_B                             ? 
_refine.ls_redundancy_reflns_obs                 ? 
_refine.B_iso_min                                ? 
_refine.B_iso_max                                ? 
_refine.overall_SU_R_Cruickshank_DPI             ? 
_refine.overall_SU_R_free                        ? 
_refine.ls_wR_factor_R_free                      ? 
_refine.ls_wR_factor_R_work                      ? 
_refine.overall_FOM_free_R_set                   ? 
_refine.overall_FOM_work_R_set                   ? 
_refine.pdbx_refine_id                           'X-RAY DIFFRACTION' 
_refine.pdbx_diffrn_id                           1 
_refine.pdbx_TLS_residual_ADP_flag               ? 
_refine.pdbx_overall_phase_error                 ? 
_refine.pdbx_overall_SU_R_free_Cruickshank_DPI   ? 
_refine.pdbx_overall_SU_R_Blow_DPI               ? 
_refine.pdbx_overall_SU_R_free_Blow_DPI          ? 
# 
_refine_analyze.entry_id                        2FG4 
_refine_analyze.Luzzati_coordinate_error_obs    0.21 
_refine_analyze.Luzzati_sigma_a_obs             0.20 
_refine_analyze.Luzzati_d_res_low_obs           5.00 
_refine_analyze.Luzzati_coordinate_error_free   0.24 
_refine_analyze.Luzzati_sigma_a_free            0.24 
_refine_analyze.Luzzati_d_res_low_free          ? 
_refine_analyze.number_disordered_residues      ? 
_refine_analyze.occupancy_sum_hydrogen          ? 
_refine_analyze.occupancy_sum_non_hydrogen      ? 
_refine_analyze.pdbx_Luzzati_d_res_high_obs     ? 
_refine_analyze.pdbx_refine_id                  'X-RAY DIFFRACTION' 
# 
_refine_hist.pdbx_refine_id                   'X-RAY DIFFRACTION' 
_refine_hist.cycle_id                         LAST 
_refine_hist.pdbx_number_atoms_protein        1374 
_refine_hist.pdbx_number_atoms_nucleic_acid   0 
_refine_hist.pdbx_number_atoms_ligand         13 
_refine_hist.number_atoms_solvent             99 
_refine_hist.number_atoms_total               1486 
_refine_hist.d_res_high                       2.10 
_refine_hist.d_res_low                        24.80 
# 
loop_
_refine_ls_restr.type 
_refine_ls_restr.dev_ideal 
_refine_ls_restr.dev_ideal_target 
_refine_ls_restr.weight 
_refine_ls_restr.number 
_refine_ls_restr.pdbx_refine_id 
_refine_ls_restr.pdbx_restraint_function 
c_bond_d           0.005 ?    ? ? 'X-RAY DIFFRACTION' ? 
c_angle_deg        1.1   ?    ? ? 'X-RAY DIFFRACTION' ? 
c_dihedral_angle_d 18.3  ?    ? ? 'X-RAY DIFFRACTION' ? 
c_improper_angle_d 0.69  ?    ? ? 'X-RAY DIFFRACTION' ? 
c_mcbond_it        1.16  1.50 ? ? 'X-RAY DIFFRACTION' ? 
c_mcangle_it       1.77  2.00 ? ? 'X-RAY DIFFRACTION' ? 
c_scbond_it        2.36  2.00 ? ? 'X-RAY DIFFRACTION' ? 
c_scangle_it       3.67  2.50 ? ? 'X-RAY DIFFRACTION' ? 
# 
_refine_ls_shell.pdbx_total_number_of_bins_used   6 
_refine_ls_shell.d_res_high                       2.10 
_refine_ls_shell.d_res_low                        2.23 
_refine_ls_shell.number_reflns_R_work             2110 
_refine_ls_shell.R_factor_R_work                  0.242 
_refine_ls_shell.percent_reflns_obs               75.4 
_refine_ls_shell.R_factor_R_free                  0.248 
_refine_ls_shell.R_factor_R_free_error            0.023 
_refine_ls_shell.percent_reflns_R_free            5.1 
_refine_ls_shell.number_reflns_R_free             114 
_refine_ls_shell.number_reflns_all                ? 
_refine_ls_shell.R_factor_all                     ? 
_refine_ls_shell.number_reflns_obs                ? 
_refine_ls_shell.redundancy_reflns_obs            ? 
_refine_ls_shell.pdbx_refine_id                   'X-RAY DIFFRACTION' 
# 
loop_
_pdbx_xplor_file.serial_no 
_pdbx_xplor_file.param_file 
_pdbx_xplor_file.topol_file 
_pdbx_xplor_file.pdbx_refine_id 
1 protein_rep.param protein.top 'X-RAY DIFFRACTION' 
2 water.param       ?           'X-RAY DIFFRACTION' 
3 ion.param         ?           'X-RAY DIFFRACTION' 
# 
_struct.entry_id                  2FG4 
_struct.title                     'Structure of Human Ferritin L Chain' 
_struct.pdbx_model_details        ? 
_struct.pdbx_CASP_flag            ? 
_struct.pdbx_model_type_details   ? 
# 
_struct_keywords.entry_id        2FG4 
_struct_keywords.pdbx_keywords   'METAL BINDING PROTEIN' 
_struct_keywords.text            'Human Light Chain Ferritin, METAL BINDING PROTEIN' 
# 
loop_
_struct_asym.id 
_struct_asym.pdbx_blank_PDB_chainid_flag 
_struct_asym.pdbx_modified 
_struct_asym.entity_id 
_struct_asym.details 
A N N 1 ? 
B N N 2 ? 
C N N 2 ? 
D N N 2 ? 
E N N 2 ? 
F N N 2 ? 
G N N 2 ? 
H N N 2 ? 
I N N 2 ? 
J N N 2 ? 
K N N 2 ? 
L N N 2 ? 
M N N 2 ? 
N N N 2 ? 
O N N 3 ? 
# 
_struct_biol.id   1 
# 
loop_
_struct_conf.conf_type_id 
_struct_conf.id 
_struct_conf.pdbx_PDB_helix_id 
_struct_conf.beg_label_comp_id 
_struct_conf.beg_label_asym_id 
_struct_conf.beg_label_seq_id 
_struct_conf.pdbx_beg_PDB_ins_code 
_struct_conf.end_label_comp_id 
_struct_conf.end_label_asym_id 
_struct_conf.end_label_seq_id 
_struct_conf.pdbx_end_PDB_ins_code 
_struct_conf.beg_auth_comp_id 
_struct_conf.beg_auth_asym_id 
_struct_conf.beg_auth_seq_id 
_struct_conf.end_auth_comp_id 
_struct_conf.end_auth_asym_id 
_struct_conf.end_auth_seq_id 
_struct_conf.pdbx_PDB_helix_class 
_struct_conf.details 
_struct_conf.pdbx_PDB_helix_length 
HELX_P HELX_P1 1 SER A 9   ? PHE A 37  ? SER A 13  PHE A 41  1 ? 29 
HELX_P HELX_P2 2 LEU A 44  ? GLY A 73  ? LEU A 48  GLY A 77  1 ? 30 
HELX_P HELX_P3 3 LYS A 91  ? ARG A 120 ? LYS A 95  ARG A 124 1 ? 30 
HELX_P HELX_P4 4 ASP A 122 ? PHE A 133 ? ASP A 126 PHE A 137 1 ? 12 
HELX_P HELX_P5 5 PHE A 133 ? LEU A 154 ? PHE A 137 LEU A 158 1 ? 22 
HELX_P HELX_P6 6 GLU A 158 ? THR A 170 ? GLU A 162 THR A 174 1 ? 13 
# 
_struct_conf_type.id          HELX_P 
_struct_conf_type.criteria    ? 
_struct_conf_type.reference   ? 
# 
loop_
_struct_conn.id 
_struct_conn.conn_type_id 
_struct_conn.pdbx_leaving_atom_flag 
_struct_conn.pdbx_PDB_id 
_struct_conn.ptnr1_label_asym_id 
_struct_conn.ptnr1_label_comp_id 
_struct_conn.ptnr1_label_seq_id 
_struct_conn.ptnr1_label_atom_id 
_struct_conn.pdbx_ptnr1_label_alt_id 
_struct_conn.pdbx_ptnr1_PDB_ins_code 
_struct_conn.pdbx_ptnr1_standard_comp_id 
_struct_conn.ptnr1_symmetry 
_struct_conn.ptnr2_label_asym_id 
_struct_conn.ptnr2_label_comp_id 
_struct_conn.ptnr2_label_seq_id 
_struct_conn.ptnr2_label_atom_id 
_struct_conn.pdbx_ptnr2_label_alt_id 
_struct_conn.pdbx_ptnr2_PDB_ins_code 
_struct_conn.ptnr1_auth_asym_id 
_struct_conn.ptnr1_auth_comp_id 
_struct_conn.ptnr1_auth_seq_id 
_struct_conn.ptnr2_auth_asym_id 
_struct_conn.ptnr2_auth_comp_id 
_struct_conn.ptnr2_auth_seq_id 
_struct_conn.ptnr2_symmetry 
_struct_conn.pdbx_ptnr3_label_atom_id 
_struct_conn.pdbx_ptnr3_label_seq_id 
_struct_conn.pdbx_ptnr3_label_comp_id 
_struct_conn.pdbx_ptnr3_label_asym_id 
_struct_conn.pdbx_ptnr3_label_alt_id 
_struct_conn.pdbx_ptnr3_PDB_ins_code 
_struct_conn.details 
_struct_conn.pdbx_dist_value 
_struct_conn.pdbx_value_order 
_struct_conn.pdbx_role 
metalc1  metalc ? ? A ASP 11  OD2 ? ? ? 1_555  C CD  . CD ? ? A ASP 15  A CD  192 1_555 ? ? ? ? ? ? ? 2.657 ? ? 
metalc2  metalc ? ? A ASP 11  OD1 ? ? ? 1_555  C CD  . CD ? ? A ASP 15  A CD  192 1_555 ? ? ? ? ? ? ? 2.462 ? ? 
metalc3  metalc ? ? A ASP 11  OD1 ? ? ? 48_555 C CD  . CD ? ? A ASP 15  A CD  192 1_555 ? ? ? ? ? ? ? 2.461 ? ? 
metalc4  metalc ? ? A ASP 11  OD2 ? ? ? 48_555 C CD  . CD ? ? A ASP 15  A CD  192 1_555 ? ? ? ? ? ? ? 2.656 ? ? 
metalc5  metalc ? ? A GLU 53  OE1 ? ? ? 1_555  N CD  . CD ? ? A GLU 57  A CD  211 1_555 ? ? ? ? ? ? ? 2.357 ? ? 
metalc6  metalc ? ? A GLU 56  OE2 ? ? ? 1_555  H CD  . CD ? ? A GLU 60  A CD  205 1_555 ? ? ? ? ? ? ? 2.960 ? ? 
metalc7  metalc ? ? A GLU 56  OE1 ? ? ? 1_555  H CD  . CD ? ? A GLU 60  A CD  205 1_555 ? ? ? ? ? ? ? 2.814 ? ? 
metalc8  metalc ? ? A GLU 57  OE1 ? ? ? 1_555  I CD  . CD ? ? A GLU 61  A CD  206 1_555 ? ? ? ? ? ? ? 2.724 ? ? 
metalc9  metalc ? ? A GLU 57  OE2 ? ? ? 1_555  J CD  . CD ? ? A GLU 61  A CD  207 1_555 ? ? ? ? ? ? ? 2.960 ? ? 
metalc10 metalc ? ? A GLU 60  OE1 ? ? ? 1_555  I CD  . CD ? ? A GLU 64  A CD  206 1_555 ? ? ? ? ? ? ? 2.868 ? ? 
metalc11 metalc ? ? A GLU 60  OE2 ? ? ? 1_555  I CD  . CD ? ? A GLU 64  A CD  206 1_555 ? ? ? ? ? ? ? 2.499 ? ? 
metalc12 metalc ? ? A GLU 86  OE1 ? ? ? 1_555  L CD  . CD ? ? A GLU 90  A CD  209 1_555 ? ? ? ? ? ? ? 2.938 ? ? 
metalc13 metalc ? ? A GLU 86  OE2 ? ? ? 1_555  L CD  . CD ? ? A GLU 90  A CD  209 1_555 ? ? ? ? ? ? ? 2.328 ? ? 
metalc14 metalc ? ? A HIS 114 NE2 ? ? ? 1_555  E CD  . CD ? ? A HIS 118 A CD  202 1_555 ? ? ? ? ? ? ? 2.637 ? ? 
metalc15 metalc ? ? A CYS 126 SG  A ? ? 1_555  E CD  . CD ? ? A CYS 130 A CD  202 1_555 ? ? ? ? ? ? ? 2.592 ? ? 
metalc16 metalc ? ? A CYS 126 SG  A ? ? 1_555  G CD  . CD ? ? A CYS 130 A CD  204 1_555 ? ? ? ? ? ? ? 2.695 ? ? 
metalc17 metalc ? ? A GLU 130 OE1 ? ? ? 1_555  G CD  . CD ? ? A GLU 134 A CD  204 1_555 ? ? ? ? ? ? ? 3.046 ? ? 
metalc18 metalc ? ? A GLU 130 OE1 ? ? ? 5_555  G CD  . CD ? ? A GLU 134 A CD  204 1_555 ? ? ? ? ? ? ? 2.530 ? ? 
metalc19 metalc ? ? A HIS 132 NE2 ? ? ? 1_555  F CD  . CD ? ? A HIS 136 A CD  203 1_555 ? ? ? ? ? ? ? 2.771 ? ? 
metalc20 metalc ? ? A HIS 132 NE2 ? ? ? 1_555  M CD  . CD ? ? A HIS 136 A CD  210 1_555 ? ? ? ? ? ? ? 2.687 ? ? 
metalc21 metalc ? ? A GLU 136 OE1 ? ? ? 1_555  J CD  . CD ? ? A GLU 140 A CD  207 1_555 ? ? ? ? ? ? ? 2.850 ? ? 
metalc22 metalc ? ? B CD  .   CD  ? ? ? 1_555  O HOH . O  ? ? A CD  191 A HOH 394 1_555 ? ? ? ? ? ? ? 2.658 ? ? 
metalc23 metalc ? ? B CD  .   CD  ? ? ? 1_555  O HOH . O  ? ? A CD  191 A HOH 394 9_555 ? ? ? ? ? ? ? 2.658 ? ? 
metalc24 metalc ? ? B CD  .   CD  ? ? ? 1_555  O HOH . O  ? ? A CD  191 A HOH 394 5_555 ? ? ? ? ? ? ? 2.658 ? ? 
metalc25 metalc ? ? D CD  .   CD  ? ? ? 1_555  O HOH . O  ? ? A CD  201 A HOH 397 1_555 ? ? ? ? ? ? ? 2.688 ? ? 
metalc26 metalc ? ? D CD  .   CD  ? ? ? 1_555  O HOH . O  ? ? A CD  201 A HOH 397 5_555 ? ? ? ? ? ? ? 2.688 ? ? 
metalc27 metalc ? ? D CD  .   CD  ? ? ? 1_555  O HOH . O  ? ? A CD  201 A HOH 397 9_555 ? ? ? ? ? ? ? 2.688 ? ? 
metalc28 metalc ? ? E CD  .   CD  ? ? ? 1_555  O HOH . O  ? ? A CD  202 A HOH 395 1_555 ? ? ? ? ? ? ? 2.869 ? ? 
metalc29 metalc ? ? E CD  .   CD  ? ? ? 1_555  O HOH . O  ? ? A CD  202 A HOH 396 1_555 ? ? ? ? ? ? ? 2.660 ? ? 
metalc30 metalc ? ? E CD  .   CD  ? ? ? 1_555  O HOH . O  ? ? A CD  202 A HOH 397 9_555 ? ? ? ? ? ? ? 2.962 ? ? 
metalc31 metalc ? ? F CD  .   CD  ? ? ? 1_555  M CD  . CD ? ? A CD  203 A CD  210 1_555 ? ? ? ? ? ? ? 2.548 ? ? 
metalc32 metalc ? ? G CD  .   CD  ? ? ? 1_555  O HOH . O  ? ? A CD  204 A HOH 397 1_555 ? ? ? ? ? ? ? 2.769 ? ? 
metalc33 metalc ? ? I CD  .   CD  ? ? ? 1_555  O HOH . O  ? ? A CD  206 A HOH 301 1_555 ? ? ? ? ? ? ? 2.626 ? ? 
metalc34 metalc ? ? J CD  .   CD  ? ? ? 1_555  O HOH . O  ? ? A CD  207 A HOH 301 1_555 ? ? ? ? ? ? ? 2.623 ? ? 
metalc35 metalc ? ? K CD  .   CD  ? ? ? 1_555  O HOH . O  ? ? A CD  208 A HOH 341 1_555 ? ? ? ? ? ? ? 2.581 ? ? 
metalc36 metalc ? ? L CD  .   CD  ? ? ? 1_555  O HOH . O  ? ? A CD  209 A HOH 387 1_555 ? ? ? ? ? ? ? 3.148 ? ? 
metalc37 metalc ? ? M CD  .   CD  ? ? ? 1_555  O HOH . O  ? ? A CD  210 A HOH 384 5_555 ? ? ? ? ? ? ? 2.957 ? ? 
# 
_struct_conn_type.id          metalc 
_struct_conn_type.criteria    ? 
_struct_conn_type.reference   ? 
# 
loop_
_struct_site.id 
_struct_site.pdbx_evidence_code 
_struct_site.pdbx_auth_asym_id 
_struct_site.pdbx_auth_comp_id 
_struct_site.pdbx_auth_seq_id 
_struct_site.pdbx_auth_ins_code 
_struct_site.pdbx_num_residues 
_struct_site.details 
AC1 Software A CD 191 ? 6  'BINDING SITE FOR RESIDUE CD A 191' 
AC2 Software A CD 192 ? 2  'BINDING SITE FOR RESIDUE CD A 192' 
AC3 Software A CD 201 ? 9  'BINDING SITE FOR RESIDUE CD A 201' 
AC4 Software A CD 202 ? 10 'BINDING SITE FOR RESIDUE CD A 202' 
AC5 Software A CD 203 ? 2  'BINDING SITE FOR RESIDUE CD A 203' 
AC6 Software A CD 204 ? 7  'BINDING SITE FOR RESIDUE CD A 204' 
AC7 Software A CD 205 ? 1  'BINDING SITE FOR RESIDUE CD A 205' 
AC8 Software A CD 206 ? 4  'BINDING SITE FOR RESIDUE CD A 206' 
AC9 Software A CD 207 ? 4  'BINDING SITE FOR RESIDUE CD A 207' 
BC1 Software A CD 208 ? 1  'BINDING SITE FOR RESIDUE CD A 208' 
BC2 Software A CD 209 ? 1  'BINDING SITE FOR RESIDUE CD A 209' 
BC3 Software A CD 210 ? 4  'BINDING SITE FOR RESIDUE CD A 210' 
BC4 Software A CD 211 ? 2  'BINDING SITE FOR RESIDUE CD A 211' 
# 
loop_
_struct_site_gen.id 
_struct_site_gen.site_id 
_struct_site_gen.pdbx_num_res 
_struct_site_gen.label_comp_id 
_struct_site_gen.label_asym_id 
_struct_site_gen.label_seq_id 
_struct_site_gen.pdbx_auth_ins_code 
_struct_site_gen.auth_comp_id 
_struct_site_gen.auth_asym_id 
_struct_site_gen.auth_seq_id 
_struct_site_gen.label_atom_id 
_struct_site_gen.label_alt_id 
_struct_site_gen.symmetry 
_struct_site_gen.details 
1  AC1 6  ASP A 127 ? ASP A 131 . ? 1_555  ? 
2  AC1 6  ASP A 127 ? ASP A 131 . ? 9_555  ? 
3  AC1 6  ASP A 127 ? ASP A 131 . ? 5_555  ? 
4  AC1 6  HOH O .   ? HOH A 394 . ? 9_555  ? 
5  AC1 6  HOH O .   ? HOH A 394 . ? 5_555  ? 
6  AC1 6  HOH O .   ? HOH A 394 . ? 1_555  ? 
7  AC2 2  ASP A 11  ? ASP A 15  . ? 1_555  ? 
8  AC2 2  ASP A 11  ? ASP A 15  . ? 48_555 ? 
9  AC3 9  CD  E .   ? CD  A 202 . ? 5_555  ? 
10 AC3 9  CD  E .   ? CD  A 202 . ? 1_555  ? 
11 AC3 9  CD  E .   ? CD  A 202 . ? 9_555  ? 
12 AC3 9  CD  G .   ? CD  A 204 . ? 5_555  ? 
13 AC3 9  CD  G .   ? CD  A 204 . ? 1_555  ? 
14 AC3 9  CD  G .   ? CD  A 204 . ? 9_555  ? 
15 AC3 9  HOH O .   ? HOH A 397 . ? 9_555  ? 
16 AC3 9  HOH O .   ? HOH A 397 . ? 1_555  ? 
17 AC3 9  HOH O .   ? HOH A 397 . ? 5_555  ? 
18 AC4 10 HIS A 114 ? HIS A 118 . ? 1_555  ? 
19 AC4 10 SER A 118 ? SER A 122 . ? 1_555  ? 
20 AC4 10 CYS A 126 ? CYS A 130 . ? 1_555  ? 
21 AC4 10 GLU A 130 ? GLU A 134 . ? 1_555  ? 
22 AC4 10 CD  D .   ? CD  A 201 . ? 5_555  ? 
23 AC4 10 CD  D .   ? CD  A 201 . ? 9_555  ? 
24 AC4 10 CD  D .   ? CD  A 201 . ? 1_555  ? 
25 AC4 10 HOH O .   ? HOH A 395 . ? 1_555  ? 
26 AC4 10 HOH O .   ? HOH A 396 . ? 1_555  ? 
27 AC4 10 HOH O .   ? HOH A 397 . ? 9_555  ? 
28 AC5 2  HIS A 132 ? HIS A 136 . ? 1_555  ? 
29 AC5 2  CD  M .   ? CD  A 210 . ? 1_555  ? 
30 AC6 7  CYS A 126 ? CYS A 130 . ? 1_555  ? 
31 AC6 7  GLU A 130 ? GLU A 134 . ? 5_555  ? 
32 AC6 7  GLU A 130 ? GLU A 134 . ? 1_555  ? 
33 AC6 7  CD  D .   ? CD  A 201 . ? 5_555  ? 
34 AC6 7  CD  D .   ? CD  A 201 . ? 9_555  ? 
35 AC6 7  CD  D .   ? CD  A 201 . ? 1_555  ? 
36 AC6 7  HOH O .   ? HOH A 397 . ? 1_555  ? 
37 AC7 1  GLU A 56  ? GLU A 60  . ? 1_555  ? 
38 AC8 4  GLU A 57  ? GLU A 61  . ? 1_555  ? 
39 AC8 4  GLU A 60  ? GLU A 64  . ? 1_555  ? 
40 AC8 4  CD  J .   ? CD  A 207 . ? 1_555  ? 
41 AC8 4  HOH O .   ? HOH A 301 . ? 1_555  ? 
42 AC9 4  GLU A 57  ? GLU A 61  . ? 1_555  ? 
43 AC9 4  GLU A 136 ? GLU A 140 . ? 1_555  ? 
44 AC9 4  CD  I .   ? CD  A 206 . ? 1_555  ? 
45 AC9 4  HOH O .   ? HOH A 301 . ? 1_555  ? 
46 BC1 1  HOH O .   ? HOH A 341 . ? 1_555  ? 
47 BC2 1  GLU A 86  ? GLU A 90  . ? 1_555  ? 
48 BC3 4  HIS A 132 ? HIS A 136 . ? 1_555  ? 
49 BC3 4  ASP A 135 ? ASP A 139 . ? 5_555  ? 
50 BC3 4  CD  F .   ? CD  A 203 . ? 1_555  ? 
51 BC3 4  HOH O .   ? HOH A 384 . ? 5_555  ? 
52 BC4 2  HIS A 49  ? HIS A 53  . ? 1_555  ? 
53 BC4 2  GLU A 53  ? GLU A 57  . ? 1_555  ? 
# 
_atom_sites.entry_id                    2FG4 
_atom_sites.fract_transf_matrix[1][1]   0.00431172 
_atom_sites.fract_transf_matrix[1][2]   -0.00444233 
_atom_sites.fract_transf_matrix[1][3]   -0.00211484 
_atom_sites.fract_transf_matrix[2][1]   -0.00352062 
_atom_sites.fract_transf_matrix[2][2]   -0.00082143 
_atom_sites.fract_transf_matrix[2][3]   -0.00545236 
_atom_sites.fract_transf_matrix[3][1]   0.00343687 
_atom_sites.fract_transf_matrix[3][2]   0.00473168 
_atom_sites.fract_transf_matrix[3][3]   -0.00293206 
_atom_sites.fract_transf_vector[1]      0.066661 
_atom_sites.fract_transf_vector[2]      0.261196 
_atom_sites.fract_transf_vector[3]      0.191190 
# 
loop_
_atom_type.symbol 
C  
CD 
N  
O  
S  
# 
loop_
_atom_site.group_PDB 
_atom_site.id 
_atom_site.type_symbol 
_atom_site.label_atom_id 
_atom_site.label_alt_id 
_atom_site.label_comp_id 
_atom_site.label_asym_id 
_atom_site.label_entity_id 
_atom_site.label_seq_id 
_atom_site.pdbx_PDB_ins_code 
_atom_site.Cartn_x 
_atom_site.Cartn_y 
_atom_site.Cartn_z 
_atom_site.occupancy 
_atom_site.B_iso_or_equiv 
_atom_site.pdbx_formal_charge 
_atom_site.auth_seq_id 
_atom_site.auth_comp_id 
_atom_site.auth_asym_id 
_atom_site.auth_atom_id 
_atom_site.pdbx_PDB_model_num 
ATOM   1    N  N   . SER A 1 1   ? 23.648  13.195  3.618   1.00 41.53  ? 5   SER A N   1 
ATOM   2    C  CA  . SER A 1 1   ? 24.619  14.020  2.849   1.00 40.48  ? 5   SER A CA  1 
ATOM   3    C  C   . SER A 1 1   ? 25.788  13.154  2.429   1.00 40.00  ? 5   SER A C   1 
ATOM   4    O  O   . SER A 1 1   ? 25.825  11.956  2.708   1.00 39.83  ? 5   SER A O   1 
ATOM   5    C  CB  . SER A 1 1   ? 25.146  15.184  3.699   1.00 40.75  ? 5   SER A CB  1 
ATOM   6    O  OG  . SER A 1 1   ? 26.130  14.742  4.625   1.00 38.90  ? 5   SER A OG  1 
ATOM   7    N  N   . SER A 1 2   ? 26.751  13.785  1.772   1.00 38.67  ? 6   SER A N   1 
ATOM   8    C  CA  . SER A 1 2   ? 27.936  13.106  1.287   1.00 37.98  ? 6   SER A CA  1 
ATOM   9    C  C   . SER A 1 2   ? 28.825  12.505  2.373   1.00 35.48  ? 6   SER A C   1 
ATOM   10   O  O   . SER A 1 2   ? 29.483  11.492  2.137   1.00 35.98  ? 6   SER A O   1 
ATOM   11   C  CB  . SER A 1 2   ? 28.765  14.078  0.442   1.00 39.25  ? 6   SER A CB  1 
ATOM   12   O  OG  . SER A 1 2   ? 30.037  13.529  0.145   1.00 42.81  ? 6   SER A OG  1 
ATOM   13   N  N   . GLN A 1 3   ? 28.841  13.109  3.560   1.00 32.37  ? 7   GLN A N   1 
ATOM   14   C  CA  . GLN A 1 3   ? 29.712  12.616  4.628   1.00 29.10  ? 7   GLN A CA  1 
ATOM   15   C  C   . GLN A 1 3   ? 29.459  11.177  5.085   1.00 26.29  ? 7   GLN A C   1 
ATOM   16   O  O   . GLN A 1 3   ? 30.391  10.492  5.498   1.00 26.02  ? 7   GLN A O   1 
ATOM   17   C  CB  . GLN A 1 3   ? 29.678  13.569  5.838   1.00 30.77  ? 7   GLN A CB  1 
ATOM   18   C  CG  . GLN A 1 3   ? 28.596  13.295  6.872   1.00 32.53  ? 7   GLN A CG  1 
ATOM   19   C  CD  . GLN A 1 3   ? 28.633  14.281  8.039   1.00 34.89  ? 7   GLN A CD  1 
ATOM   20   O  OE1 . GLN A 1 3   ? 29.706  14.647  8.528   1.00 35.05  ? 7   GLN A OE1 1 
ATOM   21   N  NE2 . GLN A 1 3   ? 27.455  14.703  8.498   1.00 32.92  ? 7   GLN A NE2 1 
ATOM   22   N  N   . ILE A 1 4   ? 28.222  10.700  5.001   1.00 22.73  ? 8   ILE A N   1 
ATOM   23   C  CA  . ILE A 1 4   ? 27.938  9.332   5.438   1.00 22.32  ? 8   ILE A CA  1 
ATOM   24   C  C   . ILE A 1 4   ? 27.583  8.381   4.300   1.00 21.38  ? 8   ILE A C   1 
ATOM   25   O  O   . ILE A 1 4   ? 27.535  7.167   4.492   1.00 22.34  ? 8   ILE A O   1 
ATOM   26   C  CB  . ILE A 1 4   ? 26.760  9.283   6.444   1.00 21.92  ? 8   ILE A CB  1 
ATOM   27   C  CG1 . ILE A 1 4   ? 25.445  9.598   5.715   1.00 21.03  ? 8   ILE A CG1 1 
ATOM   28   C  CG2 . ILE A 1 4   ? 27.000  10.269  7.578   1.00 19.92  ? 8   ILE A CG2 1 
ATOM   29   C  CD1 . ILE A 1 4   ? 24.200  9.329   6.539   1.00 20.97  ? 8   ILE A CD1 1 
ATOM   30   N  N   . ARG A 1 5   ? 27.327  8.934   3.123   1.00 20.83  ? 9   ARG A N   1 
ATOM   31   C  CA  . ARG A 1 5   ? 26.927  8.137   1.969   1.00 21.36  ? 9   ARG A CA  1 
ATOM   32   C  C   . ARG A 1 5   ? 27.980  7.142   1.501   1.00 20.66  ? 9   ARG A C   1 
ATOM   33   O  O   . ARG A 1 5   ? 29.123  7.503   1.240   1.00 19.90  ? 9   ARG A O   1 
ATOM   34   C  CB  . ARG A 1 5   ? 26.544  9.061   0.818   1.00 21.74  ? 9   ARG A CB  1 
ATOM   35   C  CG  . ARG A 1 5   ? 25.923  8.350   -0.365  1.00 24.16  ? 9   ARG A CG  1 
ATOM   36   C  CD  . ARG A 1 5   ? 25.350  9.366   -1.335  1.00 24.02  ? 9   ARG A CD  1 
ATOM   37   N  NE  . ARG A 1 5   ? 24.553  8.728   -2.374  1.00 24.03  ? 9   ARG A NE  1 
ATOM   38   C  CZ  . ARG A 1 5   ? 23.500  9.296   -2.947  1.00 23.53  ? 9   ARG A CZ  1 
ATOM   39   N  NH1 . ARG A 1 5   ? 23.124  10.513  -2.576  1.00 21.60  ? 9   ARG A NH1 1 
ATOM   40   N  NH2 . ARG A 1 5   ? 22.828  8.646   -3.886  1.00 22.27  ? 9   ARG A NH2 1 
ATOM   41   N  N   . GLN A 1 6   ? 27.581  5.883   1.388   1.00 19.97  ? 10  GLN A N   1 
ATOM   42   C  CA  . GLN A 1 6   ? 28.497  4.837   0.955   1.00 19.90  ? 10  GLN A CA  1 
ATOM   43   C  C   . GLN A 1 6   ? 27.726  3.721   0.252   1.00 19.02  ? 10  GLN A C   1 
ATOM   44   O  O   . GLN A 1 6   ? 26.794  3.135   0.818   1.00 18.49  ? 10  GLN A O   1 
ATOM   45   C  CB  . GLN A 1 6   ? 29.268  4.294   2.168   1.00 20.09  ? 10  GLN A CB  1 
ATOM   46   C  CG  . GLN A 1 6   ? 30.289  3.204   1.862   1.00 19.25  ? 10  GLN A CG  1 
ATOM   47   C  CD  . GLN A 1 6   ? 31.114  2.823   3.086   1.00 21.02  ? 10  GLN A CD  1 
ATOM   48   O  OE1 . GLN A 1 6   ? 30.597  2.770   4.202   1.00 21.99  ? 10  GLN A OE1 1 
ATOM   49   N  NE2 . GLN A 1 6   ? 32.396  2.545   2.879   1.00 18.20  ? 10  GLN A NE2 1 
ATOM   50   N  N   . ASN A 1 7   ? 28.114  3.454   -0.993  1.00 17.08  ? 11  ASN A N   1 
ATOM   51   C  CA  . ASN A 1 7   ? 27.495  2.423   -1.821  1.00 17.13  ? 11  ASN A CA  1 
ATOM   52   C  C   . ASN A 1 7   ? 25.995  2.647   -2.014  1.00 17.50  ? 11  ASN A C   1 
ATOM   53   O  O   . ASN A 1 7   ? 25.213  1.696   -2.087  1.00 17.39  ? 11  ASN A O   1 
ATOM   54   C  CB  . ASN A 1 7   ? 27.746  1.036   -1.217  1.00 17.71  ? 11  ASN A CB  1 
ATOM   55   C  CG  . ASN A 1 7   ? 27.451  -0.089  -2.200  1.00 20.73  ? 11  ASN A CG  1 
ATOM   56   O  OD1 . ASN A 1 7   ? 27.827  -0.013  -3.370  1.00 21.12  ? 11  ASN A OD1 1 
ATOM   57   N  ND2 . ASN A 1 7   ? 26.785  -1.140  -1.728  1.00 21.29  ? 11  ASN A ND2 1 
ATOM   58   N  N   . TYR A 1 8   ? 25.599  3.913   -2.105  1.00 18.16  ? 12  TYR A N   1 
ATOM   59   C  CA  . TYR A 1 8   ? 24.196  4.259   -2.294  1.00 18.50  ? 12  TYR A CA  1 
ATOM   60   C  C   . TYR A 1 8   ? 24.052  5.032   -3.600  1.00 18.57  ? 12  TYR A C   1 
ATOM   61   O  O   . TYR A 1 8   ? 24.307  6.235   -3.659  1.00 18.73  ? 12  TYR A O   1 
ATOM   62   C  CB  . TYR A 1 8   ? 23.699  5.095   -1.110  1.00 16.88  ? 12  TYR A CB  1 
ATOM   63   C  CG  . TYR A 1 8   ? 22.189  5.220   -1.035  1.00 18.74  ? 12  TYR A CG  1 
ATOM   64   C  CD1 . TYR A 1 8   ? 21.377  4.083   -1.004  1.00 18.01  ? 12  TYR A CD1 1 
ATOM   65   C  CD2 . TYR A 1 8   ? 21.574  6.471   -0.984  1.00 15.13  ? 12  TYR A CD2 1 
ATOM   66   C  CE1 . TYR A 1 8   ? 19.989  4.191   -0.924  1.00 16.96  ? 12  TYR A CE1 1 
ATOM   67   C  CE2 . TYR A 1 8   ? 20.193  6.591   -0.903  1.00 16.66  ? 12  TYR A CE2 1 
ATOM   68   C  CZ  . TYR A 1 8   ? 19.404  5.450   -0.873  1.00 17.61  ? 12  TYR A CZ  1 
ATOM   69   O  OH  . TYR A 1 8   ? 18.033  5.571   -0.787  1.00 19.31  ? 12  TYR A OH  1 
ATOM   70   N  N   A SER A 1 9   ? 23.657  4.324   -4.653  0.50 19.08  ? 13  SER A N   1 
ATOM   71   N  N   B SER A 1 9   ? 23.636  4.320   -4.642  0.50 18.98  ? 13  SER A N   1 
ATOM   72   C  CA  A SER A 1 9   ? 23.508  4.917   -5.978  0.50 19.57  ? 13  SER A CA  1 
ATOM   73   C  CA  B SER A 1 9   ? 23.458  4.885   -5.977  0.50 19.45  ? 13  SER A CA  1 
ATOM   74   C  C   A SER A 1 9   ? 22.416  5.977   -6.069  0.50 19.54  ? 13  SER A C   1 
ATOM   75   C  C   B SER A 1 9   ? 22.389  5.969   -6.080  0.50 19.44  ? 13  SER A C   1 
ATOM   76   O  O   A SER A 1 9   ? 21.409  5.919   -5.359  0.50 18.70  ? 13  SER A O   1 
ATOM   77   O  O   B SER A 1 9   ? 21.370  5.923   -5.386  0.50 18.51  ? 13  SER A O   1 
ATOM   78   C  CB  A SER A 1 9   ? 23.238  3.822   -7.011  0.50 19.03  ? 13  SER A CB  1 
ATOM   79   C  CB  B SER A 1 9   ? 23.127  3.762   -6.960  0.50 18.77  ? 13  SER A CB  1 
ATOM   80   O  OG  A SER A 1 9   ? 21.991  3.197   -6.775  0.50 20.72  ? 13  SER A OG  1 
ATOM   81   O  OG  B SER A 1 9   ? 22.583  4.283   -8.159  0.50 20.17  ? 13  SER A OG  1 
ATOM   82   N  N   . THR A 1 10  ? 22.623  6.940   -6.959  1.00 19.47  ? 14  THR A N   1 
ATOM   83   C  CA  . THR A 1 10  ? 21.665  8.019   -7.161  1.00 20.16  ? 14  THR A CA  1 
ATOM   84   C  C   . THR A 1 10  ? 20.384  7.465   -7.779  1.00 19.60  ? 14  THR A C   1 
ATOM   85   O  O   . THR A 1 10  ? 19.318  8.056   -7.633  1.00 21.92  ? 14  THR A O   1 
ATOM   86   C  CB  . THR A 1 10  ? 22.238  9.127   -8.079  1.00 21.40  ? 14  THR A CB  1 
ATOM   87   O  OG1 . THR A 1 10  ? 22.781  8.534   -9.264  1.00 24.86  ? 14  THR A OG1 1 
ATOM   88   C  CG2 . THR A 1 10  ? 23.331  9.903   -7.366  1.00 22.89  ? 14  THR A CG2 1 
ATOM   89   N  N   . ASP A 1 11  ? 20.495  6.326   -8.461  1.00 18.13  ? 15  ASP A N   1 
ATOM   90   C  CA  . ASP A 1 11  ? 19.342  5.685   -9.087  1.00 17.83  ? 15  ASP A CA  1 
ATOM   91   C  C   . ASP A 1 11  ? 18.393  5.128   -8.036  1.00 17.57  ? 15  ASP A C   1 
ATOM   92   O  O   . ASP A 1 11  ? 17.177  5.235   -8.170  1.00 17.08  ? 15  ASP A O   1 
ATOM   93   C  CB  . ASP A 1 11  ? 19.789  4.536   -9.988  1.00 19.50  ? 15  ASP A CB  1 
ATOM   94   C  CG  . ASP A 1 11  ? 20.543  5.010   -11.199 1.00 19.35  ? 15  ASP A CG  1 
ATOM   95   O  OD1 . ASP A 1 11  ? 21.206  4.166   -11.839 1.00 19.15  ? 15  ASP A OD1 1 
ATOM   96   O  OD2 . ASP A 1 11  ? 20.460  6.219   -11.506 1.00 17.07  ? 15  ASP A OD2 1 
ATOM   97   N  N   . VAL A 1 12  ? 18.956  4.491   -7.015  1.00 15.79  ? 16  VAL A N   1 
ATOM   98   C  CA  . VAL A 1 12  ? 18.146  3.934   -5.942  1.00 16.07  ? 16  VAL A CA  1 
ATOM   99   C  C   . VAL A 1 12  ? 17.512  5.080   -5.163  1.00 14.81  ? 16  VAL A C   1 
ATOM   100  O  O   . VAL A 1 12  ? 16.328  5.045   -4.856  1.00 16.64  ? 16  VAL A O   1 
ATOM   101  C  CB  . VAL A 1 12  ? 19.003  3.063   -4.998  1.00 16.07  ? 16  VAL A CB  1 
ATOM   102  C  CG1 . VAL A 1 12  ? 18.217  2.701   -3.743  1.00 15.38  ? 16  VAL A CG1 1 
ATOM   103  C  CG2 . VAL A 1 12  ? 19.432  1.796   -5.731  1.00 17.49  ? 16  VAL A CG2 1 
ATOM   104  N  N   . GLU A 1 13  ? 18.310  6.101   -4.866  1.00 15.34  ? 17  GLU A N   1 
ATOM   105  C  CA  . GLU A 1 13  ? 17.839  7.269   -4.133  1.00 14.60  ? 17  GLU A CA  1 
ATOM   106  C  C   . GLU A 1 13  ? 16.589  7.832   -4.800  1.00 16.80  ? 17  GLU A C   1 
ATOM   107  O  O   . GLU A 1 13  ? 15.568  8.078   -4.140  1.00 14.78  ? 17  GLU A O   1 
ATOM   108  C  CB  . GLU A 1 13  ? 18.929  8.344   -4.103  1.00 14.89  ? 17  GLU A CB  1 
ATOM   109  C  CG  . GLU A 1 13  ? 18.530  9.632   -3.379  1.00 15.20  ? 17  GLU A CG  1 
ATOM   110  C  CD  . GLU A 1 13  ? 19.649  10.661  -3.370  1.00 18.31  ? 17  GLU A CD  1 
ATOM   111  O  OE1 . GLU A 1 13  ? 19.518  11.682  -2.668  1.00 20.02  ? 17  GLU A OE1 1 
ATOM   112  O  OE2 . GLU A 1 13  ? 20.664  10.454  -4.072  1.00 20.76  ? 17  GLU A OE2 1 
ATOM   113  N  N   . ALA A 1 14  ? 16.677  8.027   -6.116  1.00 15.90  ? 18  ALA A N   1 
ATOM   114  C  CA  . ALA A 1 14  ? 15.566  8.563   -6.886  1.00 17.09  ? 18  ALA A CA  1 
ATOM   115  C  C   . ALA A 1 14  ? 14.382  7.602   -6.866  1.00 17.46  ? 18  ALA A C   1 
ATOM   116  O  O   . ALA A 1 14  ? 13.235  8.025   -6.743  1.00 17.24  ? 18  ALA A O   1 
ATOM   117  C  CB  . ALA A 1 14  ? 16.007  8.830   -8.335  1.00 16.94  ? 18  ALA A CB  1 
ATOM   118  N  N   . ALA A 1 15  ? 14.661  6.307   -6.983  1.00 18.02  ? 19  ALA A N   1 
ATOM   119  C  CA  . ALA A 1 15  ? 13.598  5.309   -6.987  1.00 18.13  ? 19  ALA A CA  1 
ATOM   120  C  C   . ALA A 1 15  ? 12.918  5.229   -5.621  1.00 18.81  ? 19  ALA A C   1 
ATOM   121  O  O   . ALA A 1 15  ? 11.708  4.997   -5.528  1.00 18.60  ? 19  ALA A O   1 
ATOM   122  C  CB  . ALA A 1 15  ? 14.158  3.944   -7.389  1.00 15.97  ? 19  ALA A CB  1 
ATOM   123  N  N   . VAL A 1 16  ? 13.692  5.414   -4.557  1.00 18.35  ? 20  VAL A N   1 
ATOM   124  C  CA  . VAL A 1 16  ? 13.117  5.389   -3.219  1.00 17.68  ? 20  VAL A CA  1 
ATOM   125  C  C   . VAL A 1 16  ? 12.162  6.581   -3.080  1.00 17.71  ? 20  VAL A C   1 
ATOM   126  O  O   . VAL A 1 16  ? 11.068  6.443   -2.529  1.00 16.10  ? 20  VAL A O   1 
ATOM   127  C  CB  . VAL A 1 16  ? 14.217  5.445   -2.127  1.00 18.88  ? 20  VAL A CB  1 
ATOM   128  C  CG1 . VAL A 1 16  ? 13.598  5.728   -0.760  1.00 17.85  ? 20  VAL A CG1 1 
ATOM   129  C  CG2 . VAL A 1 16  ? 14.970  4.114   -2.092  1.00 15.74  ? 20  VAL A CG2 1 
ATOM   130  N  N   . ASN A 1 17  ? 12.559  7.745   -3.598  1.00 16.46  ? 21  ASN A N   1 
ATOM   131  C  CA  . ASN A 1 17  ? 11.687  8.912   -3.519  1.00 16.94  ? 21  ASN A CA  1 
ATOM   132  C  C   . ASN A 1 17  ? 10.392  8.664   -4.291  1.00 17.00  ? 21  ASN A C   1 
ATOM   133  O  O   . ASN A 1 17  ? 9.317   9.099   -3.876  1.00 17.55  ? 21  ASN A O   1 
ATOM   134  C  CB  . ASN A 1 17  ? 12.383  10.168  -4.055  1.00 17.45  ? 21  ASN A CB  1 
ATOM   135  C  CG  . ASN A 1 17  ? 13.299  10.806  -3.025  1.00 19.04  ? 21  ASN A CG  1 
ATOM   136  O  OD1 . ASN A 1 17  ? 13.015  10.771  -1.828  1.00 21.00  ? 21  ASN A OD1 1 
ATOM   137  N  ND2 . ASN A 1 17  ? 14.393  11.402  -3.485  1.00 18.31  ? 21  ASN A ND2 1 
ATOM   138  N  N   A SER A 1 18  ? 10.505  7.949   -5.406  0.50 16.42  ? 22  SER A N   1 
ATOM   139  N  N   B SER A 1 18  ? 10.487  7.959   -5.414  0.50 16.03  ? 22  SER A N   1 
ATOM   140  C  CA  A SER A 1 18  ? 9.346   7.621   -6.225  0.50 16.18  ? 22  SER A CA  1 
ATOM   141  C  CA  B SER A 1 18  ? 9.295   7.658   -6.199  0.50 15.38  ? 22  SER A CA  1 
ATOM   142  C  C   A SER A 1 18  ? 8.414   6.694   -5.447  0.50 15.72  ? 22  SER A C   1 
ATOM   143  C  C   B SER A 1 18  ? 8.394   6.697   -5.427  0.50 15.28  ? 22  SER A C   1 
ATOM   144  O  O   A SER A 1 18  ? 7.194   6.872   -5.451  0.50 14.98  ? 22  SER A O   1 
ATOM   145  O  O   B SER A 1 18  ? 7.172   6.853   -5.419  0.50 14.53  ? 22  SER A O   1 
ATOM   146  C  CB  A SER A 1 18  ? 9.795   6.931   -7.514  0.50 16.21  ? 22  SER A CB  1 
ATOM   147  C  CB  B SER A 1 18  ? 9.680   7.047   -7.546  0.50 14.94  ? 22  SER A CB  1 
ATOM   148  O  OG  A SER A 1 18  ? 8.680   6.518   -8.282  0.50 16.18  ? 22  SER A OG  1 
ATOM   149  O  OG  B SER A 1 18  ? 10.302  8.017   -8.369  0.50 12.49  ? 22  SER A OG  1 
ATOM   150  N  N   . LEU A 1 19  ? 9.001   5.706   -4.778  1.00 14.53  ? 23  LEU A N   1 
ATOM   151  C  CA  . LEU A 1 19  ? 8.238   4.745   -3.991  1.00 15.18  ? 23  LEU A CA  1 
ATOM   152  C  C   . LEU A 1 19  ? 7.525   5.453   -2.833  1.00 14.57  ? 23  LEU A C   1 
ATOM   153  O  O   . LEU A 1 19  ? 6.391   5.124   -2.499  1.00 14.39  ? 23  LEU A O   1 
ATOM   154  C  CB  . LEU A 1 19  ? 9.165   3.647   -3.452  1.00 17.49  ? 23  LEU A CB  1 
ATOM   155  C  CG  . LEU A 1 19  ? 8.506   2.498   -2.683  1.00 19.77  ? 23  LEU A CG  1 
ATOM   156  C  CD1 . LEU A 1 19  ? 7.523   1.756   -3.585  1.00 20.30  ? 23  LEU A CD1 1 
ATOM   157  C  CD2 . LEU A 1 19  ? 9.581   1.547   -2.175  1.00 21.03  ? 23  LEU A CD2 1 
ATOM   158  N  N   . VAL A 1 20  ? 8.186   6.432   -2.223  1.00 14.34  ? 24  VAL A N   1 
ATOM   159  C  CA  . VAL A 1 20  ? 7.568   7.176   -1.131  1.00 12.96  ? 24  VAL A CA  1 
ATOM   160  C  C   . VAL A 1 20  ? 6.273   7.834   -1.620  1.00 15.26  ? 24  VAL A C   1 
ATOM   161  O  O   . VAL A 1 20  ? 5.255   7.794   -0.927  1.00 13.94  ? 24  VAL A O   1 
ATOM   162  C  CB  . VAL A 1 20  ? 8.515   8.269   -0.583  1.00 13.99  ? 24  VAL A CB  1 
ATOM   163  C  CG1 . VAL A 1 20  ? 7.731   9.253   0.292   1.00 12.05  ? 24  VAL A CG1 1 
ATOM   164  C  CG2 . VAL A 1 20  ? 9.645   7.620   0.239   1.00 12.22  ? 24  VAL A CG2 1 
ATOM   165  N  N   . ASN A 1 21  ? 6.308   8.426   -2.817  1.00 14.64  ? 25  ASN A N   1 
ATOM   166  C  CA  . ASN A 1 21  ? 5.122   9.084   -3.365  1.00 15.57  ? 25  ASN A CA  1 
ATOM   167  C  C   . ASN A 1 21  ? 4.013   8.068   -3.633  1.00 16.46  ? 25  ASN A C   1 
ATOM   168  O  O   . ASN A 1 21  ? 2.832   8.366   -3.454  1.00 17.22  ? 25  ASN A O   1 
ATOM   169  C  CB  . ASN A 1 21  ? 5.466   9.843   -4.655  1.00 14.89  ? 25  ASN A CB  1 
ATOM   170  C  CG  . ASN A 1 21  ? 4.278   10.624  -5.209  1.00 16.85  ? 25  ASN A CG  1 
ATOM   171  O  OD1 . ASN A 1 21  ? 3.494   10.104  -6.000  1.00 15.74  ? 25  ASN A OD1 1 
ATOM   172  N  ND2 . ASN A 1 21  ? 4.136   11.877  -4.779  1.00 16.87  ? 25  ASN A ND2 1 
ATOM   173  N  N   . LEU A 1 22  ? 4.396   6.865   -4.049  1.00 16.54  ? 26  LEU A N   1 
ATOM   174  C  CA  . LEU A 1 22  ? 3.425   5.814   -4.322  1.00 17.03  ? 26  LEU A CA  1 
ATOM   175  C  C   . LEU A 1 22  ? 2.731   5.389   -3.020  1.00 16.69  ? 26  LEU A C   1 
ATOM   176  O  O   . LEU A 1 22  ? 1.522   5.141   -3.006  1.00 16.09  ? 26  LEU A O   1 
ATOM   177  C  CB  . LEU A 1 22  ? 4.121   4.615   -4.969  1.00 20.11  ? 26  LEU A CB  1 
ATOM   178  C  CG  . LEU A 1 22  ? 3.229   3.601   -5.681  1.00 23.27  ? 26  LEU A CG  1 
ATOM   179  C  CD1 . LEU A 1 22  ? 2.425   4.305   -6.769  1.00 25.88  ? 26  LEU A CD1 1 
ATOM   180  C  CD2 . LEU A 1 22  ? 4.093   2.496   -6.285  1.00 25.28  ? 26  LEU A CD2 1 
ATOM   181  N  N   . TYR A 1 23  ? 3.491   5.305   -1.930  1.00 14.54  ? 27  TYR A N   1 
ATOM   182  C  CA  . TYR A 1 23  ? 2.904   4.937   -0.643  1.00 15.96  ? 27  TYR A CA  1 
ATOM   183  C  C   . TYR A 1 23  ? 2.028   6.064   -0.094  1.00 15.44  ? 27  TYR A C   1 
ATOM   184  O  O   . TYR A 1 23  ? 1.019   5.807   0.560   1.00 15.65  ? 27  TYR A O   1 
ATOM   185  C  CB  . TYR A 1 23  ? 3.987   4.582   0.384   1.00 14.85  ? 27  TYR A CB  1 
ATOM   186  C  CG  . TYR A 1 23  ? 4.319   3.107   0.407   1.00 16.69  ? 27  TYR A CG  1 
ATOM   187  C  CD1 . TYR A 1 23  ? 5.055   2.523   -0.625  1.00 16.91  ? 27  TYR A CD1 1 
ATOM   188  C  CD2 . TYR A 1 23  ? 3.849   2.282   1.433   1.00 16.43  ? 27  TYR A CD2 1 
ATOM   189  C  CE1 . TYR A 1 23  ? 5.309   1.152   -0.645  1.00 19.08  ? 27  TYR A CE1 1 
ATOM   190  C  CE2 . TYR A 1 23  ? 4.100   0.907   1.426   1.00 17.56  ? 27  TYR A CE2 1 
ATOM   191  C  CZ  . TYR A 1 23  ? 4.829   0.351   0.379   1.00 19.67  ? 27  TYR A CZ  1 
ATOM   192  O  OH  . TYR A 1 23  ? 5.063   -1.002  0.341   1.00 21.45  ? 27  TYR A OH  1 
ATOM   193  N  N   . LEU A 1 24  ? 2.418   7.309   -0.348  1.00 15.58  ? 28  LEU A N   1 
ATOM   194  C  CA  . LEU A 1 24  ? 1.620   8.442   0.107   1.00 15.60  ? 28  LEU A CA  1 
ATOM   195  C  C   . LEU A 1 24  ? 0.274   8.369   -0.606  1.00 16.31  ? 28  LEU A C   1 
ATOM   196  O  O   . LEU A 1 24  ? -0.778  8.578   0.000   1.00 15.46  ? 28  LEU A O   1 
ATOM   197  C  CB  . LEU A 1 24  ? 2.316   9.762   -0.229  1.00 14.38  ? 28  LEU A CB  1 
ATOM   198  C  CG  . LEU A 1 24  ? 3.422   10.204  0.733   1.00 14.90  ? 28  LEU A CG  1 
ATOM   199  C  CD1 . LEU A 1 24  ? 4.307   11.252  0.067   1.00 13.05  ? 28  LEU A CD1 1 
ATOM   200  C  CD2 . LEU A 1 24  ? 2.788   10.752  2.016   1.00 13.46  ? 28  LEU A CD2 1 
ATOM   201  N  N   A GLN A 1 25  ? 0.314   8.049   -1.895  0.50 16.12  ? 29  GLN A N   1 
ATOM   202  N  N   B GLN A 1 25  ? 0.322   8.051   -1.897  0.50 16.12  ? 29  GLN A N   1 
ATOM   203  C  CA  A GLN A 1 25  ? -0.903  7.952   -2.689  0.50 16.96  ? 29  GLN A CA  1 
ATOM   204  C  CA  B GLN A 1 25  ? -0.883  7.940   -2.711  0.50 16.98  ? 29  GLN A CA  1 
ATOM   205  C  C   A GLN A 1 25  ? -1.772  6.769   -2.249  0.50 15.94  ? 29  GLN A C   1 
ATOM   206  C  C   B GLN A 1 25  ? -1.765  6.767   -2.269  0.50 15.96  ? 29  GLN A C   1 
ATOM   207  O  O   A GLN A 1 25  ? -2.999  6.869   -2.238  0.50 15.87  ? 29  GLN A O   1 
ATOM   208  O  O   B GLN A 1 25  ? -2.990  6.871   -2.274  0.50 15.89  ? 29  GLN A O   1 
ATOM   209  C  CB  A GLN A 1 25  ? -0.546  7.829   -4.174  0.50 17.90  ? 29  GLN A CB  1 
ATOM   210  C  CB  B GLN A 1 25  ? -0.503  7.792   -4.193  0.50 17.87  ? 29  GLN A CB  1 
ATOM   211  C  CG  A GLN A 1 25  ? -1.589  8.414   -5.112  0.50 19.87  ? 29  GLN A CG  1 
ATOM   212  C  CG  B GLN A 1 25  ? -1.684  7.862   -5.147  0.50 19.84  ? 29  GLN A CG  1 
ATOM   213  C  CD  A GLN A 1 25  ? -2.747  7.472   -5.386  0.50 21.04  ? 29  GLN A CD  1 
ATOM   214  C  CD  B GLN A 1 25  ? -1.277  8.045   -6.609  0.50 21.00  ? 29  GLN A CD  1 
ATOM   215  O  OE1 A GLN A 1 25  ? -3.755  7.866   -5.974  0.50 21.96  ? 29  GLN A OE1 1 
ATOM   216  O  OE1 B GLN A 1 25  ? -2.133  8.186   -7.482  0.50 21.52  ? 29  GLN A OE1 1 
ATOM   217  N  NE2 A GLN A 1 25  ? -2.601  6.217   -4.975  0.50 20.65  ? 29  GLN A NE2 1 
ATOM   218  N  NE2 B GLN A 1 25  ? 0.027   8.047   -6.875  0.50 19.63  ? 29  GLN A NE2 1 
ATOM   219  N  N   . ALA A 1 26  ? -1.144  5.652   -1.886  1.00 15.52  ? 30  ALA A N   1 
ATOM   220  C  CA  . ALA A 1 26  ? -1.904  4.483   -1.440  1.00 14.45  ? 30  ALA A CA  1 
ATOM   221  C  C   . ALA A 1 26  ? -2.620  4.823   -0.131  1.00 14.28  ? 30  ALA A C   1 
ATOM   222  O  O   . ALA A 1 26  ? -3.805  4.533   0.041   1.00 12.38  ? 30  ALA A O   1 
ATOM   223  C  CB  . ALA A 1 26  ? -0.973  3.287   -1.236  1.00 14.21  ? 30  ALA A CB  1 
ATOM   224  N  N   . SER A 1 27  ? -1.887  5.445   0.785   1.00 14.50  ? 31  SER A N   1 
ATOM   225  C  CA  . SER A 1 27  ? -2.448  5.841   2.066   1.00 16.66  ? 31  SER A CA  1 
ATOM   226  C  C   . SER A 1 27  ? -3.645  6.766   1.847   1.00 16.35  ? 31  SER A C   1 
ATOM   227  O  O   . SER A 1 27  ? -4.673  6.632   2.512   1.00 15.89  ? 31  SER A O   1 
ATOM   228  C  CB  . SER A 1 27  ? -1.395  6.566   2.903   1.00 17.52  ? 31  SER A CB  1 
ATOM   229  O  OG  . SER A 1 27  ? -1.881  6.812   4.207   1.00 21.97  ? 31  SER A OG  1 
ATOM   230  N  N   . TYR A 1 28  ? -3.500  7.697   0.905   1.00 15.27  ? 32  TYR A N   1 
ATOM   231  C  CA  . TYR A 1 28  ? -4.550  8.662   0.582   1.00 14.98  ? 32  TYR A CA  1 
ATOM   232  C  C   . TYR A 1 28  ? -5.780  7.932   0.050   1.00 14.71  ? 32  TYR A C   1 
ATOM   233  O  O   . TYR A 1 28  ? -6.918  8.265   0.393   1.00 14.44  ? 32  TYR A O   1 
ATOM   234  C  CB  . TYR A 1 28  ? -4.020  9.664   -0.456  1.00 15.91  ? 32  TYR A CB  1 
ATOM   235  C  CG  . TYR A 1 28  ? -4.863  10.911  -0.667  1.00 16.00  ? 32  TYR A CG  1 
ATOM   236  C  CD1 . TYR A 1 28  ? -5.755  11.358  0.312   1.00 17.73  ? 32  TYR A CD1 1 
ATOM   237  C  CD2 . TYR A 1 28  ? -4.714  11.683  -1.821  1.00 16.67  ? 32  TYR A CD2 1 
ATOM   238  C  CE1 . TYR A 1 28  ? -6.474  12.547  0.148   1.00 16.97  ? 32  TYR A CE1 1 
ATOM   239  C  CE2 . TYR A 1 28  ? -5.422  12.872  -1.994  1.00 17.24  ? 32  TYR A CE2 1 
ATOM   240  C  CZ  . TYR A 1 28  ? -6.298  13.299  -1.006  1.00 17.69  ? 32  TYR A CZ  1 
ATOM   241  O  OH  . TYR A 1 28  ? -6.972  14.490  -1.166  1.00 15.19  ? 32  TYR A OH  1 
ATOM   242  N  N   . THR A 1 29  ? -5.542  6.926   -0.785  1.00 14.71  ? 33  THR A N   1 
ATOM   243  C  CA  . THR A 1 29  ? -6.622  6.128   -1.349  1.00 14.91  ? 33  THR A CA  1 
ATOM   244  C  C   . THR A 1 29  ? -7.392  5.370   -0.269  1.00 14.63  ? 33  THR A C   1 
ATOM   245  O  O   . THR A 1 29  ? -8.622  5.315   -0.303  1.00 14.55  ? 33  THR A O   1 
ATOM   246  C  CB  . THR A 1 29  ? -6.079  5.126   -2.382  1.00 15.25  ? 33  THR A CB  1 
ATOM   247  O  OG1 . THR A 1 29  ? -5.609  5.849   -3.523  1.00 17.12  ? 33  THR A OG1 1 
ATOM   248  C  CG2 . THR A 1 29  ? -7.168  4.151   -2.819  1.00 15.35  ? 33  THR A CG2 1 
ATOM   249  N  N   . TYR A 1 30  ? -6.675  4.782   0.686   1.00 14.30  ? 34  TYR A N   1 
ATOM   250  C  CA  . TYR A 1 30  ? -7.340  4.053   1.759   1.00 15.16  ? 34  TYR A CA  1 
ATOM   251  C  C   . TYR A 1 30  ? -8.104  4.993   2.683   1.00 15.12  ? 34  TYR A C   1 
ATOM   252  O  O   . TYR A 1 30  ? -9.113  4.599   3.265   1.00 16.57  ? 34  TYR A O   1 
ATOM   253  C  CB  . TYR A 1 30  ? -6.337  3.213   2.556   1.00 16.09  ? 34  TYR A CB  1 
ATOM   254  C  CG  . TYR A 1 30  ? -5.929  1.956   1.823   1.00 18.67  ? 34  TYR A CG  1 
ATOM   255  C  CD1 . TYR A 1 30  ? -6.897  1.101   1.289   1.00 18.38  ? 34  TYR A CD1 1 
ATOM   256  C  CD2 . TYR A 1 30  ? -4.585  1.626   1.641   1.00 17.51  ? 34  TYR A CD2 1 
ATOM   257  C  CE1 . TYR A 1 30  ? -6.540  -0.046  0.592   1.00 20.87  ? 34  TYR A CE1 1 
ATOM   258  C  CE2 . TYR A 1 30  ? -4.216  0.475   0.941   1.00 19.47  ? 34  TYR A CE2 1 
ATOM   259  C  CZ  . TYR A 1 30  ? -5.200  -0.353  0.421   1.00 20.49  ? 34  TYR A CZ  1 
ATOM   260  O  OH  . TYR A 1 30  ? -4.861  -1.487  -0.276  1.00 21.75  ? 34  TYR A OH  1 
ATOM   261  N  N   . LEU A 1 31  ? -7.622  6.227   2.823   1.00 14.31  ? 35  LEU A N   1 
ATOM   262  C  CA  . LEU A 1 31  ? -8.309  7.212   3.650   1.00 15.08  ? 35  LEU A CA  1 
ATOM   263  C  C   . LEU A 1 31  ? -9.684  7.431   3.006   1.00 15.62  ? 35  LEU A C   1 
ATOM   264  O  O   . LEU A 1 31  ? -10.712 7.437   3.684   1.00 16.82  ? 35  LEU A O   1 
ATOM   265  C  CB  . LEU A 1 31  ? -7.528  8.536   3.680   1.00 14.51  ? 35  LEU A CB  1 
ATOM   266  C  CG  . LEU A 1 31  ? -8.172  9.704   4.453   1.00 17.96  ? 35  LEU A CG  1 
ATOM   267  C  CD1 . LEU A 1 31  ? -8.148  9.406   5.944   1.00 15.84  ? 35  LEU A CD1 1 
ATOM   268  C  CD2 . LEU A 1 31  ? -7.429  11.004  4.164   1.00 15.26  ? 35  LEU A CD2 1 
ATOM   269  N  N   . SER A 1 32  ? -9.690  7.604   1.688   1.00 15.17  ? 36  SER A N   1 
ATOM   270  C  CA  . SER A 1 32  ? -10.927 7.815   0.947   1.00 16.77  ? 36  SER A CA  1 
ATOM   271  C  C   . SER A 1 32  ? -11.854 6.603   1.069   1.00 17.27  ? 36  SER A C   1 
ATOM   272  O  O   . SER A 1 32  ? -13.057 6.752   1.298   1.00 16.07  ? 36  SER A O   1 
ATOM   273  C  CB  . SER A 1 32  ? -10.621 8.077   -0.529  1.00 16.24  ? 36  SER A CB  1 
ATOM   274  O  OG  . SER A 1 32  ? -11.819 8.252   -1.263  1.00 17.35  ? 36  SER A OG  1 
ATOM   275  N  N   A LEU A 1 33  ? -11.296 5.407   0.901   0.50 16.61  ? 37  LEU A N   1 
ATOM   276  N  N   B LEU A 1 33  ? -11.293 5.406   0.903   0.50 17.39  ? 37  LEU A N   1 
ATOM   277  C  CA  A LEU A 1 33  ? -12.086 4.184   1.009   0.50 16.79  ? 37  LEU A CA  1 
ATOM   278  C  CA  B LEU A 1 33  ? -12.079 4.180   1.018   0.50 18.13  ? 37  LEU A CA  1 
ATOM   279  C  C   A LEU A 1 33  ? -12.677 4.081   2.409   0.50 17.06  ? 37  LEU A C   1 
ATOM   280  C  C   B LEU A 1 33  ? -12.686 4.110   2.409   0.50 17.92  ? 37  LEU A C   1 
ATOM   281  O  O   A LEU A 1 33  ? -13.850 3.748   2.576   0.50 17.12  ? 37  LEU A O   1 
ATOM   282  O  O   B LEU A 1 33  ? -13.872 3.826   2.573   0.50 17.84  ? 37  LEU A O   1 
ATOM   283  C  CB  A LEU A 1 33  ? -11.213 2.958   0.720   0.50 15.63  ? 37  LEU A CB  1 
ATOM   284  C  CB  B LEU A 1 33  ? -11.204 2.937   0.813   0.50 18.81  ? 37  LEU A CB  1 
ATOM   285  C  CG  A LEU A 1 33  ? -10.965 2.633   -0.757  0.50 15.34  ? 37  LEU A CG  1 
ATOM   286  C  CG  B LEU A 1 33  ? -11.031 2.301   -0.571  0.50 20.25  ? 37  LEU A CG  1 
ATOM   287  C  CD1 A LEU A 1 33  ? -9.725  1.765   -0.914  0.50 12.55  ? 37  LEU A CD1 1 
ATOM   288  C  CD1 B LEU A 1 33  ? -12.392 1.897   -1.114  0.50 20.04  ? 37  LEU A CD1 1 
ATOM   289  C  CD2 A LEU A 1 33  ? -12.189 1.930   -1.320  0.50 14.88  ? 37  LEU A CD2 1 
ATOM   290  C  CD2 B LEU A 1 33  ? -10.334 3.259   -1.508  0.50 20.94  ? 37  LEU A CD2 1 
ATOM   291  N  N   . GLY A 1 34  ? -11.854 4.377   3.411   1.00 17.67  ? 38  GLY A N   1 
ATOM   292  C  CA  . GLY A 1 34  ? -12.303 4.317   4.791   1.00 18.88  ? 38  GLY A CA  1 
ATOM   293  C  C   . GLY A 1 34  ? -13.508 5.188   5.094   1.00 19.45  ? 38  GLY A C   1 
ATOM   294  O  O   . GLY A 1 34  ? -14.490 4.724   5.685   1.00 18.07  ? 38  GLY A O   1 
ATOM   295  N  N   . PHE A 1 35  ? -13.458 6.455   4.694   1.00 17.81  ? 39  PHE A N   1 
ATOM   296  C  CA  . PHE A 1 35  ? -14.586 7.322   4.977   1.00 17.89  ? 39  PHE A CA  1 
ATOM   297  C  C   . PHE A 1 35  ? -15.789 7.105   4.072   1.00 16.56  ? 39  PHE A C   1 
ATOM   298  O  O   . PHE A 1 35  ? -16.909 7.439   4.441   1.00 16.30  ? 39  PHE A O   1 
ATOM   299  C  CB  . PHE A 1 35  ? -14.144 8.785   4.997   1.00 18.11  ? 39  PHE A CB  1 
ATOM   300  C  CG  . PHE A 1 35  ? -13.426 9.157   6.260   1.00 20.02  ? 39  PHE A CG  1 
ATOM   301  C  CD1 . PHE A 1 35  ? -12.040 9.060   6.347   1.00 19.65  ? 39  PHE A CD1 1 
ATOM   302  C  CD2 . PHE A 1 35  ? -14.148 9.510   7.400   1.00 19.38  ? 39  PHE A CD2 1 
ATOM   303  C  CE1 . PHE A 1 35  ? -11.382 9.304   7.554   1.00 20.99  ? 39  PHE A CE1 1 
ATOM   304  C  CE2 . PHE A 1 35  ? -13.499 9.753   8.614   1.00 20.66  ? 39  PHE A CE2 1 
ATOM   305  C  CZ  . PHE A 1 35  ? -12.114 9.649   8.691   1.00 21.04  ? 39  PHE A CZ  1 
ATOM   306  N  N   . TYR A 1 36  ? -15.567 6.530   2.896   1.00 15.49  ? 40  TYR A N   1 
ATOM   307  C  CA  . TYR A 1 36  ? -16.679 6.251   2.002   1.00 16.08  ? 40  TYR A CA  1 
ATOM   308  C  C   . TYR A 1 36  ? -17.629 5.274   2.696   1.00 16.24  ? 40  TYR A C   1 
ATOM   309  O  O   . TYR A 1 36  ? -18.840 5.479   2.709   1.00 13.64  ? 40  TYR A O   1 
ATOM   310  C  CB  . TYR A 1 36  ? -16.181 5.627   0.699   1.00 17.54  ? 40  TYR A CB  1 
ATOM   311  C  CG  . TYR A 1 36  ? -17.280 5.051   -0.167  1.00 18.71  ? 40  TYR A CG  1 
ATOM   312  C  CD1 . TYR A 1 36  ? -18.124 5.880   -0.913  1.00 18.91  ? 40  TYR A CD1 1 
ATOM   313  C  CD2 . TYR A 1 36  ? -17.474 3.672   -0.242  1.00 18.20  ? 40  TYR A CD2 1 
ATOM   314  C  CE1 . TYR A 1 36  ? -19.135 5.341   -1.715  1.00 19.61  ? 40  TYR A CE1 1 
ATOM   315  C  CE2 . TYR A 1 36  ? -18.473 3.125   -1.037  1.00 19.09  ? 40  TYR A CE2 1 
ATOM   316  C  CZ  . TYR A 1 36  ? -19.297 3.961   -1.770  1.00 20.56  ? 40  TYR A CZ  1 
ATOM   317  O  OH  . TYR A 1 36  ? -20.275 3.406   -2.560  1.00 20.88  ? 40  TYR A OH  1 
ATOM   318  N  N   . PHE A 1 37  ? -17.069 4.214   3.279   1.00 15.43  ? 41  PHE A N   1 
ATOM   319  C  CA  . PHE A 1 37  ? -17.878 3.201   3.952   1.00 15.83  ? 41  PHE A CA  1 
ATOM   320  C  C   . PHE A 1 37  ? -18.471 3.646   5.291   1.00 16.08  ? 41  PHE A C   1 
ATOM   321  O  O   . PHE A 1 37  ? -19.236 2.910   5.917   1.00 16.44  ? 41  PHE A O   1 
ATOM   322  C  CB  . PHE A 1 37  ? -17.063 1.909   4.108   1.00 13.96  ? 41  PHE A CB  1 
ATOM   323  C  CG  . PHE A 1 37  ? -17.006 1.088   2.848   1.00 14.47  ? 41  PHE A CG  1 
ATOM   324  C  CD1 . PHE A 1 37  ? -18.087 0.290   2.475   1.00 12.38  ? 41  PHE A CD1 1 
ATOM   325  C  CD2 . PHE A 1 37  ? -15.910 1.174   1.991   1.00 13.39  ? 41  PHE A CD2 1 
ATOM   326  C  CE1 . PHE A 1 37  ? -18.086 -0.411  1.264   1.00 14.03  ? 41  PHE A CE1 1 
ATOM   327  C  CE2 . PHE A 1 37  ? -15.895 0.479   0.776   1.00 14.55  ? 41  PHE A CE2 1 
ATOM   328  C  CZ  . PHE A 1 37  ? -16.987 -0.313  0.411   1.00 14.68  ? 41  PHE A CZ  1 
ATOM   329  N  N   . ASP A 1 38  ? -18.121 4.859   5.709   1.00 16.03  ? 42  ASP A N   1 
ATOM   330  C  CA  . ASP A 1 38  ? -18.625 5.446   6.947   1.00 16.26  ? 42  ASP A CA  1 
ATOM   331  C  C   . ASP A 1 38  ? -19.839 6.338   6.626   1.00 16.91  ? 42  ASP A C   1 
ATOM   332  O  O   . ASP A 1 38  ? -20.498 6.845   7.531   1.00 17.71  ? 42  ASP A O   1 
ATOM   333  C  CB  . ASP A 1 38  ? -17.524 6.280   7.615   1.00 17.29  ? 42  ASP A CB  1 
ATOM   334  C  CG  . ASP A 1 38  ? -18.000 6.994   8.881   1.00 21.25  ? 42  ASP A CG  1 
ATOM   335  O  OD1 . ASP A 1 38  ? -17.917 8.239   8.925   1.00 23.34  ? 42  ASP A OD1 1 
ATOM   336  O  OD2 . ASP A 1 38  ? -18.445 6.321   9.834   1.00 21.50  ? 42  ASP A OD2 1 
ATOM   337  N  N   A ARG A 1 39  ? -20.115 6.542   5.338   0.50 16.40  ? 43  ARG A N   1 
ATOM   338  N  N   B ARG A 1 39  ? -20.121 6.524   5.337   0.50 15.98  ? 43  ARG A N   1 
ATOM   339  C  CA  A ARG A 1 39  ? -21.254 7.368   4.918   0.50 16.91  ? 43  ARG A CA  1 
ATOM   340  C  CA  B ARG A 1 39  ? -21.259 7.336   4.890   0.50 16.16  ? 43  ARG A CA  1 
ATOM   341  C  C   A ARG A 1 39  ? -22.556 6.733   5.393   0.50 16.13  ? 43  ARG A C   1 
ATOM   342  C  C   B ARG A 1 39  ? -22.568 6.722   5.376   0.50 15.63  ? 43  ARG A C   1 
ATOM   343  O  O   A ARG A 1 39  ? -22.670 5.508   5.438   0.50 15.42  ? 43  ARG A O   1 
ATOM   344  O  O   B ARG A 1 39  ? -22.701 5.500   5.414   0.50 14.87  ? 43  ARG A O   1 
ATOM   345  C  CB  A ARG A 1 39  ? -21.295 7.510   3.391   0.50 17.97  ? 43  ARG A CB  1 
ATOM   346  C  CB  B ARG A 1 39  ? -21.283 7.418   3.359   0.50 16.26  ? 43  ARG A CB  1 
ATOM   347  C  CG  A ARG A 1 39  ? -20.135 8.292   2.782   0.50 19.47  ? 43  ARG A CG  1 
ATOM   348  C  CG  B ARG A 1 39  ? -20.236 8.344   2.754   0.50 16.63  ? 43  ARG A CG  1 
ATOM   349  C  CD  A ARG A 1 39  ? -20.340 8.494   1.282   0.50 20.43  ? 43  ARG A CD  1 
ATOM   350  C  CD  B ARG A 1 39  ? -20.178 8.208   1.234   0.50 16.03  ? 43  ARG A CD  1 
ATOM   351  N  NE  A ARG A 1 39  ? -19.192 9.135   0.646   0.50 22.36  ? 43  ARG A NE  1 
ATOM   352  N  NE  B ARG A 1 39  ? -21.504 8.194   0.619   0.50 17.05  ? 43  ARG A NE  1 
ATOM   353  C  CZ  A ARG A 1 39  ? -19.113 9.422   -0.651  0.50 21.26  ? 43  ARG A CZ  1 
ATOM   354  C  CZ  B ARG A 1 39  ? -21.725 8.299   -0.688  0.50 15.78  ? 43  ARG A CZ  1 
ATOM   355  N  NH1 A ARG A 1 39  ? -20.121 9.130   -1.460  0.50 20.78  ? 43  ARG A NH1 1 
ATOM   356  N  NH1 B ARG A 1 39  ? -20.709 8.436   -1.527  0.50 17.82  ? 43  ARG A NH1 1 
ATOM   357  N  NH2 A ARG A 1 39  ? -18.020 9.992   -1.141  0.50 20.34  ? 43  ARG A NH2 1 
ATOM   358  N  NH2 B ARG A 1 39  ? -22.960 8.255   -1.160  0.50 15.67  ? 43  ARG A NH2 1 
ATOM   359  N  N   . ASP A 1 40  ? -23.543 7.558   5.727   1.00 15.67  ? 44  ASP A N   1 
ATOM   360  C  CA  . ASP A 1 40  ? -24.814 7.025   6.215   1.00 15.51  ? 44  ASP A CA  1 
ATOM   361  C  C   . ASP A 1 40  ? -25.540 6.159   5.187   1.00 16.59  ? 44  ASP A C   1 
ATOM   362  O  O   . ASP A 1 40  ? -26.352 5.309   5.560   1.00 15.60  ? 44  ASP A O   1 
ATOM   363  C  CB  . ASP A 1 40  ? -25.748 8.147   6.681   1.00 16.27  ? 44  ASP A CB  1 
ATOM   364  C  CG  . ASP A 1 40  ? -26.346 8.927   5.530   1.00 17.44  ? 44  ASP A CG  1 
ATOM   365  O  OD1 . ASP A 1 40  ? -25.676 9.851   5.029   1.00 17.07  ? 44  ASP A OD1 1 
ATOM   366  O  OD2 . ASP A 1 40  ? -27.480 8.603   5.119   1.00 16.39  ? 44  ASP A OD2 1 
ATOM   367  N  N   . ASP A 1 41  ? -25.257 6.366   3.901   1.00 16.08  ? 45  ASP A N   1 
ATOM   368  C  CA  . ASP A 1 41  ? -25.907 5.568   2.867   1.00 17.61  ? 45  ASP A CA  1 
ATOM   369  C  C   . ASP A 1 41  ? -25.078 4.373   2.391   1.00 18.33  ? 45  ASP A C   1 
ATOM   370  O  O   . ASP A 1 41  ? -25.375 3.777   1.359   1.00 18.48  ? 45  ASP A O   1 
ATOM   371  C  CB  . ASP A 1 41  ? -26.317 6.439   1.669   1.00 19.83  ? 45  ASP A CB  1 
ATOM   372  C  CG  . ASP A 1 41  ? -25.155 7.190   1.055   1.00 21.28  ? 45  ASP A CG  1 
ATOM   373  O  OD1 . ASP A 1 41  ? -25.373 7.834   0.013   1.00 23.45  ? 45  ASP A OD1 1 
ATOM   374  O  OD2 . ASP A 1 41  ? -24.036 7.149   1.603   1.00 22.22  ? 45  ASP A OD2 1 
ATOM   375  N  N   . VAL A 1 42  ? -24.028 4.040   3.136   1.00 17.09  ? 46  VAL A N   1 
ATOM   376  C  CA  . VAL A 1 42  ? -23.203 2.874   2.825   1.00 17.36  ? 46  VAL A CA  1 
ATOM   377  C  C   . VAL A 1 42  ? -23.197 2.094   4.140   1.00 16.69  ? 46  VAL A C   1 
ATOM   378  O  O   . VAL A 1 42  ? -23.562 0.923   4.179   1.00 16.35  ? 46  VAL A O   1 
ATOM   379  C  CB  . VAL A 1 42  ? -21.769 3.271   2.394   1.00 18.17  ? 46  VAL A CB  1 
ATOM   380  C  CG1 . VAL A 1 42  ? -20.935 2.014   2.127   1.00 15.69  ? 46  VAL A CG1 1 
ATOM   381  C  CG2 . VAL A 1 42  ? -21.832 4.127   1.127   1.00 18.23  ? 46  VAL A CG2 1 
ATOM   382  N  N   . ALA A 1 43  ? -22.790 2.772   5.208   1.00 16.37  ? 47  ALA A N   1 
ATOM   383  C  CA  . ALA A 1 43  ? -22.796 2.238   6.569   1.00 16.69  ? 47  ALA A CA  1 
ATOM   384  C  C   . ALA A 1 43  ? -22.293 0.815   6.844   1.00 17.11  ? 47  ALA A C   1 
ATOM   385  O  O   . ALA A 1 43  ? -23.051 -0.034  7.319   1.00 15.02  ? 47  ALA A O   1 
ATOM   386  C  CB  . ALA A 1 43  ? -24.208 2.394   7.143   1.00 16.01  ? 47  ALA A CB  1 
ATOM   387  N  N   . LEU A 1 44  ? -21.021 0.559   6.560   1.00 16.75  ? 48  LEU A N   1 
ATOM   388  C  CA  . LEU A 1 44  ? -20.430 -0.751  6.820   1.00 17.84  ? 48  LEU A CA  1 
ATOM   389  C  C   . LEU A 1 44  ? -19.182 -0.474  7.648   1.00 18.65  ? 48  LEU A C   1 
ATOM   390  O  O   . LEU A 1 44  ? -18.076 -0.328  7.125   1.00 18.13  ? 48  LEU A O   1 
ATOM   391  C  CB  . LEU A 1 44  ? -20.090 -1.462  5.503   1.00 18.14  ? 48  LEU A CB  1 
ATOM   392  C  CG  . LEU A 1 44  ? -21.327 -1.889  4.697   1.00 18.21  ? 48  LEU A CG  1 
ATOM   393  C  CD1 . LEU A 1 44  ? -20.922 -2.339  3.293   1.00 18.52  ? 48  LEU A CD1 1 
ATOM   394  C  CD2 . LEU A 1 44  ? -22.054 -3.005  5.432   1.00 18.52  ? 48  LEU A CD2 1 
ATOM   395  N  N   . GLU A 1 45  ? -19.396 -0.375  8.954   1.00 19.59  ? 49  GLU A N   1 
ATOM   396  C  CA  . GLU A 1 45  ? -18.350 -0.069  9.915   1.00 20.86  ? 49  GLU A CA  1 
ATOM   397  C  C   . GLU A 1 45  ? -17.117 -0.961  9.805   1.00 19.43  ? 49  GLU A C   1 
ATOM   398  O  O   . GLU A 1 45  ? -15.990 -0.463  9.781   1.00 18.81  ? 49  GLU A O   1 
ATOM   399  C  CB  . GLU A 1 45  ? -18.933 -0.150  11.329  1.00 24.90  ? 49  GLU A CB  1 
ATOM   400  C  CG  . GLU A 1 45  ? -18.046 0.438   12.409  1.00 34.54  ? 49  GLU A CG  1 
ATOM   401  C  CD  . GLU A 1 45  ? -18.751 0.522   13.753  1.00 39.64  ? 49  GLU A CD  1 
ATOM   402  O  OE1 . GLU A 1 45  ? -18.127 1.011   14.724  1.00 43.49  ? 49  GLU A OE1 1 
ATOM   403  O  OE2 . GLU A 1 45  ? -19.928 0.100   13.836  1.00 41.04  ? 49  GLU A OE2 1 
ATOM   404  N  N   . GLY A 1 46  ? -17.334 -2.272  9.739   1.00 16.17  ? 50  GLY A N   1 
ATOM   405  C  CA  . GLY A 1 46  ? -16.225 -3.202  9.639   1.00 15.99  ? 50  GLY A CA  1 
ATOM   406  C  C   . GLY A 1 46  ? -15.364 -2.947  8.413   1.00 16.64  ? 50  GLY A C   1 
ATOM   407  O  O   . GLY A 1 46  ? -14.141 -3.078  8.465   1.00 14.67  ? 50  GLY A O   1 
ATOM   408  N  N   . VAL A 1 47  ? -16.001 -2.589  7.301   1.00 15.36  ? 51  VAL A N   1 
ATOM   409  C  CA  . VAL A 1 47  ? -15.268 -2.313  6.073   1.00 15.56  ? 51  VAL A CA  1 
ATOM   410  C  C   . VAL A 1 47  ? -14.518 -0.989  6.239   1.00 16.16  ? 51  VAL A C   1 
ATOM   411  O  O   . VAL A 1 47  ? -13.358 -0.872  5.847   1.00 15.62  ? 51  VAL A O   1 
ATOM   412  C  CB  . VAL A 1 47  ? -16.228 -2.219  4.852   1.00 16.61  ? 51  VAL A CB  1 
ATOM   413  C  CG1 . VAL A 1 47  ? -15.434 -1.956  3.570   1.00 14.92  ? 51  VAL A CG1 1 
ATOM   414  C  CG2 . VAL A 1 47  ? -17.036 -3.514  4.723   1.00 15.38  ? 51  VAL A CG2 1 
ATOM   415  N  N   . SER A 1 48  ? -15.177 0.001   6.833   1.00 15.95  ? 52  SER A N   1 
ATOM   416  C  CA  . SER A 1 48  ? -14.545 1.305   7.039   1.00 17.70  ? 52  SER A CA  1 
ATOM   417  C  C   . SER A 1 48  ? -13.270 1.148   7.864   1.00 18.37  ? 52  SER A C   1 
ATOM   418  O  O   . SER A 1 48  ? -12.215 1.679   7.516   1.00 18.12  ? 52  SER A O   1 
ATOM   419  C  CB  . SER A 1 48  ? -15.505 2.260   7.756   1.00 17.18  ? 52  SER A CB  1 
ATOM   420  O  OG  . SER A 1 48  ? -14.872 3.500   8.025   1.00 18.02  ? 52  SER A OG  1 
ATOM   421  N  N   . HIS A 1 49  ? -13.380 0.402   8.956   1.00 19.20  ? 53  HIS A N   1 
ATOM   422  C  CA  . HIS A 1 49  ? -12.257 0.161   9.847   1.00 20.12  ? 53  HIS A CA  1 
ATOM   423  C  C   . HIS A 1 49  ? -11.131 -0.611  9.154   1.00 18.11  ? 53  HIS A C   1 
ATOM   424  O  O   . HIS A 1 49  ? -9.954  -0.332  9.372   1.00 17.32  ? 53  HIS A O   1 
ATOM   425  C  CB  . HIS A 1 49  ? -12.745 -0.595  11.085  1.00 23.60  ? 53  HIS A CB  1 
ATOM   426  C  CG  . HIS A 1 49  ? -11.687 -0.800  12.117  1.00 29.95  ? 53  HIS A CG  1 
ATOM   427  N  ND1 . HIS A 1 49  ? -10.932 -1.951  12.190  1.00 31.88  ? 53  HIS A ND1 1 
ATOM   428  C  CD2 . HIS A 1 49  ? -11.235 0.012   13.103  1.00 31.99  ? 53  HIS A CD2 1 
ATOM   429  C  CE1 . HIS A 1 49  ? -10.062 -1.839  13.177  1.00 33.94  ? 53  HIS A CE1 1 
ATOM   430  N  NE2 . HIS A 1 49  ? -10.224 -0.658  13.746  1.00 34.52  ? 53  HIS A NE2 1 
ATOM   431  N  N   . PHE A 1 50  ? -11.496 -1.577  8.320   1.00 16.54  ? 54  PHE A N   1 
ATOM   432  C  CA  . PHE A 1 50  ? -10.509 -2.363  7.581   1.00 16.53  ? 54  PHE A CA  1 
ATOM   433  C  C   . PHE A 1 50  ? -9.615  -1.443  6.736   1.00 15.80  ? 54  PHE A C   1 
ATOM   434  O  O   . PHE A 1 50  ? -8.391  -1.540  6.787   1.00 14.36  ? 54  PHE A O   1 
ATOM   435  C  CB  . PHE A 1 50  ? -11.222 -3.376  6.669   1.00 17.99  ? 54  PHE A CB  1 
ATOM   436  C  CG  . PHE A 1 50  ? -10.291 -4.174  5.796   1.00 20.96  ? 54  PHE A CG  1 
ATOM   437  C  CD1 . PHE A 1 50  ? -9.496  -5.183  6.336   1.00 21.21  ? 54  PHE A CD1 1 
ATOM   438  C  CD2 . PHE A 1 50  ? -10.201 -3.910  4.432   1.00 20.65  ? 54  PHE A CD2 1 
ATOM   439  C  CE1 . PHE A 1 50  ? -8.624  -5.917  5.526   1.00 22.97  ? 54  PHE A CE1 1 
ATOM   440  C  CE2 . PHE A 1 50  ? -9.333  -4.636  3.616   1.00 22.83  ? 54  PHE A CE2 1 
ATOM   441  C  CZ  . PHE A 1 50  ? -8.543  -5.642  4.166   1.00 22.18  ? 54  PHE A CZ  1 
ATOM   442  N  N   . PHE A 1 51  ? -10.229 -0.542  5.971   1.00 14.31  ? 55  PHE A N   1 
ATOM   443  C  CA  . PHE A 1 51  ? -9.468  0.372   5.122   1.00 15.72  ? 55  PHE A CA  1 
ATOM   444  C  C   . PHE A 1 51  ? -8.721  1.472   5.882   1.00 15.92  ? 55  PHE A C   1 
ATOM   445  O  O   . PHE A 1 51  ? -7.641  1.895   5.461   1.00 15.14  ? 55  PHE A O   1 
ATOM   446  C  CB  . PHE A 1 51  ? -10.387 0.979   4.055   1.00 14.75  ? 55  PHE A CB  1 
ATOM   447  C  CG  . PHE A 1 51  ? -10.789 0.000   2.989   1.00 17.62  ? 55  PHE A CG  1 
ATOM   448  C  CD1 . PHE A 1 51  ? -12.130 -0.195  2.667   1.00 16.10  ? 55  PHE A CD1 1 
ATOM   449  C  CD2 . PHE A 1 51  ? -9.826  -0.762  2.332   1.00 16.51  ? 55  PHE A CD2 1 
ATOM   450  C  CE1 . PHE A 1 51  ? -12.502 -1.138  1.711   1.00 16.09  ? 55  PHE A CE1 1 
ATOM   451  C  CE2 . PHE A 1 51  ? -10.193 -1.708  1.372   1.00 17.41  ? 55  PHE A CE2 1 
ATOM   452  C  CZ  . PHE A 1 51  ? -11.532 -1.895  1.063   1.00 16.35  ? 55  PHE A CZ  1 
ATOM   453  N  N   . ARG A 1 52  ? -9.278  1.935   6.997   1.00 16.89  ? 56  ARG A N   1 
ATOM   454  C  CA  . ARG A 1 52  ? -8.597  2.959   7.789   1.00 19.19  ? 56  ARG A CA  1 
ATOM   455  C  C   . ARG A 1 52  ? -7.326  2.368   8.405   1.00 18.41  ? 56  ARG A C   1 
ATOM   456  O  O   . ARG A 1 52  ? -6.334  3.067   8.581   1.00 18.70  ? 56  ARG A O   1 
ATOM   457  C  CB  . ARG A 1 52  ? -9.523  3.508   8.882   1.00 21.79  ? 56  ARG A CB  1 
ATOM   458  C  CG  . ARG A 1 52  ? -10.722 4.273   8.319   1.00 28.17  ? 56  ARG A CG  1 
ATOM   459  C  CD  . ARG A 1 52  ? -11.467 5.057   9.394   1.00 33.13  ? 56  ARG A CD  1 
ATOM   460  N  NE  . ARG A 1 52  ? -10.644 6.130   9.948   1.00 38.56  ? 56  ARG A NE  1 
ATOM   461  C  CZ  . ARG A 1 52  ? -10.998 6.889   10.982  1.00 39.87  ? 56  ARG A CZ  1 
ATOM   462  N  NH1 . ARG A 1 52  ? -12.168 6.695   11.578  1.00 40.23  ? 56  ARG A NH1 1 
ATOM   463  N  NH2 . ARG A 1 52  ? -10.179 7.839   11.422  1.00 41.20  ? 56  ARG A NH2 1 
ATOM   464  N  N   . GLU A 1 53  ? -7.356  1.077   8.727   1.00 18.19  ? 57  GLU A N   1 
ATOM   465  C  CA  . GLU A 1 53  ? -6.180  0.414   9.285   1.00 20.72  ? 57  GLU A CA  1 
ATOM   466  C  C   . GLU A 1 53  ? -5.094  0.341   8.214   1.00 19.70  ? 57  GLU A C   1 
ATOM   467  O  O   . GLU A 1 53  ? -3.911  0.548   8.494   1.00 20.21  ? 57  GLU A O   1 
ATOM   468  C  CB  . GLU A 1 53  ? -6.515  -1.008  9.741   1.00 23.09  ? 57  GLU A CB  1 
ATOM   469  C  CG  . GLU A 1 53  ? -7.156  -1.109  11.105  1.00 32.78  ? 57  GLU A CG  1 
ATOM   470  C  CD  . GLU A 1 53  ? -7.237  -2.547  11.586  1.00 38.99  ? 57  GLU A CD  1 
ATOM   471  O  OE1 . GLU A 1 53  ? -7.474  -2.764  12.795  1.00 43.26  ? 57  GLU A OE1 1 
ATOM   472  O  OE2 . GLU A 1 53  ? -7.063  -3.465  10.752  1.00 42.03  ? 57  GLU A OE2 1 
ATOM   473  N  N   . LEU A 1 54  ? -5.506  0.032   6.988   1.00 17.56  ? 58  LEU A N   1 
ATOM   474  C  CA  . LEU A 1 54  ? -4.574  -0.053  5.870   1.00 18.38  ? 58  LEU A CA  1 
ATOM   475  C  C   . LEU A 1 54  ? -3.927  1.306   5.583   1.00 16.75  ? 58  LEU A C   1 
ATOM   476  O  O   . LEU A 1 54  ? -2.752  1.375   5.232   1.00 17.38  ? 58  LEU A O   1 
ATOM   477  C  CB  . LEU A 1 54  ? -5.298  -0.579  4.627   1.00 17.73  ? 58  LEU A CB  1 
ATOM   478  C  CG  . LEU A 1 54  ? -5.176  -2.081  4.323   1.00 22.06  ? 58  LEU A CG  1 
ATOM   479  C  CD1 . LEU A 1 54  ? -5.111  -2.889  5.596   1.00 23.44  ? 58  LEU A CD1 1 
ATOM   480  C  CD2 . LEU A 1 54  ? -6.353  -2.517  3.465   1.00 20.29  ? 58  LEU A CD2 1 
ATOM   481  N  N   . ALA A 1 55  ? -4.692  2.382   5.729   1.00 16.10  ? 59  ALA A N   1 
ATOM   482  C  CA  . ALA A 1 55  ? -4.151  3.723   5.508   1.00 17.61  ? 59  ALA A CA  1 
ATOM   483  C  C   . ALA A 1 55  ? -3.005  3.923   6.497   1.00 17.90  ? 59  ALA A C   1 
ATOM   484  O  O   . ALA A 1 55  ? -1.948  4.454   6.150   1.00 17.06  ? 59  ALA A O   1 
ATOM   485  C  CB  . ALA A 1 55  ? -5.231  4.786   5.737   1.00 13.50  ? 59  ALA A CB  1 
ATOM   486  N  N   . GLU A 1 56  ? -3.228  3.478   7.728   1.00 18.44  ? 60  GLU A N   1 
ATOM   487  C  CA  . GLU A 1 56  ? -2.233  3.589   8.782   1.00 20.61  ? 60  GLU A CA  1 
ATOM   488  C  C   . GLU A 1 56  ? -1.007  2.756   8.436   1.00 19.06  ? 60  GLU A C   1 
ATOM   489  O  O   . GLU A 1 56  ? 0.126   3.184   8.654   1.00 15.85  ? 60  GLU A O   1 
ATOM   490  C  CB  . GLU A 1 56  ? -2.827  3.118   10.110  1.00 24.25  ? 60  GLU A CB  1 
ATOM   491  C  CG  . GLU A 1 56  ? -1.848  3.114   11.262  1.00 32.40  ? 60  GLU A CG  1 
ATOM   492  C  CD  . GLU A 1 56  ? -2.477  2.609   12.554  1.00 38.73  ? 60  GLU A CD  1 
ATOM   493  O  OE1 . GLU A 1 56  ? -3.450  3.236   13.030  1.00 41.25  ? 60  GLU A OE1 1 
ATOM   494  O  OE2 . GLU A 1 56  ? -1.999  1.583   13.090  1.00 41.87  ? 60  GLU A OE2 1 
ATOM   495  N  N   . GLU A 1 57  ? -1.242  1.565   7.893   1.00 18.72  ? 61  GLU A N   1 
ATOM   496  C  CA  . GLU A 1 57  ? -0.159  0.672   7.507   1.00 20.47  ? 61  GLU A CA  1 
ATOM   497  C  C   . GLU A 1 57  ? 0.728   1.295   6.433   1.00 18.70  ? 61  GLU A C   1 
ATOM   498  O  O   . GLU A 1 57  ? 1.954   1.196   6.503   1.00 17.01  ? 61  GLU A O   1 
ATOM   499  C  CB  . GLU A 1 57  ? -0.713  -0.657  6.982   1.00 24.92  ? 61  GLU A CB  1 
ATOM   500  C  CG  . GLU A 1 57  ? -1.355  -1.527  8.041   1.00 33.87  ? 61  GLU A CG  1 
ATOM   501  C  CD  . GLU A 1 57  ? -0.464  -1.696  9.252   1.00 38.18  ? 61  GLU A CD  1 
ATOM   502  O  OE1 . GLU A 1 57  ? -0.435  -0.778  10.101  1.00 42.01  ? 61  GLU A OE1 1 
ATOM   503  O  OE2 . GLU A 1 57  ? 0.219   -2.739  9.346   1.00 41.20  ? 61  GLU A OE2 1 
ATOM   504  N  N   . LYS A 1 58  ? 0.109   1.926   5.437   1.00 16.17  ? 62  LYS A N   1 
ATOM   505  C  CA  . LYS A 1 58  ? 0.869   2.553   4.366   1.00 17.25  ? 62  LYS A CA  1 
ATOM   506  C  C   . LYS A 1 58  ? 1.649   3.755   4.871   1.00 17.93  ? 62  LYS A C   1 
ATOM   507  O  O   . LYS A 1 58  ? 2.730   4.052   4.363   1.00 17.47  ? 62  LYS A O   1 
ATOM   508  C  CB  . LYS A 1 58  ? -0.052  2.960   3.211   1.00 15.56  ? 62  LYS A CB  1 
ATOM   509  C  CG  . LYS A 1 58  ? -0.750  1.775   2.553   1.00 17.48  ? 62  LYS A CG  1 
ATOM   510  C  CD  . LYS A 1 58  ? 0.216   0.608   2.334   1.00 18.52  ? 62  LYS A CD  1 
ATOM   511  C  CE  . LYS A 1 58  ? -0.494  -0.592  1.730   1.00 20.03  ? 62  LYS A CE  1 
ATOM   512  N  NZ  . LYS A 1 58  ? 0.365   -1.807  1.721   1.00 17.94  ? 62  LYS A NZ  1 
ATOM   513  N  N   A ARG A 1 59  ? 1.110   4.433   5.880   0.50 18.43  ? 63  ARG A N   1 
ATOM   514  N  N   B ARG A 1 59  ? 1.113   4.439   5.880   0.50 18.10  ? 63  ARG A N   1 
ATOM   515  C  CA  A ARG A 1 59  ? 1.790   5.587   6.455   0.50 20.02  ? 63  ARG A CA  1 
ATOM   516  C  CA  B ARG A 1 59  ? 1.802   5.595   6.442   0.50 19.45  ? 63  ARG A CA  1 
ATOM   517  C  C   A ARG A 1 59  ? 3.100   5.112   7.074   0.50 20.47  ? 63  ARG A C   1 
ATOM   518  C  C   B ARG A 1 59  ? 3.102   5.120   7.088   0.50 20.11  ? 63  ARG A C   1 
ATOM   519  O  O   A ARG A 1 59  ? 4.150   5.722   6.869   0.50 20.60  ? 63  ARG A O   1 
ATOM   520  O  O   B ARG A 1 59  ? 4.150   5.743   6.912   0.50 20.29  ? 63  ARG A O   1 
ATOM   521  C  CB  A ARG A 1 59  ? 0.925   6.249   7.529   0.50 22.31  ? 63  ARG A CB  1 
ATOM   522  C  CB  B ARG A 1 59  ? 0.923   6.311   7.473   0.50 21.05  ? 63  ARG A CB  1 
ATOM   523  C  CG  A ARG A 1 59  ? 1.593   7.434   8.211   0.50 26.49  ? 63  ARG A CG  1 
ATOM   524  C  CG  B ARG A 1 59  ? 1.570   7.560   8.063   0.50 24.53  ? 63  ARG A CG  1 
ATOM   525  C  CD  A ARG A 1 59  ? 0.763   7.983   9.371   0.50 30.11  ? 63  ARG A CD  1 
ATOM   526  C  CD  B ARG A 1 59  ? 0.571   8.423   8.833   0.50 27.16  ? 63  ARG A CD  1 
ATOM   527  N  NE  A ARG A 1 59  ? 0.981   7.264   10.627  0.50 33.29  ? 63  ARG A NE  1 
ATOM   528  N  NE  B ARG A 1 59  ? 0.086   7.787   10.056  0.50 29.19  ? 63  ARG A NE  1 
ATOM   529  C  CZ  A ARG A 1 59  ? 0.561   6.027   10.881  0.50 33.86  ? 63  ARG A CZ  1 
ATOM   530  C  CZ  B ARG A 1 59  ? 0.853   7.487   11.102  0.50 30.83  ? 63  ARG A CZ  1 
ATOM   531  N  NH1 A ARG A 1 59  ? -0.112  5.345   9.967   0.50 34.81  ? 63  ARG A NH1 1 
ATOM   532  N  NH1 B ARG A 1 59  ? 2.152   7.761   11.084  0.50 31.07  ? 63  ARG A NH1 1 
ATOM   533  N  NH2 A ARG A 1 59  ? 0.811   5.471   12.058  0.50 34.36  ? 63  ARG A NH2 1 
ATOM   534  N  NH2 B ARG A 1 59  ? 0.318   6.914   12.172  0.50 31.02  ? 63  ARG A NH2 1 
ATOM   535  N  N   . GLU A 1 60  ? 3.035   4.018   7.833   1.00 20.02  ? 64  GLU A N   1 
ATOM   536  C  CA  . GLU A 1 60  ? 4.231   3.470   8.461   1.00 21.82  ? 64  GLU A CA  1 
ATOM   537  C  C   . GLU A 1 60  ? 5.218   3.112   7.366   1.00 19.97  ? 64  GLU A C   1 
ATOM   538  O  O   . GLU A 1 60  ? 6.426   3.259   7.529   1.00 19.67  ? 64  GLU A O   1 
ATOM   539  C  CB  . GLU A 1 60  ? 3.899   2.219   9.269   1.00 24.00  ? 64  GLU A CB  1 
ATOM   540  C  CG  . GLU A 1 60  ? 3.129   2.504   10.535  1.00 32.04  ? 64  GLU A CG  1 
ATOM   541  C  CD  . GLU A 1 60  ? 2.839   1.243   11.318  1.00 35.87  ? 64  GLU A CD  1 
ATOM   542  O  OE1 . GLU A 1 60  ? 2.303   1.353   12.442  1.00 39.75  ? 64  GLU A OE1 1 
ATOM   543  O  OE2 . GLU A 1 60  ? 3.150   0.145   10.805  1.00 38.92  ? 64  GLU A OE2 1 
ATOM   544  N  N   . GLY A 1 61  ? 4.682   2.643   6.246   1.00 19.25  ? 65  GLY A N   1 
ATOM   545  C  CA  . GLY A 1 61  ? 5.520   2.289   5.119   1.00 19.14  ? 65  GLY A CA  1 
ATOM   546  C  C   . GLY A 1 61  ? 6.351   3.465   4.630   1.00 18.73  ? 65  GLY A C   1 
ATOM   547  O  O   . GLY A 1 61  ? 7.582   3.388   4.618   1.00 18.32  ? 65  GLY A O   1 
ATOM   548  N  N   . TYR A 1 62  ? 5.713   4.567   4.243   1.00 18.49  ? 66  TYR A N   1 
ATOM   549  C  CA  . TYR A 1 62  ? 6.510   5.684   3.754   1.00 18.17  ? 66  TYR A CA  1 
ATOM   550  C  C   . TYR A 1 62  ? 7.387   6.319   4.822   1.00 17.35  ? 66  TYR A C   1 
ATOM   551  O  O   . TYR A 1 62  ? 8.455   6.838   4.510   1.00 17.31  ? 66  TYR A O   1 
ATOM   552  C  CB  . TYR A 1 62  ? 5.647   6.732   3.021   1.00 17.86  ? 66  TYR A CB  1 
ATOM   553  C  CG  . TYR A 1 62  ? 4.598   7.484   3.811   1.00 19.77  ? 66  TYR A CG  1 
ATOM   554  C  CD1 . TYR A 1 62  ? 4.955   8.451   4.758   1.00 19.61  ? 66  TYR A CD1 1 
ATOM   555  C  CD2 . TYR A 1 62  ? 3.237   7.305   3.532   1.00 18.81  ? 66  TYR A CD2 1 
ATOM   556  C  CE1 . TYR A 1 62  ? 3.984   9.225   5.398   1.00 20.72  ? 66  TYR A CE1 1 
ATOM   557  C  CE2 . TYR A 1 62  ? 2.261   8.070   4.163   1.00 20.00  ? 66  TYR A CE2 1 
ATOM   558  C  CZ  . TYR A 1 62  ? 2.637   9.029   5.090   1.00 21.20  ? 66  TYR A CZ  1 
ATOM   559  O  OH  . TYR A 1 62  ? 1.669   9.804   5.685   1.00 20.62  ? 66  TYR A OH  1 
ATOM   560  N  N   . GLU A 1 63  ? 6.970   6.257   6.081   1.00 16.93  ? 67  GLU A N   1 
ATOM   561  C  CA  . GLU A 1 63  ? 7.798   6.820   7.145   1.00 19.63  ? 67  GLU A CA  1 
ATOM   562  C  C   . GLU A 1 63  ? 9.079   5.999   7.285   1.00 18.66  ? 67  GLU A C   1 
ATOM   563  O  O   . GLU A 1 63  ? 10.155  6.539   7.531   1.00 18.41  ? 67  GLU A O   1 
ATOM   564  C  CB  . GLU A 1 63  ? 7.039   6.836   8.472   1.00 21.96  ? 67  GLU A CB  1 
ATOM   565  C  CG  . GLU A 1 63  ? 5.928   7.876   8.507   1.00 28.95  ? 67  GLU A CG  1 
ATOM   566  C  CD  . GLU A 1 63  ? 5.223   7.941   9.846   1.00 31.92  ? 67  GLU A CD  1 
ATOM   567  O  OE1 . GLU A 1 63  ? 4.419   8.875   10.046  1.00 34.74  ? 67  GLU A OE1 1 
ATOM   568  O  OE2 . GLU A 1 63  ? 5.466   7.057   10.696  1.00 35.15  ? 67  GLU A OE2 1 
ATOM   569  N  N   . ARG A 1 64  ? 8.955   4.687   7.121   1.00 18.22  ? 68  ARG A N   1 
ATOM   570  C  CA  . ARG A 1 64  ? 10.106  3.801   7.216   1.00 19.86  ? 68  ARG A CA  1 
ATOM   571  C  C   . ARG A 1 64  ? 11.048  4.069   6.030   1.00 17.34  ? 68  ARG A C   1 
ATOM   572  O  O   . ARG A 1 64  ? 12.269  4.059   6.181   1.00 15.15  ? 68  ARG A O   1 
ATOM   573  C  CB  . ARG A 1 64  ? 9.625   2.347   7.214   1.00 23.87  ? 68  ARG A CB  1 
ATOM   574  C  CG  . ARG A 1 64  ? 10.687  1.318   7.528   1.00 32.03  ? 68  ARG A CG  1 
ATOM   575  C  CD  . ARG A 1 64  ? 10.057  -0.064  7.655   1.00 37.71  ? 68  ARG A CD  1 
ATOM   576  N  NE  . ARG A 1 64  ? 9.085   -0.122  8.746   1.00 42.88  ? 68  ARG A NE  1 
ATOM   577  C  CZ  . ARG A 1 64  ? 7.814   -0.488  8.603   1.00 45.98  ? 68  ARG A CZ  1 
ATOM   578  N  NH1 . ARG A 1 64  ? 7.344   -0.835  7.409   1.00 47.52  ? 68  ARG A NH1 1 
ATOM   579  N  NH2 . ARG A 1 64  ? 7.008   -0.505  9.657   1.00 47.56  ? 68  ARG A NH2 1 
ATOM   580  N  N   . LEU A 1 65  ? 10.477  4.320   4.855   1.00 15.77  ? 69  LEU A N   1 
ATOM   581  C  CA  . LEU A 1 65  ? 11.289  4.603   3.673   1.00 16.88  ? 69  LEU A CA  1 
ATOM   582  C  C   . LEU A 1 65  ? 12.028  5.937   3.840   1.00 16.84  ? 69  LEU A C   1 
ATOM   583  O  O   . LEU A 1 65  ? 13.206  6.051   3.504   1.00 16.62  ? 69  LEU A O   1 
ATOM   584  C  CB  . LEU A 1 65  ? 10.411  4.645   2.412   1.00 15.04  ? 69  LEU A CB  1 
ATOM   585  C  CG  . LEU A 1 65  ? 9.869   3.300   1.904   1.00 17.25  ? 69  LEU A CG  1 
ATOM   586  C  CD1 . LEU A 1 65  ? 8.826   3.519   0.819   1.00 14.97  ? 69  LEU A CD1 1 
ATOM   587  C  CD2 . LEU A 1 65  ? 11.024  2.462   1.373   1.00 16.29  ? 69  LEU A CD2 1 
ATOM   588  N  N   . LEU A 1 66  ? 11.329  6.939   4.363   1.00 16.24  ? 70  LEU A N   1 
ATOM   589  C  CA  . LEU A 1 66  ? 11.920  8.259   4.574   1.00 17.72  ? 70  LEU A CA  1 
ATOM   590  C  C   . LEU A 1 66  ? 13.081  8.174   5.559   1.00 17.33  ? 70  LEU A C   1 
ATOM   591  O  O   . LEU A 1 66  ? 14.110  8.835   5.390   1.00 16.45  ? 70  LEU A O   1 
ATOM   592  C  CB  . LEU A 1 66  ? 10.861  9.226   5.108   1.00 17.02  ? 70  LEU A CB  1 
ATOM   593  C  CG  . LEU A 1 66  ? 10.220  10.278  4.188   1.00 21.61  ? 70  LEU A CG  1 
ATOM   594  C  CD1 . LEU A 1 66  ? 10.549  10.026  2.735   1.00 18.39  ? 70  LEU A CD1 1 
ATOM   595  C  CD2 . LEU A 1 66  ? 8.713   10.289  4.424   1.00 18.59  ? 70  LEU A CD2 1 
ATOM   596  N  N   . LYS A 1 67  ? 12.908  7.350   6.587   1.00 17.65  ? 71  LYS A N   1 
ATOM   597  C  CA  . LYS A 1 67  ? 13.934  7.158   7.607   1.00 18.74  ? 71  LYS A CA  1 
ATOM   598  C  C   . LYS A 1 67  ? 15.168  6.511   6.984   1.00 17.42  ? 71  LYS A C   1 
ATOM   599  O  O   . LYS A 1 67  ? 16.299  6.928   7.234   1.00 15.69  ? 71  LYS A O   1 
ATOM   600  C  CB  . LYS A 1 67  ? 13.398  6.255   8.721   1.00 22.29  ? 71  LYS A CB  1 
ATOM   601  C  CG  . LYS A 1 67  ? 14.285  6.191   9.946   1.00 28.26  ? 71  LYS A CG  1 
ATOM   602  C  CD  . LYS A 1 67  ? 14.286  7.535   10.672  1.00 35.00  ? 71  LYS A CD  1 
ATOM   603  C  CE  . LYS A 1 67  ? 15.091  7.471   11.965  1.00 38.52  ? 71  LYS A CE  1 
ATOM   604  N  NZ  . LYS A 1 67  ? 14.986  8.742   12.746  1.00 41.39  ? 71  LYS A NZ  1 
ATOM   605  N  N   . MET A 1 68  ? 14.938  5.484   6.174   1.00 16.47  ? 72  MET A N   1 
ATOM   606  C  CA  . MET A 1 68  ? 16.021  4.771   5.509   1.00 16.88  ? 72  MET A CA  1 
ATOM   607  C  C   . MET A 1 68  ? 16.786  5.718   4.578   1.00 16.78  ? 72  MET A C   1 
ATOM   608  O  O   . MET A 1 68  ? 18.021  5.710   4.548   1.00 15.00  ? 72  MET A O   1 
ATOM   609  C  CB  . MET A 1 68  ? 15.441  3.574   4.741   1.00 18.06  ? 72  MET A CB  1 
ATOM   610  C  CG  . MET A 1 68  ? 16.470  2.684   4.066   1.00 20.05  ? 72  MET A CG  1 
ATOM   611  S  SD  . MET A 1 68  ? 16.860  3.242   2.405   1.00 24.60  ? 72  MET A SD  1 
ATOM   612  C  CE  . MET A 1 68  ? 15.581  2.432   1.493   1.00 21.79  ? 72  MET A CE  1 
ATOM   613  N  N   . GLN A 1 69  ? 16.047  6.541   3.836   1.00 15.74  ? 73  GLN A N   1 
ATOM   614  C  CA  . GLN A 1 69  ? 16.647  7.512   2.921   1.00 15.69  ? 73  GLN A CA  1 
ATOM   615  C  C   . GLN A 1 69  ? 17.675  8.370   3.685   1.00 15.88  ? 73  GLN A C   1 
ATOM   616  O  O   . GLN A 1 69  ? 18.804  8.569   3.221   1.00 15.34  ? 73  GLN A O   1 
ATOM   617  C  CB  . GLN A 1 69  ? 15.546  8.402   2.322   1.00 15.40  ? 73  GLN A CB  1 
ATOM   618  C  CG  . GLN A 1 69  ? 16.000  9.414   1.258   1.00 16.92  ? 73  GLN A CG  1 
ATOM   619  C  CD  . GLN A 1 69  ? 16.356  8.772   -0.080  1.00 18.06  ? 73  GLN A CD  1 
ATOM   620  O  OE1 . GLN A 1 69  ? 17.347  8.048   -0.193  1.00 20.99  ? 73  GLN A OE1 1 
ATOM   621  N  NE2 . GLN A 1 69  ? 15.543  9.038   -1.101  1.00 16.83  ? 73  GLN A NE2 1 
ATOM   622  N  N   . ASN A 1 70  ? 17.285  8.868   4.857   1.00 14.90  ? 74  ASN A N   1 
ATOM   623  C  CA  . ASN A 1 70  ? 18.181  9.682   5.677   1.00 14.96  ? 74  ASN A CA  1 
ATOM   624  C  C   . ASN A 1 70  ? 19.346  8.870   6.237   1.00 14.81  ? 74  ASN A C   1 
ATOM   625  O  O   . ASN A 1 70  ? 20.464  9.375   6.356   1.00 14.18  ? 74  ASN A O   1 
ATOM   626  C  CB  . ASN A 1 70  ? 17.422  10.337  6.837   1.00 16.04  ? 74  ASN A CB  1 
ATOM   627  C  CG  . ASN A 1 70  ? 16.760  11.638  6.436   1.00 18.17  ? 74  ASN A CG  1 
ATOM   628  O  OD1 . ASN A 1 70  ? 16.931  12.112  5.312   1.00 21.01  ? 74  ASN A OD1 1 
ATOM   629  N  ND2 . ASN A 1 70  ? 16.010  12.230  7.355   1.00 18.09  ? 74  ASN A ND2 1 
ATOM   630  N  N   . GLN A 1 71  ? 19.091  7.615   6.589   1.00 14.05  ? 75  GLN A N   1 
ATOM   631  C  CA  . GLN A 1 71  ? 20.157  6.778   7.124   1.00 17.87  ? 75  GLN A CA  1 
ATOM   632  C  C   . GLN A 1 71  ? 21.248  6.482   6.093   1.00 17.29  ? 75  GLN A C   1 
ATOM   633  O  O   . GLN A 1 71  ? 22.410  6.327   6.457   1.00 18.35  ? 75  GLN A O   1 
ATOM   634  C  CB  . GLN A 1 71  ? 19.595  5.462   7.659   1.00 18.73  ? 75  GLN A CB  1 
ATOM   635  C  CG  . GLN A 1 71  ? 18.743  5.621   8.890   1.00 25.68  ? 75  GLN A CG  1 
ATOM   636  C  CD  . GLN A 1 71  ? 18.229  4.302   9.400   1.00 31.19  ? 75  GLN A CD  1 
ATOM   637  O  OE1 . GLN A 1 71  ? 17.612  3.534   8.656   1.00 35.63  ? 75  GLN A OE1 1 
ATOM   638  N  NE2 . GLN A 1 71  ? 18.475  4.024   10.674  1.00 34.33  ? 75  GLN A NE2 1 
ATOM   639  N  N   . ARG A 1 72  ? 20.878  6.405   4.816   1.00 16.67  ? 76  ARG A N   1 
ATOM   640  C  CA  . ARG A 1 72  ? 21.857  6.120   3.766   1.00 16.70  ? 76  ARG A CA  1 
ATOM   641  C  C   . ARG A 1 72  ? 22.518  7.392   3.245   1.00 17.76  ? 76  ARG A C   1 
ATOM   642  O  O   . ARG A 1 72  ? 23.483  7.328   2.479   1.00 18.44  ? 76  ARG A O   1 
ATOM   643  C  CB  . ARG A 1 72  ? 21.202  5.378   2.588   1.00 16.89  ? 76  ARG A CB  1 
ATOM   644  C  CG  . ARG A 1 72  ? 20.708  3.958   2.895   1.00 16.54  ? 76  ARG A CG  1 
ATOM   645  C  CD  . ARG A 1 72  ? 21.831  3.061   3.427   1.00 17.04  ? 76  ARG A CD  1 
ATOM   646  N  NE  . ARG A 1 72  ? 22.928  2.877   2.475   1.00 15.09  ? 76  ARG A NE  1 
ATOM   647  C  CZ  . ARG A 1 72  ? 22.890  2.067   1.418   1.00 16.46  ? 76  ARG A CZ  1 
ATOM   648  N  NH1 . ARG A 1 72  ? 21.800  1.349   1.156   1.00 15.84  ? 76  ARG A NH1 1 
ATOM   649  N  NH2 . ARG A 1 72  ? 23.955  1.961   0.630   1.00 13.99  ? 76  ARG A NH2 1 
ATOM   650  N  N   . GLY A 1 73  ? 22.000  8.546   3.651   1.00 16.69  ? 77  GLY A N   1 
ATOM   651  C  CA  . GLY A 1 73  ? 22.573  9.799   3.195   1.00 18.22  ? 77  GLY A CA  1 
ATOM   652  C  C   . GLY A 1 73  ? 21.882  10.362  1.966   1.00 20.29  ? 77  GLY A C   1 
ATOM   653  O  O   . GLY A 1 73  ? 22.369  11.308  1.352   1.00 20.65  ? 77  GLY A O   1 
ATOM   654  N  N   . GLY A 1 74  ? 20.748  9.774   1.598   1.00 20.52  ? 78  GLY A N   1 
ATOM   655  C  CA  . GLY A 1 74  ? 20.009  10.265  0.451   1.00 20.06  ? 78  GLY A CA  1 
ATOM   656  C  C   . GLY A 1 74  ? 19.189  11.476  0.857   1.00 19.70  ? 78  GLY A C   1 
ATOM   657  O  O   . GLY A 1 74  ? 19.107  11.799  2.040   1.00 19.27  ? 78  GLY A O   1 
ATOM   658  N  N   A ARG A 1 75  ? 18.603  12.167  -0.116  0.50 19.47  ? 79  ARG A N   1 
ATOM   659  N  N   B ARG A 1 75  ? 18.584  12.147  -0.114  0.50 19.13  ? 79  ARG A N   1 
ATOM   660  C  CA  A ARG A 1 75  ? 17.779  13.332  0.185   0.50 20.40  ? 79  ARG A CA  1 
ATOM   661  C  CA  B ARG A 1 75  ? 17.768  13.311  0.183   0.50 19.79  ? 79  ARG A CA  1 
ATOM   662  C  C   A ARG A 1 75  ? 16.356  13.119  -0.326  0.50 20.53  ? 79  ARG A C   1 
ATOM   663  C  C   B ARG A 1 75  ? 16.350  13.124  -0.332  0.50 20.15  ? 79  ARG A C   1 
ATOM   664  O  O   A ARG A 1 75  ? 16.137  12.850  -1.508  0.50 19.52  ? 79  ARG A O   1 
ATOM   665  O  O   B ARG A 1 75  ? 16.125  12.880  -1.518  0.50 19.18  ? 79  ARG A O   1 
ATOM   666  C  CB  A ARG A 1 75  ? 18.361  14.604  -0.444  0.50 21.43  ? 79  ARG A CB  1 
ATOM   667  C  CB  B ARG A 1 75  ? 18.401  14.566  -0.414  0.50 20.13  ? 79  ARG A CB  1 
ATOM   668  C  CG  A ARG A 1 75  ? 19.704  15.059  0.133   0.50 24.71  ? 79  ARG A CG  1 
ATOM   669  C  CG  B ARG A 1 75  ? 19.664  14.987  0.322   0.50 22.07  ? 79  ARG A CG  1 
ATOM   670  C  CD  A ARG A 1 75  ? 19.933  16.546  -0.151  0.50 26.16  ? 79  ARG A CD  1 
ATOM   671  C  CD  B ARG A 1 75  ? 19.340  15.377  1.757   0.50 22.60  ? 79  ARG A CD  1 
ATOM   672  N  NE  A ARG A 1 75  ? 21.298  16.998  0.124   0.50 28.35  ? 79  ARG A NE  1 
ATOM   673  N  NE  B ARG A 1 75  ? 20.539  15.592  2.562   0.50 23.36  ? 79  ARG A NE  1 
ATOM   674  C  CZ  A ARG A 1 75  ? 21.916  16.885  1.298   0.50 29.90  ? 79  ARG A CZ  1 
ATOM   675  C  CZ  B ARG A 1 75  ? 21.016  14.723  3.449   0.50 22.41  ? 79  ARG A CZ  1 
ATOM   676  N  NH1 A ARG A 1 75  ? 21.300  16.325  2.332   0.50 30.49  ? 79  ARG A NH1 1 
ATOM   677  N  NH1 B ARG A 1 75  ? 20.398  13.565  3.660   0.50 19.06  ? 79  ARG A NH1 1 
ATOM   678  N  NH2 A ARG A 1 75  ? 23.154  17.341  1.440   0.50 29.43  ? 79  ARG A NH2 1 
ATOM   679  N  NH2 B ARG A 1 75  ? 22.110  15.021  4.133   0.50 21.70  ? 79  ARG A NH2 1 
ATOM   680  N  N   . ALA A 1 76  ? 15.393  13.229  0.580   1.00 19.87  ? 80  ALA A N   1 
ATOM   681  C  CA  . ALA A 1 76  ? 13.995  13.058  0.224   1.00 22.02  ? 80  ALA A CA  1 
ATOM   682  C  C   . ALA A 1 76  ? 13.502  14.249  -0.585  1.00 23.09  ? 80  ALA A C   1 
ATOM   683  O  O   . ALA A 1 76  ? 13.784  15.397  -0.250  1.00 23.72  ? 80  ALA A O   1 
ATOM   684  C  CB  . ALA A 1 76  ? 13.152  12.903  1.488   1.00 21.66  ? 80  ALA A CB  1 
ATOM   685  N  N   . LEU A 1 77  ? 12.784  13.963  -1.664  1.00 23.66  ? 81  LEU A N   1 
ATOM   686  C  CA  . LEU A 1 77  ? 12.207  14.998  -2.512  1.00 25.12  ? 81  LEU A CA  1 
ATOM   687  C  C   . LEU A 1 77  ? 10.732  14.659  -2.617  1.00 25.27  ? 81  LEU A C   1 
ATOM   688  O  O   . LEU A 1 77  ? 10.377  13.543  -2.986  1.00 25.21  ? 81  LEU A O   1 
ATOM   689  C  CB  . LEU A 1 77  ? 12.844  14.995  -3.905  1.00 26.55  ? 81  LEU A CB  1 
ATOM   690  C  CG  . LEU A 1 77  ? 14.296  15.477  -3.987  1.00 29.40  ? 81  LEU A CG  1 
ATOM   691  C  CD1 . LEU A 1 77  ? 14.768  15.411  -5.434  1.00 30.78  ? 81  LEU A CD1 1 
ATOM   692  C  CD2 . LEU A 1 77  ? 14.401  16.903  -3.457  1.00 29.46  ? 81  LEU A CD2 1 
ATOM   693  N  N   . PHE A 1 78  ? 9.877   15.617  -2.285  1.00 23.54  ? 82  PHE A N   1 
ATOM   694  C  CA  . PHE A 1 78  ? 8.438   15.392  -2.320  1.00 24.40  ? 82  PHE A CA  1 
ATOM   695  C  C   . PHE A 1 78  ? 7.766   15.971  -3.556  1.00 24.73  ? 82  PHE A C   1 
ATOM   696  O  O   . PHE A 1 78  ? 8.171   17.012  -4.071  1.00 24.31  ? 82  PHE A O   1 
ATOM   697  C  CB  . PHE A 1 78  ? 7.800   15.978  -1.057  1.00 23.96  ? 82  PHE A CB  1 
ATOM   698  C  CG  . PHE A 1 78  ? 8.305   15.354  0.211   1.00 25.21  ? 82  PHE A CG  1 
ATOM   699  C  CD1 . PHE A 1 78  ? 7.849   14.100  0.615   1.00 25.02  ? 82  PHE A CD1 1 
ATOM   700  C  CD2 . PHE A 1 78  ? 9.263   16.000  0.986   1.00 24.49  ? 82  PHE A CD2 1 
ATOM   701  C  CE1 . PHE A 1 78  ? 8.343   13.496  1.775   1.00 25.05  ? 82  PHE A CE1 1 
ATOM   702  C  CE2 . PHE A 1 78  ? 9.763   15.410  2.145   1.00 25.17  ? 82  PHE A CE2 1 
ATOM   703  C  CZ  . PHE A 1 78  ? 9.301   14.155  2.540   1.00 24.94  ? 82  PHE A CZ  1 
ATOM   704  N  N   . GLN A 1 79  ? 6.740   15.273  -4.029  1.00 25.22  ? 83  GLN A N   1 
ATOM   705  C  CA  . GLN A 1 79  ? 5.974   15.696  -5.197  1.00 25.35  ? 83  GLN A CA  1 
ATOM   706  C  C   . GLN A 1 79  ? 4.502   15.743  -4.801  1.00 23.56  ? 83  GLN A C   1 
ATOM   707  O  O   . GLN A 1 79  ? 4.127   15.256  -3.735  1.00 21.77  ? 83  GLN A O   1 
ATOM   708  C  CB  . GLN A 1 79  ? 6.145   14.693  -6.342  1.00 27.87  ? 83  GLN A CB  1 
ATOM   709  C  CG  . GLN A 1 79  ? 7.573   14.521  -6.843  1.00 33.79  ? 83  GLN A CG  1 
ATOM   710  C  CD  . GLN A 1 79  ? 8.189   15.828  -7.310  1.00 38.01  ? 83  GLN A CD  1 
ATOM   711  O  OE1 . GLN A 1 79  ? 7.571   16.589  -8.057  1.00 39.59  ? 83  GLN A OE1 1 
ATOM   712  N  NE2 . GLN A 1 79  ? 9.418   16.091  -6.876  1.00 41.61  ? 83  GLN A NE2 1 
ATOM   713  N  N   . ASP A 1 80  ? 3.676   16.330  -5.660  1.00 22.44  ? 84  ASP A N   1 
ATOM   714  C  CA  . ASP A 1 80  ? 2.242   16.405  -5.406  1.00 21.96  ? 84  ASP A CA  1 
ATOM   715  C  C   . ASP A 1 80  ? 1.711   14.992  -5.212  1.00 21.46  ? 84  ASP A C   1 
ATOM   716  O  O   . ASP A 1 80  ? 2.237   14.034  -5.782  1.00 19.25  ? 84  ASP A O   1 
ATOM   717  C  CB  . ASP A 1 80  ? 1.505   17.024  -6.598  1.00 23.09  ? 84  ASP A CB  1 
ATOM   718  C  CG  . ASP A 1 80  ? 1.774   18.503  -6.757  1.00 25.54  ? 84  ASP A CG  1 
ATOM   719  O  OD1 . ASP A 1 80  ? 1.323   19.070  -7.771  1.00 29.72  ? 84  ASP A OD1 1 
ATOM   720  O  OD2 . ASP A 1 80  ? 2.423   19.103  -5.878  1.00 27.21  ? 84  ASP A OD2 1 
ATOM   721  N  N   . ILE A 1 81  ? 0.667   14.862  -4.405  1.00 20.80  ? 85  ILE A N   1 
ATOM   722  C  CA  . ILE A 1 81  ? 0.054   13.564  -4.189  1.00 21.60  ? 85  ILE A CA  1 
ATOM   723  C  C   . ILE A 1 81  ? -1.262  13.560  -4.965  1.00 22.17  ? 85  ILE A C   1 
ATOM   724  O  O   . ILE A 1 81  ? -2.174  14.318  -4.649  1.00 22.45  ? 85  ILE A O   1 
ATOM   725  C  CB  . ILE A 1 81  ? -0.230  13.315  -2.695  1.00 20.56  ? 85  ILE A CB  1 
ATOM   726  C  CG1 . ILE A 1 81  ? 1.063   13.493  -1.887  1.00 18.87  ? 85  ILE A CG1 1 
ATOM   727  C  CG2 . ILE A 1 81  ? -0.804  11.906  -2.504  1.00 18.58  ? 85  ILE A CG2 1 
ATOM   728  C  CD1 . ILE A 1 81  ? 0.870   13.402  -0.381  1.00 19.81  ? 85  ILE A CD1 1 
ATOM   729  N  N   . LYS A 1 82  ? -1.344  12.721  -5.992  1.00 23.68  ? 86  LYS A N   1 
ATOM   730  C  CA  . LYS A 1 82  ? -2.544  12.626  -6.814  1.00 24.79  ? 86  LYS A CA  1 
ATOM   731  C  C   . LYS A 1 82  ? -3.723  12.102  -6.003  1.00 23.82  ? 86  LYS A C   1 
ATOM   732  O  O   . LYS A 1 82  ? -3.563  11.217  -5.161  1.00 22.76  ? 86  LYS A O   1 
ATOM   733  C  CB  . LYS A 1 82  ? -2.296  11.698  -8.004  1.00 28.09  ? 86  LYS A CB  1 
ATOM   734  C  CG  . LYS A 1 82  ? -1.166  12.148  -8.917  1.00 35.33  ? 86  LYS A CG  1 
ATOM   735  C  CD  . LYS A 1 82  ? -1.412  13.550  -9.468  1.00 38.57  ? 86  LYS A CD  1 
ATOM   736  C  CE  . LYS A 1 82  ? -0.244  14.006  -10.337 1.00 42.51  ? 86  LYS A CE  1 
ATOM   737  N  NZ  . LYS A 1 82  ? -0.426  15.399  -10.841 1.00 45.65  ? 86  LYS A NZ  1 
ATOM   738  N  N   . LYS A 1 83  ? -4.905  12.646  -6.264  1.00 22.42  ? 87  LYS A N   1 
ATOM   739  C  CA  . LYS A 1 83  ? -6.106  12.225  -5.557  1.00 22.93  ? 87  LYS A CA  1 
ATOM   740  C  C   . LYS A 1 83  ? -6.488  10.797  -5.940  1.00 22.32  ? 87  LYS A C   1 
ATOM   741  O  O   . LYS A 1 83  ? -6.076  10.295  -6.985  1.00 20.27  ? 87  LYS A O   1 
ATOM   742  C  CB  . LYS A 1 83  ? -7.270  13.165  -5.882  1.00 24.80  ? 87  LYS A CB  1 
ATOM   743  C  CG  . LYS A 1 83  ? -7.691  13.154  -7.339  1.00 27.15  ? 87  LYS A CG  1 
ATOM   744  C  CD  . LYS A 1 83  ? -8.932  14.009  -7.551  1.00 31.12  ? 87  LYS A CD  1 
ATOM   745  C  CE  . LYS A 1 83  ? -9.391  13.962  -9.000  1.00 34.02  ? 87  LYS A CE  1 
ATOM   746  N  NZ  . LYS A 1 83  ? -10.658 14.721  -9.213  1.00 37.18  ? 87  LYS A NZ  1 
ATOM   747  N  N   . PRO A 1 84  ? -7.272  10.117  -5.085  1.00 23.02  ? 88  PRO A N   1 
ATOM   748  C  CA  . PRO A 1 84  ? -7.690  8.739   -5.373  1.00 23.94  ? 88  PRO A CA  1 
ATOM   749  C  C   . PRO A 1 84  ? -8.380  8.661   -6.738  1.00 25.69  ? 88  PRO A C   1 
ATOM   750  O  O   . PRO A 1 84  ? -8.987  9.633   -7.193  1.00 24.23  ? 88  PRO A O   1 
ATOM   751  C  CB  . PRO A 1 84  ? -8.634  8.420   -4.217  1.00 24.21  ? 88  PRO A CB  1 
ATOM   752  C  CG  . PRO A 1 84  ? -8.063  9.238   -3.086  1.00 23.07  ? 88  PRO A CG  1 
ATOM   753  C  CD  . PRO A 1 84  ? -7.768  10.555  -3.769  1.00 22.14  ? 88  PRO A CD  1 
ATOM   754  N  N   . ALA A 1 85  ? -8.287  7.497   -7.374  1.00 26.66  ? 89  ALA A N   1 
ATOM   755  C  CA  . ALA A 1 85  ? -8.865  7.274   -8.697  1.00 27.68  ? 89  ALA A CA  1 
ATOM   756  C  C   . ALA A 1 85  ? -10.388 7.365   -8.749  1.00 28.98  ? 89  ALA A C   1 
ATOM   757  O  O   . ALA A 1 85  ? -10.961 7.665   -9.796  1.00 28.02  ? 89  ALA A O   1 
ATOM   758  C  CB  . ALA A 1 85  ? -8.411  5.915   -9.227  1.00 27.56  ? 89  ALA A CB  1 
ATOM   759  N  N   . GLU A 1 86  ? -11.044 7.109   -7.622  1.00 29.70  ? 90  GLU A N   1 
ATOM   760  C  CA  . GLU A 1 86  ? -12.500 7.154   -7.575  1.00 30.76  ? 90  GLU A CA  1 
ATOM   761  C  C   . GLU A 1 86  ? -12.996 8.071   -6.469  1.00 31.03  ? 90  GLU A C   1 
ATOM   762  O  O   . GLU A 1 86  ? -12.305 8.281   -5.473  1.00 29.86  ? 90  GLU A O   1 
ATOM   763  C  CB  . GLU A 1 86  ? -13.061 5.751   -7.324  1.00 32.65  ? 90  GLU A CB  1 
ATOM   764  C  CG  . GLU A 1 86  ? -12.637 4.697   -8.331  1.00 37.05  ? 90  GLU A CG  1 
ATOM   765  C  CD  . GLU A 1 86  ? -13.299 4.877   -9.676  1.00 40.26  ? 90  GLU A CD  1 
ATOM   766  O  OE1 . GLU A 1 86  ? -13.070 4.032   -10.569 1.00 43.88  ? 90  GLU A OE1 1 
ATOM   767  O  OE2 . GLU A 1 86  ? -14.049 5.863   -9.844  1.00 42.22  ? 90  GLU A OE2 1 
ATOM   768  N  N   . ASP A 1 87  ? -14.195 8.618   -6.653  1.00 31.82  ? 91  ASP A N   1 
ATOM   769  C  CA  . ASP A 1 87  ? -14.809 9.474   -5.645  1.00 32.22  ? 91  ASP A CA  1 
ATOM   770  C  C   . ASP A 1 87  ? -15.728 8.577   -4.815  1.00 31.71  ? 91  ASP A C   1 
ATOM   771  O  O   . ASP A 1 87  ? -15.877 8.763   -3.608  1.00 31.51  ? 91  ASP A O   1 
ATOM   772  C  CB  . ASP A 1 87  ? -15.621 10.595  -6.298  1.00 34.01  ? 91  ASP A CB  1 
ATOM   773  C  CG  . ASP A 1 87  ? -14.743 11.641  -6.956  1.00 36.66  ? 91  ASP A CG  1 
ATOM   774  O  OD1 . ASP A 1 87  ? -13.762 12.074  -6.317  1.00 37.53  ? 91  ASP A OD1 1 
ATOM   775  O  OD2 . ASP A 1 87  ? -15.036 12.038  -8.104  1.00 38.12  ? 91  ASP A OD2 1 
ATOM   776  N  N   . GLU A 1 88  ? -16.343 7.605   -5.484  1.00 29.62  ? 92  GLU A N   1 
ATOM   777  C  CA  . GLU A 1 88  ? -17.229 6.644   -4.838  1.00 30.53  ? 92  GLU A CA  1 
ATOM   778  C  C   . GLU A 1 88  ? -16.730 5.256   -5.222  1.00 28.61  ? 92  GLU A C   1 
ATOM   779  O  O   . GLU A 1 88  ? -16.335 5.029   -6.367  1.00 27.34  ? 92  GLU A O   1 
ATOM   780  C  CB  . GLU A 1 88  ? -18.680 6.867   -5.276  1.00 33.51  ? 92  GLU A CB  1 
ATOM   781  C  CG  . GLU A 1 88  ? -19.289 8.105   -4.620  1.00 38.59  ? 92  GLU A CG  1 
ATOM   782  C  CD  . GLU A 1 88  ? -20.763 8.289   -4.923  1.00 42.02  ? 92  GLU A CD  1 
ATOM   783  O  OE1 . GLU A 1 88  ? -21.383 9.182   -4.301  1.00 43.48  ? 92  GLU A OE1 1 
ATOM   784  O  OE2 . GLU A 1 88  ? -21.301 7.552   -5.781  1.00 43.12  ? 92  GLU A OE2 1 
ATOM   785  N  N   . TRP A 1 89  ? -16.755 4.329   -4.271  1.00 25.60  ? 93  TRP A N   1 
ATOM   786  C  CA  . TRP A 1 89  ? -16.209 3.004   -4.520  1.00 23.33  ? 93  TRP A CA  1 
ATOM   787  C  C   . TRP A 1 89  ? -17.137 1.808   -4.692  1.00 22.48  ? 93  TRP A C   1 
ATOM   788  O  O   . TRP A 1 89  ? -16.683 0.667   -4.627  1.00 23.89  ? 93  TRP A O   1 
ATOM   789  C  CB  . TRP A 1 89  ? -15.180 2.695   -3.433  1.00 22.07  ? 93  TRP A CB  1 
ATOM   790  C  CG  . TRP A 1 89  ? -14.137 3.770   -3.287  1.00 20.54  ? 93  TRP A CG  1 
ATOM   791  C  CD1 . TRP A 1 89  ? -14.205 4.879   -2.491  1.00 20.71  ? 93  TRP A CD1 1 
ATOM   792  C  CD2 . TRP A 1 89  ? -12.882 3.844   -3.974  1.00 19.73  ? 93  TRP A CD2 1 
ATOM   793  N  NE1 . TRP A 1 89  ? -13.067 5.640   -2.639  1.00 20.36  ? 93  TRP A NE1 1 
ATOM   794  C  CE2 . TRP A 1 89  ? -12.240 5.029   -3.545  1.00 20.24  ? 93  TRP A CE2 1 
ATOM   795  C  CE3 . TRP A 1 89  ? -12.238 3.027   -4.914  1.00 19.22  ? 93  TRP A CE3 1 
ATOM   796  C  CZ2 . TRP A 1 89  ? -10.981 5.416   -4.022  1.00 19.74  ? 93  TRP A CZ2 1 
ATOM   797  C  CZ3 . TRP A 1 89  ? -10.987 3.412   -5.390  1.00 20.34  ? 93  TRP A CZ3 1 
ATOM   798  C  CH2 . TRP A 1 89  ? -10.373 4.597   -4.943  1.00 20.50  ? 93  TRP A CH2 1 
ATOM   799  N  N   . GLY A 1 90  ? -18.423 2.052   -4.911  1.00 21.59  ? 94  GLY A N   1 
ATOM   800  C  CA  . GLY A 1 90  ? -19.352 0.951   -5.104  1.00 20.70  ? 94  GLY A CA  1 
ATOM   801  C  C   . GLY A 1 90  ? -19.624 0.126   -3.860  1.00 22.14  ? 94  GLY A C   1 
ATOM   802  O  O   . GLY A 1 90  ? -19.796 0.663   -2.764  1.00 21.81  ? 94  GLY A O   1 
ATOM   803  N  N   . LYS A 1 91  ? -19.662 -1.190  -4.026  1.00 21.52  ? 95  LYS A N   1 
ATOM   804  C  CA  . LYS A 1 91  ? -19.923 -2.083  -2.905  1.00 21.82  ? 95  LYS A CA  1 
ATOM   805  C  C   . LYS A 1 91  ? -18.641 -2.744  -2.415  1.00 20.11  ? 95  LYS A C   1 
ATOM   806  O  O   . LYS A 1 91  ? -17.584 -2.582  -3.026  1.00 20.45  ? 95  LYS A O   1 
ATOM   807  C  CB  . LYS A 1 91  ? -20.970 -3.114  -3.318  1.00 24.43  ? 95  LYS A CB  1 
ATOM   808  C  CG  . LYS A 1 91  ? -22.277 -2.435  -3.705  1.00 27.66  ? 95  LYS A CG  1 
ATOM   809  C  CD  . LYS A 1 91  ? -23.314 -3.384  -4.255  1.00 30.55  ? 95  LYS A CD  1 
ATOM   810  C  CE  . LYS A 1 91  ? -24.587 -2.614  -4.582  1.00 32.33  ? 95  LYS A CE  1 
ATOM   811  N  NZ  . LYS A 1 91  ? -25.626 -3.478  -5.203  1.00 36.74  ? 95  LYS A NZ  1 
ATOM   812  N  N   . THR A 1 92  ? -18.733 -3.479  -1.312  1.00 18.09  ? 96  THR A N   1 
ATOM   813  C  CA  . THR A 1 92  ? -17.559 -4.121  -0.731  1.00 17.56  ? 96  THR A CA  1 
ATOM   814  C  C   . THR A 1 92  ? -16.709 -4.908  -1.729  1.00 17.49  ? 96  THR A C   1 
ATOM   815  O  O   . THR A 1 92  ? -15.493 -4.752  -1.757  1.00 17.86  ? 96  THR A O   1 
ATOM   816  C  CB  . THR A 1 92  ? -17.949 -5.030  0.465   1.00 16.33  ? 96  THR A CB  1 
ATOM   817  O  OG1 . THR A 1 92  ? -18.727 -4.273  1.400   1.00 16.02  ? 96  THR A OG1 1 
ATOM   818  C  CG2 . THR A 1 92  ? -16.700 -5.527  1.188   1.00 16.34  ? 96  THR A CG2 1 
ATOM   819  N  N   . PRO A 1 93  ? -17.331 -5.762  -2.562  1.00 18.40  ? 97  PRO A N   1 
ATOM   820  C  CA  . PRO A 1 93  ? -16.522 -6.518  -3.524  1.00 19.23  ? 97  PRO A CA  1 
ATOM   821  C  C   . PRO A 1 93  ? -15.750 -5.580  -4.456  1.00 19.25  ? 97  PRO A C   1 
ATOM   822  O  O   . PRO A 1 93  ? -14.571 -5.800  -4.732  1.00 19.64  ? 97  PRO A O   1 
ATOM   823  C  CB  . PRO A 1 93  ? -17.563 -7.351  -4.276  1.00 20.36  ? 97  PRO A CB  1 
ATOM   824  C  CG  . PRO A 1 93  ? -18.650 -7.526  -3.268  1.00 21.22  ? 97  PRO A CG  1 
ATOM   825  C  CD  . PRO A 1 93  ? -18.746 -6.156  -2.644  1.00 18.72  ? 97  PRO A CD  1 
ATOM   826  N  N   . ASP A 1 94  ? -16.419 -4.533  -4.927  1.00 18.53  ? 98  ASP A N   1 
ATOM   827  C  CA  . ASP A 1 94  ? -15.795 -3.554  -5.817  1.00 19.25  ? 98  ASP A CA  1 
ATOM   828  C  C   . ASP A 1 94  ? -14.585 -2.902  -5.158  1.00 17.97  ? 98  ASP A C   1 
ATOM   829  O  O   . ASP A 1 94  ? -13.524 -2.778  -5.766  1.00 17.43  ? 98  ASP A O   1 
ATOM   830  C  CB  . ASP A 1 94  ? -16.797 -2.456  -6.187  1.00 20.60  ? 98  ASP A CB  1 
ATOM   831  C  CG  . ASP A 1 94  ? -18.065 -3.009  -6.805  1.00 23.10  ? 98  ASP A CG  1 
ATOM   832  O  OD1 . ASP A 1 94  ? -19.162 -2.659  -6.324  1.00 26.67  ? 98  ASP A OD1 1 
ATOM   833  O  OD2 . ASP A 1 94  ? -17.966 -3.789  -7.772  1.00 25.91  ? 98  ASP A OD2 1 
ATOM   834  N  N   . ALA A 1 95  ? -14.762 -2.476  -3.910  1.00 17.01  ? 99  ALA A N   1 
ATOM   835  C  CA  . ALA A 1 95  ? -13.699 -1.816  -3.163  1.00 17.23  ? 99  ALA A CA  1 
ATOM   836  C  C   . ALA A 1 95  ? -12.529 -2.758  -2.880  1.00 17.16  ? 99  ALA A C   1 
ATOM   837  O  O   . ALA A 1 95  ? -11.366 -2.353  -2.941  1.00 18.61  ? 99  ALA A O   1 
ATOM   838  C  CB  . ALA A 1 95  ? -14.257 -1.259  -1.855  1.00 15.99  ? 99  ALA A CB  1 
ATOM   839  N  N   . MET A 1 96  ? -12.838 -4.013  -2.575  1.00 17.13  ? 100 MET A N   1 
ATOM   840  C  CA  . MET A 1 96  ? -11.802 -4.998  -2.287  1.00 19.31  ? 100 MET A CA  1 
ATOM   841  C  C   . MET A 1 96  ? -10.980 -5.283  -3.556  1.00 19.86  ? 100 MET A C   1 
ATOM   842  O  O   . MET A 1 96  ? -9.768  -5.513  -3.483  1.00 18.02  ? 100 MET A O   1 
ATOM   843  C  CB  . MET A 1 96  ? -12.441 -6.290  -1.764  1.00 20.68  ? 100 MET A CB  1 
ATOM   844  C  CG  . MET A 1 96  ? -11.518 -7.151  -0.908  1.00 25.00  ? 100 MET A CG  1 
ATOM   845  S  SD  . MET A 1 96  ? -10.994 -6.315  0.622   1.00 29.54  ? 100 MET A SD  1 
ATOM   846  C  CE  . MET A 1 96  ? -12.426 -6.564  1.663   1.00 27.14  ? 100 MET A CE  1 
ATOM   847  N  N   . LYS A 1 97  ? -11.638 -5.269  -4.713  1.00 19.11  ? 101 LYS A N   1 
ATOM   848  C  CA  . LYS A 1 97  ? -10.936 -5.511  -5.974  1.00 22.19  ? 101 LYS A CA  1 
ATOM   849  C  C   . LYS A 1 97  ? -9.982  -4.361  -6.252  1.00 20.70  ? 101 LYS A C   1 
ATOM   850  O  O   . LYS A 1 97  ? -8.855  -4.575  -6.691  1.00 22.06  ? 101 LYS A O   1 
ATOM   851  C  CB  . LYS A 1 97  ? -11.916 -5.651  -7.141  1.00 24.98  ? 101 LYS A CB  1 
ATOM   852  C  CG  . LYS A 1 97  ? -12.667 -6.970  -7.168  1.00 31.78  ? 101 LYS A CG  1 
ATOM   853  C  CD  . LYS A 1 97  ? -13.590 -7.054  -8.378  1.00 35.69  ? 101 LYS A CD  1 
ATOM   854  C  CE  . LYS A 1 97  ? -14.437 -8.320  -8.342  1.00 39.52  ? 101 LYS A CE  1 
ATOM   855  N  NZ  . LYS A 1 97  ? -15.321 -8.432  -9.544  1.00 42.59  ? 101 LYS A NZ  1 
ATOM   856  N  N   . ALA A 1 98  ? -10.444 -3.139  -5.999  1.00 19.45  ? 102 ALA A N   1 
ATOM   857  C  CA  . ALA A 1 98  ? -9.617  -1.955  -6.202  1.00 19.75  ? 102 ALA A CA  1 
ATOM   858  C  C   . ALA A 1 98  ? -8.413  -2.001  -5.260  1.00 17.84  ? 102 ALA A C   1 
ATOM   859  O  O   . ALA A 1 98  ? -7.298  -1.675  -5.654  1.00 17.54  ? 102 ALA A O   1 
ATOM   860  C  CB  . ALA A 1 98  ? -10.440 -0.686  -5.950  1.00 17.76  ? 102 ALA A CB  1 
ATOM   861  N  N   . ALA A 1 99  ? -8.647  -2.406  -4.014  1.00 18.41  ? 103 ALA A N   1 
ATOM   862  C  CA  . ALA A 1 99  ? -7.574  -2.499  -3.023  1.00 18.11  ? 103 ALA A CA  1 
ATOM   863  C  C   . ALA A 1 99  ? -6.540  -3.535  -3.457  1.00 18.52  ? 103 ALA A C   1 
ATOM   864  O  O   . ALA A 1 99  ? -5.331  -3.330  -3.308  1.00 18.84  ? 103 ALA A O   1 
ATOM   865  C  CB  . ALA A 1 99  ? -8.151  -2.879  -1.661  1.00 17.88  ? 103 ALA A CB  1 
ATOM   866  N  N   . MET A 1 100 ? -7.031  -4.652  -3.982  1.00 19.23  ? 104 MET A N   1 
ATOM   867  C  CA  . MET A 1 100 ? -6.182  -5.734  -4.463  1.00 20.42  ? 104 MET A CA  1 
ATOM   868  C  C   . MET A 1 100 ? -5.288  -5.225  -5.595  1.00 19.63  ? 104 MET A C   1 
ATOM   869  O  O   . MET A 1 100 ? -4.077  -5.459  -5.601  1.00 18.71  ? 104 MET A O   1 
ATOM   870  C  CB  . MET A 1 100 ? -7.054  -6.879  -4.982  1.00 24.10  ? 104 MET A CB  1 
ATOM   871  C  CG  . MET A 1 100 ? -6.293  -7.982  -5.691  1.00 28.83  ? 104 MET A CG  1 
ATOM   872  S  SD  . MET A 1 100 ? -5.324  -8.969  -4.550  1.00 35.30  ? 104 MET A SD  1 
ATOM   873  C  CE  . MET A 1 100 ? -6.453  -10.315 -4.260  1.00 30.13  ? 104 MET A CE  1 
ATOM   874  N  N   . ALA A 1 101 ? -5.899  -4.533  -6.553  1.00 17.69  ? 105 ALA A N   1 
ATOM   875  C  CA  . ALA A 1 101 ? -5.165  -3.988  -7.691  1.00 18.37  ? 105 ALA A CA  1 
ATOM   876  C  C   . ALA A 1 101 ? -4.087  -3.017  -7.207  1.00 18.31  ? 105 ALA A C   1 
ATOM   877  O  O   . ALA A 1 101 ? -2.969  -3.006  -7.720  1.00 18.24  ? 105 ALA A O   1 
ATOM   878  C  CB  . ALA A 1 101 ? -6.125  -3.280  -8.640  1.00 16.77  ? 105 ALA A CB  1 
ATOM   879  N  N   . LEU A 1 102 ? -4.432  -2.208  -6.210  1.00 17.29  ? 106 LEU A N   1 
ATOM   880  C  CA  . LEU A 1 102 ? -3.495  -1.245  -5.652  1.00 16.84  ? 106 LEU A CA  1 
ATOM   881  C  C   . LEU A 1 102 ? -2.304  -1.960  -5.002  1.00 16.59  ? 106 LEU A C   1 
ATOM   882  O  O   . LEU A 1 102 ? -1.150  -1.609  -5.248  1.00 15.92  ? 106 LEU A O   1 
ATOM   883  C  CB  . LEU A 1 102 ? -4.206  -0.373  -4.620  1.00 17.38  ? 106 LEU A CB  1 
ATOM   884  C  CG  . LEU A 1 102 ? -3.390  0.669   -3.856  1.00 20.21  ? 106 LEU A CG  1 
ATOM   885  C  CD1 . LEU A 1 102 ? -2.810  1.690   -4.817  1.00 20.11  ? 106 LEU A CD1 1 
ATOM   886  C  CD2 . LEU A 1 102 ? -4.295  1.355   -2.840  1.00 21.24  ? 106 LEU A CD2 1 
ATOM   887  N  N   . GLU A 1 103 ? -2.581  -2.967  -4.179  1.00 15.72  ? 107 GLU A N   1 
ATOM   888  C  CA  . GLU A 1 103 ? -1.500  -3.688  -3.520  1.00 16.50  ? 107 GLU A CA  1 
ATOM   889  C  C   . GLU A 1 103 ? -0.571  -4.377  -4.521  1.00 17.11  ? 107 GLU A C   1 
ATOM   890  O  O   . GLU A 1 103 ? 0.637   -4.414  -4.311  1.00 18.42  ? 107 GLU A O   1 
ATOM   891  C  CB  . GLU A 1 103 ? -2.046  -4.713  -2.523  1.00 14.88  ? 107 GLU A CB  1 
ATOM   892  C  CG  . GLU A 1 103 ? -2.718  -4.117  -1.276  1.00 16.04  ? 107 GLU A CG  1 
ATOM   893  C  CD  . GLU A 1 103 ? -1.861  -3.085  -0.545  1.00 18.52  ? 107 GLU A CD  1 
ATOM   894  O  OE1 . GLU A 1 103 ? -0.632  -3.270  -0.427  1.00 18.15  ? 107 GLU A OE1 1 
ATOM   895  O  OE2 . GLU A 1 103 ? -2.428  -2.082  -0.064  1.00 21.30  ? 107 GLU A OE2 1 
ATOM   896  N  N   . LYS A 1 104 ? -1.122  -4.919  -5.604  1.00 17.37  ? 108 LYS A N   1 
ATOM   897  C  CA  . LYS A 1 104 ? -0.275  -5.569  -6.604  1.00 19.69  ? 108 LYS A CA  1 
ATOM   898  C  C   . LYS A 1 104 ? 0.654   -4.551  -7.262  1.00 18.73  ? 108 LYS A C   1 
ATOM   899  O  O   . LYS A 1 104 ? 1.797   -4.865  -7.582  1.00 18.70  ? 108 LYS A O   1 
ATOM   900  C  CB  . LYS A 1 104 ? -1.120  -6.270  -7.670  1.00 20.68  ? 108 LYS A CB  1 
ATOM   901  C  CG  . LYS A 1 104 ? -1.707  -7.593  -7.212  1.00 25.04  ? 108 LYS A CG  1 
ATOM   902  C  CD  . LYS A 1 104 ? -2.507  -8.242  -8.325  1.00 30.13  ? 108 LYS A CD  1 
ATOM   903  C  CE  . LYS A 1 104 ? -2.984  -9.626  -7.928  1.00 32.04  ? 108 LYS A CE  1 
ATOM   904  N  NZ  . LYS A 1 104 ? -3.803  -10.238 -9.010  1.00 36.72  ? 108 LYS A NZ  1 
ATOM   905  N  N   . LYS A 1 105 ? 0.158   -3.331  -7.455  1.00 19.17  ? 109 LYS A N   1 
ATOM   906  C  CA  . LYS A 1 105 ? 0.957   -2.264  -8.053  1.00 20.21  ? 109 LYS A CA  1 
ATOM   907  C  C   . LYS A 1 105 ? 2.106   -1.911  -7.108  1.00 19.47  ? 109 LYS A C   1 
ATOM   908  O  O   . LYS A 1 105 ? 3.244   -1.727  -7.538  1.00 17.29  ? 109 LYS A O   1 
ATOM   909  C  CB  . LYS A 1 105 ? 0.092   -1.027  -8.297  1.00 22.99  ? 109 LYS A CB  1 
ATOM   910  C  CG  . LYS A 1 105 ? 0.857   0.161   -8.859  1.00 29.99  ? 109 LYS A CG  1 
ATOM   911  C  CD  . LYS A 1 105 ? -0.047  1.379   -9.029  1.00 35.45  ? 109 LYS A CD  1 
ATOM   912  C  CE  . LYS A 1 105 ? 0.723   2.552   -9.616  1.00 39.47  ? 109 LYS A CE  1 
ATOM   913  N  NZ  . LYS A 1 105 ? -0.154  3.741   -9.836  1.00 42.78  ? 109 LYS A NZ  1 
ATOM   914  N  N   . LEU A 1 106 ? 1.795   -1.818  -5.818  1.00 17.98  ? 110 LEU A N   1 
ATOM   915  C  CA  . LEU A 1 106 ? 2.796   -1.506  -4.803  1.00 18.43  ? 110 LEU A CA  1 
ATOM   916  C  C   . LEU A 1 106 ? 3.832   -2.636  -4.732  1.00 17.38  ? 110 LEU A C   1 
ATOM   917  O  O   . LEU A 1 106 ? 5.042   -2.393  -4.688  1.00 15.89  ? 110 LEU A O   1 
ATOM   918  C  CB  . LEU A 1 106 ? 2.117   -1.340  -3.439  1.00 20.63  ? 110 LEU A CB  1 
ATOM   919  C  CG  . LEU A 1 106 ? 2.212   0.010   -2.720  1.00 25.46  ? 110 LEU A CG  1 
ATOM   920  C  CD1 . LEU A 1 106 ? 1.833   1.149   -3.652  1.00 26.19  ? 110 LEU A CD1 1 
ATOM   921  C  CD2 . LEU A 1 106 ? 1.293   -0.014  -1.505  1.00 25.52  ? 110 LEU A CD2 1 
ATOM   922  N  N   . ASN A 1 107 ? 3.350   -3.876  -4.723  1.00 14.70  ? 111 ASN A N   1 
ATOM   923  C  CA  . ASN A 1 107 ? 4.240   -5.027  -4.662  1.00 14.79  ? 111 ASN A CA  1 
ATOM   924  C  C   . ASN A 1 107 ? 5.188   -5.045  -5.875  1.00 15.67  ? 111 ASN A C   1 
ATOM   925  O  O   . ASN A 1 107 ? 6.383   -5.311  -5.736  1.00 13.76  ? 111 ASN A O   1 
ATOM   926  C  CB  . ASN A 1 107 ? 3.416   -6.320  -4.601  1.00 15.43  ? 111 ASN A CB  1 
ATOM   927  C  CG  . ASN A 1 107 ? 4.243   -7.521  -4.166  1.00 15.39  ? 111 ASN A CG  1 
ATOM   928  O  OD1 . ASN A 1 107 ? 5.124   -7.396  -3.326  1.00 16.06  ? 111 ASN A OD1 1 
ATOM   929  N  ND2 . ASN A 1 107 ? 3.951   -8.688  -4.728  1.00 16.71  ? 111 ASN A ND2 1 
ATOM   930  N  N   . GLN A 1 108 ? 4.663   -4.740  -7.059  1.00 16.21  ? 112 GLN A N   1 
ATOM   931  C  CA  . GLN A 1 108 ? 5.491   -4.732  -8.262  1.00 17.80  ? 112 GLN A CA  1 
ATOM   932  C  C   . GLN A 1 108 ? 6.569   -3.655  -8.136  1.00 18.15  ? 112 GLN A C   1 
ATOM   933  O  O   . GLN A 1 108 ? 7.717   -3.861  -8.537  1.00 16.71  ? 112 GLN A O   1 
ATOM   934  C  CB  . GLN A 1 108 ? 4.635   -4.473  -9.505  1.00 19.49  ? 112 GLN A CB  1 
ATOM   935  C  CG  . GLN A 1 108 ? 5.401   -4.605  -10.817 1.00 22.77  ? 112 GLN A CG  1 
ATOM   936  C  CD  . GLN A 1 108 ? 6.053   -5.971  -10.971 1.00 24.60  ? 112 GLN A CD  1 
ATOM   937  O  OE1 . GLN A 1 108 ? 5.378   -6.998  -10.912 1.00 27.26  ? 112 GLN A OE1 1 
ATOM   938  N  NE2 . GLN A 1 108 ? 7.369   -5.988  -11.163 1.00 22.75  ? 112 GLN A NE2 1 
ATOM   939  N  N   . ALA A 1 109 ? 6.192   -2.509  -7.571  1.00 16.21  ? 113 ALA A N   1 
ATOM   940  C  CA  . ALA A 1 109 ? 7.132   -1.411  -7.383  1.00 16.46  ? 113 ALA A CA  1 
ATOM   941  C  C   . ALA A 1 109 ? 8.239   -1.834  -6.413  1.00 17.40  ? 113 ALA A C   1 
ATOM   942  O  O   . ALA A 1 109 ? 9.403   -1.470  -6.589  1.00 18.30  ? 113 ALA A O   1 
ATOM   943  C  CB  . ALA A 1 109 ? 6.402   -0.179  -6.855  1.00 15.69  ? 113 ALA A CB  1 
ATOM   944  N  N   . LEU A 1 110 ? 7.875   -2.596  -5.383  1.00 16.95  ? 114 LEU A N   1 
ATOM   945  C  CA  . LEU A 1 110 ? 8.856   -3.078  -4.415  1.00 15.37  ? 114 LEU A CA  1 
ATOM   946  C  C   . LEU A 1 110 ? 9.800   -4.066  -5.104  1.00 15.59  ? 114 LEU A C   1 
ATOM   947  O  O   . LEU A 1 110 ? 11.012  -4.041  -4.890  1.00 14.41  ? 114 LEU A O   1 
ATOM   948  C  CB  . LEU A 1 110 ? 8.154   -3.766  -3.234  1.00 14.35  ? 114 LEU A CB  1 
ATOM   949  C  CG  . LEU A 1 110 ? 7.386   -2.862  -2.258  1.00 16.02  ? 114 LEU A CG  1 
ATOM   950  C  CD1 . LEU A 1 110 ? 6.590   -3.711  -1.277  1.00 15.45  ? 114 LEU A CD1 1 
ATOM   951  C  CD2 . LEU A 1 110 ? 8.366   -1.962  -1.513  1.00 14.78  ? 114 LEU A CD2 1 
ATOM   952  N  N   . LEU A 1 111 ? 9.236   -4.938  -5.935  1.00 15.44  ? 115 LEU A N   1 
ATOM   953  C  CA  . LEU A 1 111 ? 10.036  -5.923  -6.656  1.00 16.61  ? 115 LEU A CA  1 
ATOM   954  C  C   . LEU A 1 111 ? 11.000  -5.236  -7.623  1.00 17.26  ? 115 LEU A C   1 
ATOM   955  O  O   . LEU A 1 111 ? 12.163  -5.637  -7.738  1.00 17.43  ? 115 LEU A O   1 
ATOM   956  C  CB  . LEU A 1 111 ? 9.124   -6.895  -7.411  1.00 16.06  ? 115 LEU A CB  1 
ATOM   957  C  CG  . LEU A 1 111 ? 8.296   -7.818  -6.509  1.00 19.03  ? 115 LEU A CG  1 
ATOM   958  C  CD1 . LEU A 1 111 ? 7.357   -8.664  -7.353  1.00 19.04  ? 115 LEU A CD1 1 
ATOM   959  C  CD2 . LEU A 1 111 ? 9.228   -8.703  -5.684  1.00 18.43  ? 115 LEU A CD2 1 
ATOM   960  N  N   . ASP A 1 112 ? 10.516  -4.201  -8.309  1.00 16.49  ? 116 ASP A N   1 
ATOM   961  C  CA  . ASP A 1 112 ? 11.344  -3.447  -9.247  1.00 17.21  ? 116 ASP A CA  1 
ATOM   962  C  C   . ASP A 1 112 ? 12.481  -2.748  -8.507  1.00 18.13  ? 116 ASP A C   1 
ATOM   963  O  O   . ASP A 1 112 ? 13.610  -2.696  -8.996  1.00 16.48  ? 116 ASP A O   1 
ATOM   964  C  CB  . ASP A 1 112 ? 10.505  -2.400  -9.997  1.00 18.03  ? 116 ASP A CB  1 
ATOM   965  C  CG  . ASP A 1 112 ? 9.581   -3.019  -11.040 1.00 19.28  ? 116 ASP A CG  1 
ATOM   966  O  OD1 . ASP A 1 112 ? 8.772   -2.273  -11.631 1.00 22.40  ? 116 ASP A OD1 1 
ATOM   967  O  OD2 . ASP A 1 112 ? 9.657   -4.242  -11.276 1.00 19.92  ? 116 ASP A OD2 1 
ATOM   968  N  N   . LEU A 1 113 ? 12.185  -2.210  -7.325  1.00 19.19  ? 117 LEU A N   1 
ATOM   969  C  CA  . LEU A 1 113 ? 13.211  -1.521  -6.539  1.00 19.50  ? 117 LEU A CA  1 
ATOM   970  C  C   . LEU A 1 113 ? 14.272  -2.531  -6.115  1.00 19.34  ? 117 LEU A C   1 
ATOM   971  O  O   . LEU A 1 113 ? 15.470  -2.245  -6.146  1.00 19.38  ? 117 LEU A O   1 
ATOM   972  C  CB  . LEU A 1 113 ? 12.608  -0.882  -5.287  1.00 20.95  ? 117 LEU A CB  1 
ATOM   973  C  CG  . LEU A 1 113 ? 13.233  0.412   -4.743  1.00 25.70  ? 117 LEU A CG  1 
ATOM   974  C  CD1 . LEU A 1 113 ? 13.045  0.445   -3.232  1.00 25.53  ? 117 LEU A CD1 1 
ATOM   975  C  CD2 . LEU A 1 113 ? 14.712  0.514   -5.083  1.00 24.93  ? 117 LEU A CD2 1 
ATOM   976  N  N   . HIS A 1 114 ? 13.827  -3.715  -5.709  1.00 19.00  ? 118 HIS A N   1 
ATOM   977  C  CA  . HIS A 1 114 ? 14.755  -4.754  -5.293  1.00 20.02  ? 118 HIS A CA  1 
ATOM   978  C  C   . HIS A 1 114 ? 15.663  -5.178  -6.454  1.00 20.83  ? 118 HIS A C   1 
ATOM   979  O  O   . HIS A 1 114 ? 16.868  -5.385  -6.272  1.00 20.45  ? 118 HIS A O   1 
ATOM   980  C  CB  . HIS A 1 114 ? 13.990  -5.962  -4.754  1.00 20.69  ? 118 HIS A CB  1 
ATOM   981  C  CG  . HIS A 1 114 ? 14.878  -7.039  -4.222  1.00 24.03  ? 118 HIS A CG  1 
ATOM   982  N  ND1 . HIS A 1 114 ? 15.588  -7.888  -5.042  1.00 23.90  ? 118 HIS A ND1 1 
ATOM   983  C  CD2 . HIS A 1 114 ? 15.214  -7.370  -2.953  1.00 24.61  ? 118 HIS A CD2 1 
ATOM   984  C  CE1 . HIS A 1 114 ? 16.325  -8.695  -4.301  1.00 23.96  ? 118 HIS A CE1 1 
ATOM   985  N  NE2 . HIS A 1 114 ? 16.117  -8.402  -3.030  1.00 24.90  ? 118 HIS A NE2 1 
ATOM   986  N  N   . ALA A 1 115 ? 15.090  -5.301  -7.648  1.00 19.52  ? 119 ALA A N   1 
ATOM   987  C  CA  . ALA A 1 115 ? 15.876  -5.687  -8.815  1.00 19.98  ? 119 ALA A CA  1 
ATOM   988  C  C   . ALA A 1 115 ? 16.919  -4.599  -9.074  1.00 20.37  ? 119 ALA A C   1 
ATOM   989  O  O   . ALA A 1 115 ? 18.077  -4.896  -9.364  1.00 20.55  ? 119 ALA A O   1 
ATOM   990  C  CB  . ALA A 1 115 ? 14.966  -5.869  -10.038 1.00 17.71  ? 119 ALA A CB  1 
ATOM   991  N  N   . LEU A 1 116 ? 16.505  -3.340  -8.942  1.00 20.93  ? 120 LEU A N   1 
ATOM   992  C  CA  . LEU A 1 116 ? 17.406  -2.213  -9.144  1.00 21.73  ? 120 LEU A CA  1 
ATOM   993  C  C   . LEU A 1 116 ? 18.528  -2.232  -8.102  1.00 22.75  ? 120 LEU A C   1 
ATOM   994  O  O   . LEU A 1 116 ? 19.687  -1.930  -8.409  1.00 23.47  ? 120 LEU A O   1 
ATOM   995  C  CB  . LEU A 1 116 ? 16.632  -0.894  -9.053  1.00 22.58  ? 120 LEU A CB  1 
ATOM   996  C  CG  . LEU A 1 116 ? 17.452  0.396   -9.212  1.00 22.74  ? 120 LEU A CG  1 
ATOM   997  C  CD1 . LEU A 1 116 ? 18.140  0.397   -10.572 1.00 25.58  ? 120 LEU A CD1 1 
ATOM   998  C  CD2 . LEU A 1 116 ? 16.551  1.613   -9.080  1.00 22.38  ? 120 LEU A CD2 1 
ATOM   999  N  N   . GLY A 1 117 ? 18.176  -2.589  -6.870  1.00 22.96  ? 121 GLY A N   1 
ATOM   1000 C  CA  . GLY A 1 117 ? 19.163  -2.653  -5.806  1.00 21.75  ? 121 GLY A CA  1 
ATOM   1001 C  C   . GLY A 1 117 ? 20.152  -3.778  -6.038  1.00 21.09  ? 121 GLY A C   1 
ATOM   1002 O  O   . GLY A 1 117 ? 21.332  -3.664  -5.706  1.00 21.39  ? 121 GLY A O   1 
ATOM   1003 N  N   A SER A 1 118 ? 19.672  -4.878  -6.609  0.50 21.30  ? 122 SER A N   1 
ATOM   1004 N  N   B SER A 1 118 ? 19.667  -4.873  -6.612  0.50 21.23  ? 122 SER A N   1 
ATOM   1005 C  CA  A SER A 1 118 ? 20.538  -6.014  -6.899  0.50 21.85  ? 122 SER A CA  1 
ATOM   1006 C  CA  B SER A 1 118 ? 20.521  -6.016  -6.908  0.50 21.71  ? 122 SER A CA  1 
ATOM   1007 C  C   A SER A 1 118 ? 21.506  -5.642  -8.021  0.50 21.88  ? 122 SER A C   1 
ATOM   1008 C  C   B SER A 1 118 ? 21.501  -5.641  -8.020  0.50 21.80  ? 122 SER A C   1 
ATOM   1009 O  O   A SER A 1 118 ? 22.694  -5.961  -7.964  0.50 22.46  ? 122 SER A O   1 
ATOM   1010 O  O   B SER A 1 118 ? 22.688  -5.958  -7.951  0.50 22.38  ? 122 SER A O   1 
ATOM   1011 C  CB  A SER A 1 118 ? 19.702  -7.230  -7.313  0.50 22.47  ? 122 SER A CB  1 
ATOM   1012 C  CB  B SER A 1 118 ? 19.672  -7.209  -7.354  0.50 22.19  ? 122 SER A CB  1 
ATOM   1013 O  OG  A SER A 1 118 ? 18.904  -7.695  -6.237  0.50 23.36  ? 122 SER A OG  1 
ATOM   1014 O  OG  B SER A 1 118 ? 20.487  -8.322  -7.678  0.50 22.73  ? 122 SER A OG  1 
ATOM   1015 N  N   . ALA A 1 119 ? 20.993  -4.956  -9.039  1.00 21.89  ? 123 ALA A N   1 
ATOM   1016 C  CA  . ALA A 1 119 ? 21.810  -4.536  -10.174 1.00 23.24  ? 123 ALA A CA  1 
ATOM   1017 C  C   . ALA A 1 119 ? 22.920  -3.567  -9.753  1.00 23.67  ? 123 ALA A C   1 
ATOM   1018 O  O   . ALA A 1 119 ? 23.960  -3.487  -10.406 1.00 25.18  ? 123 ALA A O   1 
ATOM   1019 C  CB  . ALA A 1 119 ? 20.928  -3.891  -11.241 1.00 20.30  ? 123 ALA A CB  1 
ATOM   1020 N  N   A ARG A 1 120 ? 22.695  -2.826  -8.672  0.50 23.79  ? 124 ARG A N   1 
ATOM   1021 N  N   B ARG A 1 120 ? 22.697  -2.830  -8.668  0.50 23.33  ? 124 ARG A N   1 
ATOM   1022 C  CA  A ARG A 1 120 ? 23.698  -1.884  -8.182  0.50 23.20  ? 124 ARG A CA  1 
ATOM   1023 C  CA  B ARG A 1 120 ? 23.693  -1.880  -8.169  0.50 22.35  ? 124 ARG A CA  1 
ATOM   1024 C  C   A ARG A 1 120 ? 24.435  -2.479  -6.984  0.50 23.10  ? 124 ARG A C   1 
ATOM   1025 C  C   B ARG A 1 120 ? 24.437  -2.480  -6.980  0.50 22.58  ? 124 ARG A C   1 
ATOM   1026 O  O   A ARG A 1 120 ? 25.185  -1.786  -6.297  0.50 23.62  ? 124 ARG A O   1 
ATOM   1027 O  O   B ARG A 1 120 ? 25.193  -1.792  -6.296  0.50 23.15  ? 124 ARG A O   1 
ATOM   1028 C  CB  A ARG A 1 120 ? 23.041  -0.558  -7.778  0.50 23.45  ? 124 ARG A CB  1 
ATOM   1029 C  CB  B ARG A 1 120 ? 23.015  -0.578  -7.738  0.50 21.64  ? 124 ARG A CB  1 
ATOM   1030 C  CG  A ARG A 1 120 ? 22.258  0.135   -8.891  0.50 24.69  ? 124 ARG A CG  1 
ATOM   1031 C  CG  B ARG A 1 120 ? 22.308  0.152   -8.864  0.50 21.39  ? 124 ARG A CG  1 
ATOM   1032 C  CD  A ARG A 1 120 ? 23.084  0.249   -10.167 0.50 26.42  ? 124 ARG A CD  1 
ATOM   1033 C  CD  B ARG A 1 120 ? 23.297  0.859   -9.784  0.50 21.88  ? 124 ARG A CD  1 
ATOM   1034 N  NE  A ARG A 1 120 ? 22.520  -0.556  -11.249 0.50 27.33  ? 124 ARG A NE  1 
ATOM   1035 N  NE  B ARG A 1 120 ? 22.753  1.056   -11.124 0.50 20.46  ? 124 ARG A NE  1 
ATOM   1036 C  CZ  A ARG A 1 120 ? 21.559  -0.143  -12.069 0.50 25.97  ? 124 ARG A CZ  1 
ATOM   1037 C  CZ  B ARG A 1 120 ? 21.563  1.585   -11.378 0.50 20.90  ? 124 ARG A CZ  1 
ATOM   1038 N  NH1 A ARG A 1 120 ? 21.055  1.076   -11.943 0.50 26.63  ? 124 ARG A NH1 1 
ATOM   1039 N  NH1 B ARG A 1 120 ? 20.786  1.976   -10.379 0.50 24.35  ? 124 ARG A NH1 1 
ATOM   1040 N  NH2 A ARG A 1 120 ? 21.092  -0.953  -13.007 0.50 27.56  ? 124 ARG A NH2 1 
ATOM   1041 N  NH2 B ARG A 1 120 ? 21.141  1.714   -12.630 0.50 18.50  ? 124 ARG A NH2 1 
ATOM   1042 N  N   . THR A 1 121 ? 24.218  -3.769  -6.749  1.00 22.64  ? 125 THR A N   1 
ATOM   1043 C  CA  . THR A 1 121 ? 24.831  -4.486  -5.637  1.00 23.29  ? 125 THR A CA  1 
ATOM   1044 C  C   . THR A 1 121 ? 24.759  -3.680  -4.334  1.00 22.33  ? 125 THR A C   1 
ATOM   1045 O  O   . THR A 1 121 ? 25.775  -3.229  -3.797  1.00 21.42  ? 125 THR A O   1 
ATOM   1046 C  CB  . THR A 1 121 ? 26.305  -4.870  -5.953  1.00 25.12  ? 125 THR A CB  1 
ATOM   1047 O  OG1 . THR A 1 121 ? 27.063  -3.694  -6.250  1.00 30.40  ? 125 THR A OG1 1 
ATOM   1048 C  CG2 . THR A 1 121 ? 26.361  -5.794  -7.153  1.00 25.94  ? 125 THR A CG2 1 
ATOM   1049 N  N   . ASP A 1 122 ? 23.536  -3.494  -3.843  1.00 19.48  ? 126 ASP A N   1 
ATOM   1050 C  CA  . ASP A 1 122 ? 23.291  -2.761  -2.606  1.00 18.27  ? 126 ASP A CA  1 
ATOM   1051 C  C   . ASP A 1 122 ? 22.594  -3.746  -1.668  1.00 16.53  ? 126 ASP A C   1 
ATOM   1052 O  O   . ASP A 1 122 ? 21.372  -3.758  -1.567  1.00 17.72  ? 126 ASP A O   1 
ATOM   1053 C  CB  . ASP A 1 122 ? 22.377  -1.560  -2.870  1.00 17.07  ? 126 ASP A CB  1 
ATOM   1054 C  CG  . ASP A 1 122 ? 22.200  -0.671  -1.645  1.00 17.03  ? 126 ASP A CG  1 
ATOM   1055 O  OD1 . ASP A 1 122 ? 22.302  -1.177  -0.507  1.00 18.04  ? 126 ASP A OD1 1 
ATOM   1056 O  OD2 . ASP A 1 122 ? 21.941  0.536   -1.824  1.00 16.65  ? 126 ASP A OD2 1 
ATOM   1057 N  N   . PRO A 1 123 ? 23.369  -4.592  -0.976  1.00 17.02  ? 127 PRO A N   1 
ATOM   1058 C  CA  . PRO A 1 123 ? 22.800  -5.583  -0.056  1.00 16.09  ? 127 PRO A CA  1 
ATOM   1059 C  C   . PRO A 1 123 ? 21.969  -5.026  1.104   1.00 16.96  ? 127 PRO A C   1 
ATOM   1060 O  O   . PRO A 1 123 ? 21.048  -5.690  1.584   1.00 16.33  ? 127 PRO A O   1 
ATOM   1061 C  CB  . PRO A 1 123 ? 24.030  -6.363  0.418   1.00 16.63  ? 127 PRO A CB  1 
ATOM   1062 C  CG  . PRO A 1 123 ? 25.129  -5.339  0.342   1.00 17.51  ? 127 PRO A CG  1 
ATOM   1063 C  CD  . PRO A 1 123 ? 24.842  -4.644  -0.968  1.00 15.76  ? 127 PRO A CD  1 
ATOM   1064 N  N   . HIS A 1 124 ? 22.285  -3.819  1.563   1.00 16.23  ? 128 HIS A N   1 
ATOM   1065 C  CA  . HIS A 1 124 ? 21.520  -3.240  2.662   1.00 16.72  ? 128 HIS A CA  1 
ATOM   1066 C  C   . HIS A 1 124 ? 20.091  -2.918  2.225   1.00 17.46  ? 128 HIS A C   1 
ATOM   1067 O  O   . HIS A 1 124 ? 19.140  -3.160  2.968   1.00 14.70  ? 128 HIS A O   1 
ATOM   1068 C  CB  . HIS A 1 124 ? 22.194  -1.974  3.198   1.00 17.11  ? 128 HIS A CB  1 
ATOM   1069 C  CG  . HIS A 1 124 ? 21.445  -1.329  4.323   1.00 19.35  ? 128 HIS A CG  1 
ATOM   1070 N  ND1 . HIS A 1 124 ? 20.444  -0.404  4.119   1.00 19.22  ? 128 HIS A ND1 1 
ATOM   1071 C  CD2 . HIS A 1 124 ? 21.503  -1.530  5.663   1.00 20.08  ? 128 HIS A CD2 1 
ATOM   1072 C  CE1 . HIS A 1 124 ? 19.918  -0.062  5.282   1.00 20.47  ? 128 HIS A CE1 1 
ATOM   1073 N  NE2 . HIS A 1 124 ? 20.542  -0.732  6.235   1.00 20.57  ? 128 HIS A NE2 1 
ATOM   1074 N  N   . LEU A 1 125 ? 19.948  -2.377  1.017   1.00 17.70  ? 129 LEU A N   1 
ATOM   1075 C  CA  . LEU A 1 125 ? 18.630  -2.030  0.492   1.00 20.44  ? 129 LEU A CA  1 
ATOM   1076 C  C   . LEU A 1 125 ? 17.805  -3.304  0.309   1.00 20.83  ? 129 LEU A C   1 
ATOM   1077 O  O   . LEU A 1 125 ? 16.615  -3.349  0.635   1.00 18.39  ? 129 LEU A O   1 
ATOM   1078 C  CB  . LEU A 1 125 ? 18.757  -1.312  -0.857  1.00 21.80  ? 129 LEU A CB  1 
ATOM   1079 C  CG  . LEU A 1 125 ? 17.408  -0.947  -1.492  1.00 24.23  ? 129 LEU A CG  1 
ATOM   1080 C  CD1 . LEU A 1 125 ? 16.871  0.326   -0.846  1.00 24.47  ? 129 LEU A CD1 1 
ATOM   1081 C  CD2 . LEU A 1 125 ? 17.571  -0.746  -2.988  1.00 25.16  ? 129 LEU A CD2 1 
ATOM   1082 N  N   A CYS A 1 126 ? 18.457  -4.332  -0.220  0.50 21.05  ? 130 CYS A N   1 
ATOM   1083 N  N   B CYS A 1 126 ? 18.437  -4.341  -0.232  0.50 21.12  ? 130 CYS A N   1 
ATOM   1084 C  CA  A CYS A 1 126 ? 17.812  -5.614  -0.438  0.50 21.89  ? 130 CYS A CA  1 
ATOM   1085 C  CA  B CYS A 1 126 ? 17.744  -5.604  -0.454  0.50 21.98  ? 130 CYS A CA  1 
ATOM   1086 C  C   A CYS A 1 126 ? 17.259  -6.154  0.874   0.50 21.79  ? 130 CYS A C   1 
ATOM   1087 C  C   B CYS A 1 126 ? 17.258  -6.201  0.870   0.50 21.86  ? 130 CYS A C   1 
ATOM   1088 O  O   A CYS A 1 126 ? 16.082  -6.501  0.973   0.50 21.98  ? 130 CYS A O   1 
ATOM   1089 O  O   B CYS A 1 126 ? 16.111  -6.633  0.973   0.50 21.97  ? 130 CYS A O   1 
ATOM   1090 C  CB  A CYS A 1 126 ? 18.814  -6.618  -1.004  0.50 21.46  ? 130 CYS A CB  1 
ATOM   1091 C  CB  B CYS A 1 126 ? 18.657  -6.580  -1.208  0.50 21.79  ? 130 CYS A CB  1 
ATOM   1092 S  SG  A CYS A 1 126 ? 18.251  -8.312  -0.864  0.50 20.97  ? 130 CYS A SG  1 
ATOM   1093 S  SG  B CYS A 1 126 ? 19.001  -6.053  -2.926  0.50 21.37  ? 130 CYS A SG  1 
ATOM   1094 N  N   . ASP A 1 127 ? 18.125  -6.223  1.878   1.00 21.92  ? 131 ASP A N   1 
ATOM   1095 C  CA  . ASP A 1 127 ? 17.741  -6.733  3.193   1.00 23.13  ? 131 ASP A CA  1 
ATOM   1096 C  C   . ASP A 1 127 ? 16.580  -5.920  3.769   1.00 21.63  ? 131 ASP A C   1 
ATOM   1097 O  O   . ASP A 1 127 ? 15.638  -6.476  4.324   1.00 20.14  ? 131 ASP A O   1 
ATOM   1098 C  CB  . ASP A 1 127 ? 18.924  -6.661  4.161   1.00 26.08  ? 131 ASP A CB  1 
ATOM   1099 C  CG  . ASP A 1 127 ? 18.528  -6.992  5.600   1.00 30.39  ? 131 ASP A CG  1 
ATOM   1100 O  OD1 . ASP A 1 127 ? 18.170  -8.157  5.873   1.00 30.44  ? 131 ASP A OD1 1 
ATOM   1101 O  OD2 . ASP A 1 127 ? 18.570  -6.081  6.458   1.00 33.24  ? 131 ASP A OD2 1 
ATOM   1102 N  N   . PHE A 1 128 ? 16.668  -4.601  3.633   1.00 20.47  ? 132 PHE A N   1 
ATOM   1103 C  CA  . PHE A 1 128 ? 15.650  -3.682  4.134   1.00 20.10  ? 132 PHE A CA  1 
ATOM   1104 C  C   . PHE A 1 128 ? 14.266  -3.964  3.529   1.00 20.36  ? 132 PHE A C   1 
ATOM   1105 O  O   . PHE A 1 128 ? 13.263  -4.029  4.243   1.00 16.68  ? 132 PHE A O   1 
ATOM   1106 C  CB  . PHE A 1 128 ? 16.098  -2.242  3.846   1.00 20.48  ? 132 PHE A CB  1 
ATOM   1107 C  CG  . PHE A 1 128 ? 15.076  -1.202  4.177   1.00 21.55  ? 132 PHE A CG  1 
ATOM   1108 C  CD1 . PHE A 1 128 ? 14.262  -0.670  3.183   1.00 21.52  ? 132 PHE A CD1 1 
ATOM   1109 C  CD2 . PHE A 1 128 ? 14.925  -0.750  5.483   1.00 22.59  ? 132 PHE A CD2 1 
ATOM   1110 C  CE1 . PHE A 1 128 ? 13.312  0.300   3.484   1.00 23.07  ? 132 PHE A CE1 1 
ATOM   1111 C  CE2 . PHE A 1 128 ? 13.975  0.220   5.797   1.00 22.35  ? 132 PHE A CE2 1 
ATOM   1112 C  CZ  . PHE A 1 128 ? 13.167  0.747   4.799   1.00 21.91  ? 132 PHE A CZ  1 
ATOM   1113 N  N   . LEU A 1 129 ? 14.224  -4.145  2.216   1.00 19.95  ? 133 LEU A N   1 
ATOM   1114 C  CA  . LEU A 1 129 ? 12.974  -4.420  1.515   1.00 22.12  ? 133 LEU A CA  1 
ATOM   1115 C  C   . LEU A 1 129 ? 12.400  -5.785  1.891   1.00 23.35  ? 133 LEU A C   1 
ATOM   1116 O  O   . LEU A 1 129 ? 11.195  -5.933  2.080   1.00 23.25  ? 133 LEU A O   1 
ATOM   1117 C  CB  . LEU A 1 129 ? 13.208  -4.366  0.005   1.00 21.60  ? 133 LEU A CB  1 
ATOM   1118 C  CG  . LEU A 1 129 ? 12.671  -3.186  -0.815  1.00 25.98  ? 133 LEU A CG  1 
ATOM   1119 C  CD1 . LEU A 1 129 ? 12.742  -1.890  -0.031  1.00 23.95  ? 133 LEU A CD1 1 
ATOM   1120 C  CD2 . LEU A 1 129 ? 13.475  -3.098  -2.118  1.00 24.87  ? 133 LEU A CD2 1 
ATOM   1121 N  N   . GLU A 1 130 ? 13.270  -6.779  1.998   1.00 24.22  ? 134 GLU A N   1 
ATOM   1122 C  CA  . GLU A 1 130 ? 12.838  -8.129  2.330   1.00 26.91  ? 134 GLU A CA  1 
ATOM   1123 C  C   . GLU A 1 130 ? 12.326  -8.261  3.753   1.00 26.48  ? 134 GLU A C   1 
ATOM   1124 O  O   . GLU A 1 130 ? 11.328  -8.930  4.005   1.00 27.65  ? 134 GLU A O   1 
ATOM   1125 C  CB  . GLU A 1 130 ? 13.988  -9.106  2.105   1.00 26.68  ? 134 GLU A CB  1 
ATOM   1126 C  CG  . GLU A 1 130 ? 14.272  -9.370  0.640   1.00 29.05  ? 134 GLU A CG  1 
ATOM   1127 C  CD  . GLU A 1 130 ? 15.596  -10.066 0.433   1.00 30.45  ? 134 GLU A CD  1 
ATOM   1128 O  OE1 . GLU A 1 130 ? 16.034  -10.767 1.370   1.00 31.37  ? 134 GLU A OE1 1 
ATOM   1129 O  OE2 . GLU A 1 130 ? 16.189  -9.918  -0.662  1.00 28.38  ? 134 GLU A OE2 1 
ATOM   1130 N  N   . THR A 1 131 ? 13.010  -7.601  4.673   1.00 26.89  ? 135 THR A N   1 
ATOM   1131 C  CA  . THR A 1 131 ? 12.652  -7.649  6.078   1.00 27.25  ? 135 THR A CA  1 
ATOM   1132 C  C   . THR A 1 131 ? 11.396  -6.862  6.455   1.00 27.27  ? 135 THR A C   1 
ATOM   1133 O  O   . THR A 1 131 ? 10.567  -7.349  7.220   1.00 27.19  ? 135 THR A O   1 
ATOM   1134 C  CB  . THR A 1 131 ? 13.828  -7.143  6.938   1.00 28.39  ? 135 THR A CB  1 
ATOM   1135 O  OG1 . THR A 1 131 ? 14.974  -7.971  6.704   1.00 28.17  ? 135 THR A OG1 1 
ATOM   1136 C  CG2 . THR A 1 131 ? 13.466  -7.174  8.420   1.00 28.72  ? 135 THR A CG2 1 
ATOM   1137 N  N   . HIS A 1 132 ? 11.248  -5.658  5.911   1.00 26.16  ? 136 HIS A N   1 
ATOM   1138 C  CA  . HIS A 1 132 ? 10.109  -4.804  6.254   1.00 26.21  ? 136 HIS A CA  1 
ATOM   1139 C  C   . HIS A 1 132 ? 8.978   -4.641  5.245   1.00 25.27  ? 136 HIS A C   1 
ATOM   1140 O  O   . HIS A 1 132 ? 7.945   -4.061  5.582   1.00 25.61  ? 136 HIS A O   1 
ATOM   1141 C  CB  . HIS A 1 132 ? 10.614  -3.404  6.606   1.00 26.89  ? 136 HIS A CB  1 
ATOM   1142 C  CG  . HIS A 1 132 ? 11.600  -3.389  7.726   1.00 30.22  ? 136 HIS A CG  1 
ATOM   1143 N  ND1 . HIS A 1 132 ? 11.258  -3.717  9.021   1.00 31.46  ? 136 HIS A ND1 1 
ATOM   1144 C  CD2 . HIS A 1 132 ? 12.930  -3.139  7.738   1.00 29.80  ? 136 HIS A CD2 1 
ATOM   1145 C  CE1 . HIS A 1 132 ? 12.336  -3.675  9.781   1.00 31.51  ? 136 HIS A CE1 1 
ATOM   1146 N  NE2 . HIS A 1 132 ? 13.364  -3.328  9.028   1.00 32.80  ? 136 HIS A NE2 1 
ATOM   1147 N  N   . PHE A 1 133 ? 9.141   -5.139  4.023   1.00 22.16  ? 137 PHE A N   1 
ATOM   1148 C  CA  . PHE A 1 133 ? 8.096   -4.933  3.029   1.00 20.79  ? 137 PHE A CA  1 
ATOM   1149 C  C   . PHE A 1 133 ? 7.548   -6.125  2.259   1.00 20.95  ? 137 PHE A C   1 
ATOM   1150 O  O   . PHE A 1 133 ? 6.334   -6.307  2.186   1.00 18.23  ? 137 PHE A O   1 
ATOM   1151 C  CB  . PHE A 1 133 ? 8.569   -3.890  2.016   1.00 20.09  ? 137 PHE A CB  1 
ATOM   1152 C  CG  . PHE A 1 133 ? 8.658   -2.504  2.575   1.00 20.42  ? 137 PHE A CG  1 
ATOM   1153 C  CD1 . PHE A 1 133 ? 7.553   -1.663  2.557   1.00 19.51  ? 137 PHE A CD1 1 
ATOM   1154 C  CD2 . PHE A 1 133 ? 9.844   -2.040  3.134   1.00 20.07  ? 137 PHE A CD2 1 
ATOM   1155 C  CE1 . PHE A 1 133 ? 7.625   -0.381  3.089   1.00 20.89  ? 137 PHE A CE1 1 
ATOM   1156 C  CE2 . PHE A 1 133 ? 9.926   -0.755  3.670   1.00 21.17  ? 137 PHE A CE2 1 
ATOM   1157 C  CZ  . PHE A 1 133 ? 8.814   0.076   3.646   1.00 18.75  ? 137 PHE A CZ  1 
ATOM   1158 N  N   . LEU A 1 134 ? 8.436   -6.923  1.676   1.00 19.43  ? 138 LEU A N   1 
ATOM   1159 C  CA  . LEU A 1 134 ? 8.005   -8.051  0.860   1.00 20.72  ? 138 LEU A CA  1 
ATOM   1160 C  C   . LEU A 1 134 ? 7.048   -9.054  1.501   1.00 20.64  ? 138 LEU A C   1 
ATOM   1161 O  O   . LEU A 1 134 ? 6.021   -9.379  0.912   1.00 18.99  ? 138 LEU A O   1 
ATOM   1162 C  CB  . LEU A 1 134 ? 9.226   -8.781  0.294   1.00 19.82  ? 138 LEU A CB  1 
ATOM   1163 C  CG  . LEU A 1 134 ? 10.172  -7.914  -0.544  1.00 22.68  ? 138 LEU A CG  1 
ATOM   1164 C  CD1 . LEU A 1 134 ? 11.227  -8.808  -1.186  1.00 21.77  ? 138 LEU A CD1 1 
ATOM   1165 C  CD2 . LEU A 1 134 ? 9.394   -7.136  -1.614  1.00 19.39  ? 138 LEU A CD2 1 
ATOM   1166 N  N   . ASP A 1 135 ? 7.365   -9.550  2.693   1.00 22.58  ? 139 ASP A N   1 
ATOM   1167 C  CA  . ASP A 1 135 ? 6.482   -10.527 3.328   1.00 23.59  ? 139 ASP A CA  1 
ATOM   1168 C  C   . ASP A 1 135 ? 5.156   -9.888  3.726   1.00 23.83  ? 139 ASP A C   1 
ATOM   1169 O  O   . ASP A 1 135 ? 4.109   -10.532 3.680   1.00 21.79  ? 139 ASP A O   1 
ATOM   1170 C  CB  . ASP A 1 135 ? 7.132   -11.148 4.565   1.00 27.32  ? 139 ASP A CB  1 
ATOM   1171 C  CG  . ASP A 1 135 ? 6.401   -12.400 5.030   1.00 30.48  ? 139 ASP A CG  1 
ATOM   1172 O  OD1 . ASP A 1 135 ? 6.424   -12.696 6.239   1.00 33.87  ? 139 ASP A OD1 1 
ATOM   1173 O  OD2 . ASP A 1 135 ? 5.807   -13.098 4.177   1.00 32.36  ? 139 ASP A OD2 1 
ATOM   1174 N  N   . GLU A 1 136 ? 5.212   -8.618  4.114   1.00 23.69  ? 140 GLU A N   1 
ATOM   1175 C  CA  . GLU A 1 136 ? 4.021   -7.879  4.511   1.00 24.47  ? 140 GLU A CA  1 
ATOM   1176 C  C   . GLU A 1 136 ? 3.015   -7.815  3.355   1.00 22.42  ? 140 GLU A C   1 
ATOM   1177 O  O   . GLU A 1 136 ? 1.816   -8.031  3.552   1.00 20.20  ? 140 GLU A O   1 
ATOM   1178 C  CB  . GLU A 1 136 ? 4.419   -6.469  4.958   1.00 29.03  ? 140 GLU A CB  1 
ATOM   1179 C  CG  . GLU A 1 136 ? 3.268   -5.570  5.378   1.00 35.45  ? 140 GLU A CG  1 
ATOM   1180 C  CD  . GLU A 1 136 ? 3.756   -4.222  5.898   1.00 39.72  ? 140 GLU A CD  1 
ATOM   1181 O  OE1 . GLU A 1 136 ? 4.422   -4.193  6.958   1.00 42.06  ? 140 GLU A OE1 1 
ATOM   1182 O  OE2 . GLU A 1 136 ? 3.482   -3.194  5.245   1.00 41.11  ? 140 GLU A OE2 1 
ATOM   1183 N  N   . GLU A 1 137 ? 3.505   -7.526  2.150   1.00 19.42  ? 141 GLU A N   1 
ATOM   1184 C  CA  . GLU A 1 137 ? 2.632   -7.455  0.978   1.00 18.69  ? 141 GLU A CA  1 
ATOM   1185 C  C   . GLU A 1 137 ? 2.040   -8.815  0.636   1.00 16.41  ? 141 GLU A C   1 
ATOM   1186 O  O   . GLU A 1 137 ? 0.849   -8.923  0.341   1.00 15.75  ? 141 GLU A O   1 
ATOM   1187 C  CB  . GLU A 1 137 ? 3.390   -6.925  -0.246  1.00 19.44  ? 141 GLU A CB  1 
ATOM   1188 C  CG  . GLU A 1 137 ? 3.572   -5.434  -0.245  1.00 23.93  ? 141 GLU A CG  1 
ATOM   1189 C  CD  . GLU A 1 137 ? 2.251   -4.703  -0.164  1.00 23.73  ? 141 GLU A CD  1 
ATOM   1190 O  OE1 . GLU A 1 137 ? 2.147   -3.782  0.665   1.00 25.36  ? 141 GLU A OE1 1 
ATOM   1191 O  OE2 . GLU A 1 137 ? 1.322   -5.047  -0.927  1.00 24.06  ? 141 GLU A OE2 1 
ATOM   1192 N  N   . VAL A 1 138 ? 2.873   -9.848  0.670   1.00 15.37  ? 142 VAL A N   1 
ATOM   1193 C  CA  . VAL A 1 138 ? 2.411   -11.196 0.359   1.00 17.05  ? 142 VAL A CA  1 
ATOM   1194 C  C   . VAL A 1 138 ? 1.253   -11.610 1.268   1.00 17.24  ? 142 VAL A C   1 
ATOM   1195 O  O   . VAL A 1 138 ? 0.224   -12.103 0.794   1.00 15.64  ? 142 VAL A O   1 
ATOM   1196 C  CB  . VAL A 1 138 ? 3.570   -12.222 0.480   1.00 17.97  ? 142 VAL A CB  1 
ATOM   1197 C  CG1 . VAL A 1 138 ? 3.018   -13.647 0.605   1.00 19.11  ? 142 VAL A CG1 1 
ATOM   1198 C  CG2 . VAL A 1 138 ? 4.458   -12.130 -0.757  1.00 18.48  ? 142 VAL A CG2 1 
ATOM   1199 N  N   . LYS A 1 139 ? 1.411   -11.396 2.571   1.00 16.99  ? 143 LYS A N   1 
ATOM   1200 C  CA  . LYS A 1 139 ? 0.361   -11.764 3.510   1.00 18.89  ? 143 LYS A CA  1 
ATOM   1201 C  C   . LYS A 1 139 ? -0.896  -10.927 3.313   1.00 17.61  ? 143 LYS A C   1 
ATOM   1202 O  O   . LYS A 1 139 ? -2.007  -11.441 3.413   1.00 18.99  ? 143 LYS A O   1 
ATOM   1203 C  CB  . LYS A 1 139 ? 0.865   -11.641 4.948   1.00 21.36  ? 143 LYS A CB  1 
ATOM   1204 C  CG  . LYS A 1 139 ? 1.964   -12.639 5.264   1.00 27.58  ? 143 LYS A CG  1 
ATOM   1205 C  CD  . LYS A 1 139 ? 2.238   -12.753 6.751   1.00 33.13  ? 143 LYS A CD  1 
ATOM   1206 C  CE  . LYS A 1 139 ? 3.174   -13.929 7.028   1.00 35.50  ? 143 LYS A CE  1 
ATOM   1207 N  NZ  . LYS A 1 139 ? 3.229   -14.274 8.480   1.00 39.15  ? 143 LYS A NZ  1 
ATOM   1208 N  N   . LEU A 1 140 ? -0.725  -9.643  3.022   1.00 16.55  ? 144 LEU A N   1 
ATOM   1209 C  CA  . LEU A 1 140 ? -1.870  -8.776  2.809   1.00 17.15  ? 144 LEU A CA  1 
ATOM   1210 C  C   . LEU A 1 140 ? -2.636  -9.190  1.559   1.00 17.43  ? 144 LEU A C   1 
ATOM   1211 O  O   . LEU A 1 140 ? -3.864  -9.278  1.575   1.00 18.13  ? 144 LEU A O   1 
ATOM   1212 C  CB  . LEU A 1 140 ? -1.432  -7.316  2.678   1.00 16.88  ? 144 LEU A CB  1 
ATOM   1213 C  CG  . LEU A 1 140 ? -2.563  -6.322  2.383   1.00 18.57  ? 144 LEU A CG  1 
ATOM   1214 C  CD1 . LEU A 1 140 ? -3.682  -6.484  3.412   1.00 19.21  ? 144 LEU A CD1 1 
ATOM   1215 C  CD2 . LEU A 1 140 ? -2.013  -4.895  2.419   1.00 19.22  ? 144 LEU A CD2 1 
ATOM   1216 N  N   . ILE A 1 141 ? -1.911  -9.437  0.472   1.00 16.22  ? 145 ILE A N   1 
ATOM   1217 C  CA  . ILE A 1 141 ? -2.553  -9.847  -0.768  1.00 16.50  ? 145 ILE A CA  1 
ATOM   1218 C  C   . ILE A 1 141 ? -3.274  -11.186 -0.577  1.00 16.79  ? 145 ILE A C   1 
ATOM   1219 O  O   . ILE A 1 141 ? -4.359  -11.389 -1.121  1.00 17.66  ? 145 ILE A O   1 
ATOM   1220 C  CB  . ILE A 1 141 ? -1.521  -9.918  -1.926  1.00 15.63  ? 145 ILE A CB  1 
ATOM   1221 C  CG1 . ILE A 1 141 ? -1.052  -8.496  -2.263  1.00 16.04  ? 145 ILE A CG1 1 
ATOM   1222 C  CG2 . ILE A 1 141 ? -2.138  -10.581 -3.163  1.00 14.51  ? 145 ILE A CG2 1 
ATOM   1223 C  CD1 . ILE A 1 141 ? 0.073   -8.415  -3.277  1.00 15.09  ? 145 ILE A CD1 1 
ATOM   1224 N  N   . LYS A 1 142 ? -2.687  -12.088 0.208   1.00 16.74  ? 146 LYS A N   1 
ATOM   1225 C  CA  . LYS A 1 142 ? -3.324  -13.380 0.465   1.00 17.07  ? 146 LYS A CA  1 
ATOM   1226 C  C   . LYS A 1 142 ? -4.646  -13.152 1.201   1.00 17.54  ? 146 LYS A C   1 
ATOM   1227 O  O   . LYS A 1 142 ? -5.664  -13.761 0.871   1.00 16.65  ? 146 LYS A O   1 
ATOM   1228 C  CB  . LYS A 1 142 ? -2.406  -14.277 1.308   1.00 16.62  ? 146 LYS A CB  1 
ATOM   1229 C  CG  . LYS A 1 142 ? -3.051  -15.580 1.829   1.00 16.95  ? 146 LYS A CG  1 
ATOM   1230 C  CD  . LYS A 1 142 ? -3.537  -16.485 0.700   1.00 16.63  ? 146 LYS A CD  1 
ATOM   1231 C  CE  . LYS A 1 142 ? -3.882  -17.895 1.197   1.00 17.77  ? 146 LYS A CE  1 
ATOM   1232 N  NZ  . LYS A 1 142 ? -5.007  -17.940 2.186   1.00 18.53  ? 146 LYS A NZ  1 
ATOM   1233 N  N   . LYS A 1 143 ? -4.625  -12.265 2.193   1.00 17.79  ? 147 LYS A N   1 
ATOM   1234 C  CA  . LYS A 1 143 ? -5.821  -11.959 2.969   1.00 19.61  ? 147 LYS A CA  1 
ATOM   1235 C  C   . LYS A 1 143 ? -6.928  -11.360 2.099   1.00 18.45  ? 147 LYS A C   1 
ATOM   1236 O  O   . LYS A 1 143 ? -8.101  -11.714 2.241   1.00 17.34  ? 147 LYS A O   1 
ATOM   1237 C  CB  . LYS A 1 143 ? -5.486  -10.993 4.111   1.00 23.01  ? 147 LYS A CB  1 
ATOM   1238 C  CG  . LYS A 1 143 ? -6.674  -10.687 5.014   1.00 28.46  ? 147 LYS A CG  1 
ATOM   1239 C  CD  . LYS A 1 143 ? -6.328  -9.643  6.070   1.00 35.48  ? 147 LYS A CD  1 
ATOM   1240 C  CE  . LYS A 1 143 ? -7.575  -9.211  6.845   1.00 39.71  ? 147 LYS A CE  1 
ATOM   1241 N  NZ  . LYS A 1 143 ? -7.274  -8.203  7.909   1.00 44.05  ? 147 LYS A NZ  1 
ATOM   1242 N  N   . MET A 1 144 ? -6.562  -10.448 1.204   1.00 17.64  ? 148 MET A N   1 
ATOM   1243 C  CA  . MET A 1 144 ? -7.561  -9.843  0.328   1.00 18.94  ? 148 MET A CA  1 
ATOM   1244 C  C   . MET A 1 144 ? -8.115  -10.896 -0.623  1.00 18.05  ? 148 MET A C   1 
ATOM   1245 O  O   . MET A 1 144 ? -9.300  -10.874 -0.970  1.00 18.49  ? 148 MET A O   1 
ATOM   1246 C  CB  . MET A 1 144 ? -6.957  -8.674  -0.452  1.00 19.09  ? 148 MET A CB  1 
ATOM   1247 C  CG  . MET A 1 144 ? -6.702  -7.447  0.415   1.00 22.40  ? 148 MET A CG  1 
ATOM   1248 S  SD  . MET A 1 144 ? -5.912  -6.092  -0.476  1.00 26.70  ? 148 MET A SD  1 
ATOM   1249 C  CE  . MET A 1 144 ? -6.010  -4.775  0.758   1.00 24.95  ? 148 MET A CE  1 
ATOM   1250 N  N   . GLY A 1 145 ? -7.258  -11.824 -1.035  1.00 16.97  ? 149 GLY A N   1 
ATOM   1251 C  CA  . GLY A 1 145 ? -7.700  -12.890 -1.919  1.00 15.91  ? 149 GLY A CA  1 
ATOM   1252 C  C   . GLY A 1 145 ? -8.761  -13.700 -1.200  1.00 16.10  ? 149 GLY A C   1 
ATOM   1253 O  O   . GLY A 1 145 ? -9.825  -13.994 -1.754  1.00 15.19  ? 149 GLY A O   1 
ATOM   1254 N  N   . ASP A 1 146 ? -8.472  -14.060 0.048   1.00 15.96  ? 150 ASP A N   1 
ATOM   1255 C  CA  . ASP A 1 146 ? -9.413  -14.817 0.864   1.00 16.21  ? 150 ASP A CA  1 
ATOM   1256 C  C   . ASP A 1 146 ? -10.746 -14.076 0.977   1.00 16.31  ? 150 ASP A C   1 
ATOM   1257 O  O   . ASP A 1 146 ? -11.809 -14.677 0.845   1.00 16.12  ? 150 ASP A O   1 
ATOM   1258 C  CB  . ASP A 1 146 ? -8.854  -15.031 2.277   1.00 17.48  ? 150 ASP A CB  1 
ATOM   1259 C  CG  . ASP A 1 146 ? -7.710  -16.031 2.322   1.00 19.14  ? 150 ASP A CG  1 
ATOM   1260 O  OD1 . ASP A 1 146 ? -7.308  -16.572 1.264   1.00 17.95  ? 150 ASP A OD1 1 
ATOM   1261 O  OD2 . ASP A 1 146 ? -7.211  -16.278 3.438   1.00 21.34  ? 150 ASP A OD2 1 
ATOM   1262 N  N   . HIS A 1 147 ? -10.688 -12.774 1.239   1.00 16.93  ? 151 HIS A N   1 
ATOM   1263 C  CA  . HIS A 1 147 ? -11.912 -11.990 1.375   1.00 17.72  ? 151 HIS A CA  1 
ATOM   1264 C  C   . HIS A 1 147 ? -12.736 -12.002 0.098   1.00 17.22  ? 151 HIS A C   1 
ATOM   1265 O  O   . HIS A 1 147 ? -13.958 -12.162 0.144   1.00 16.67  ? 151 HIS A O   1 
ATOM   1266 C  CB  . HIS A 1 147 ? -11.601 -10.537 1.768   1.00 17.79  ? 151 HIS A CB  1 
ATOM   1267 C  CG  . HIS A 1 147 ? -11.112 -10.381 3.174   1.00 17.35  ? 151 HIS A CG  1 
ATOM   1268 N  ND1 . HIS A 1 147 ? -11.329 -11.333 4.149   1.00 17.52  ? 151 HIS A ND1 1 
ATOM   1269 C  CD2 . HIS A 1 147 ? -10.456 -9.365  3.782   1.00 17.95  ? 151 HIS A CD2 1 
ATOM   1270 C  CE1 . HIS A 1 147 ? -10.826 -10.910 5.295   1.00 16.07  ? 151 HIS A CE1 1 
ATOM   1271 N  NE2 . HIS A 1 147 ? -10.291 -9.717  5.100   1.00 18.80  ? 151 HIS A NE2 1 
ATOM   1272 N  N   . LEU A 1 148 ? -12.074 -11.830 -1.042  1.00 17.17  ? 152 LEU A N   1 
ATOM   1273 C  CA  . LEU A 1 148 ? -12.776 -11.830 -2.322  1.00 17.64  ? 152 LEU A CA  1 
ATOM   1274 C  C   . LEU A 1 148 ? -13.483 -13.156 -2.580  1.00 17.86  ? 152 LEU A C   1 
ATOM   1275 O  O   . LEU A 1 148 ? -14.620 -13.181 -3.060  1.00 17.78  ? 152 LEU A O   1 
ATOM   1276 C  CB  . LEU A 1 148 ? -11.804 -11.526 -3.467  1.00 18.88  ? 152 LEU A CB  1 
ATOM   1277 C  CG  . LEU A 1 148 ? -11.477 -10.040 -3.648  1.00 20.78  ? 152 LEU A CG  1 
ATOM   1278 C  CD1 . LEU A 1 148 ? -10.365 -9.862  -4.671  1.00 21.33  ? 152 LEU A CD1 1 
ATOM   1279 C  CD2 . LEU A 1 148 ? -12.744 -9.302  -4.081  1.00 20.15  ? 152 LEU A CD2 1 
ATOM   1280 N  N   . THR A 1 149 ? -12.814 -14.258 -2.261  1.00 16.51  ? 153 THR A N   1 
ATOM   1281 C  CA  . THR A 1 149 ? -13.414 -15.571 -2.465  1.00 16.93  ? 153 THR A CA  1 
ATOM   1282 C  C   . THR A 1 149 ? -14.662 -15.709 -1.596  1.00 16.85  ? 153 THR A C   1 
ATOM   1283 O  O   . THR A 1 149 ? -15.681 -16.242 -2.032  1.00 16.49  ? 153 THR A O   1 
ATOM   1284 C  CB  . THR A 1 149 ? -12.414 -16.692 -2.122  1.00 17.92  ? 153 THR A CB  1 
ATOM   1285 O  OG1 . THR A 1 149 ? -11.348 -16.672 -3.075  1.00 18.43  ? 153 THR A OG1 1 
ATOM   1286 C  CG2 . THR A 1 149 ? -13.096 -18.060 -2.138  1.00 16.21  ? 153 THR A CG2 1 
ATOM   1287 N  N   . ASN A 1 150 ? -14.589 -15.222 -0.362  1.00 16.28  ? 154 ASN A N   1 
ATOM   1288 C  CA  . ASN A 1 150 ? -15.742 -15.308 0.522   1.00 16.77  ? 154 ASN A CA  1 
ATOM   1289 C  C   . ASN A 1 150 ? -16.867 -14.379 0.066   1.00 17.28  ? 154 ASN A C   1 
ATOM   1290 O  O   . ASN A 1 150 ? -18.041 -14.736 0.142   1.00 18.29  ? 154 ASN A O   1 
ATOM   1291 C  CB  . ASN A 1 150 ? -15.317 -15.014 1.958   1.00 16.58  ? 154 ASN A CB  1 
ATOM   1292 C  CG  . ASN A 1 150 ? -14.762 -16.247 2.651   1.00 17.35  ? 154 ASN A CG  1 
ATOM   1293 O  OD1 . ASN A 1 150 ? -15.518 -17.130 3.051   1.00 17.41  ? 154 ASN A OD1 1 
ATOM   1294 N  ND2 . ASN A 1 150 ? -13.438 -16.324 2.772   1.00 15.54  ? 154 ASN A ND2 1 
ATOM   1295 N  N   . LEU A 1 151 ? -16.518 -13.195 -0.424  1.00 17.81  ? 155 LEU A N   1 
ATOM   1296 C  CA  . LEU A 1 151 ? -17.539 -12.277 -0.915  1.00 19.97  ? 155 LEU A CA  1 
ATOM   1297 C  C   . LEU A 1 151 ? -18.242 -12.889 -2.131  1.00 21.10  ? 155 LEU A C   1 
ATOM   1298 O  O   . LEU A 1 151 ? -19.464 -12.817 -2.249  1.00 21.14  ? 155 LEU A O   1 
ATOM   1299 C  CB  . LEU A 1 151 ? -16.918 -10.921 -1.271  1.00 18.78  ? 155 LEU A CB  1 
ATOM   1300 C  CG  . LEU A 1 151 ? -16.571 -10.049 -0.057  1.00 20.11  ? 155 LEU A CG  1 
ATOM   1301 C  CD1 . LEU A 1 151 ? -15.744 -8.852  -0.491  1.00 21.01  ? 155 LEU A CD1 1 
ATOM   1302 C  CD2 . LEU A 1 151 ? -17.854 -9.594  0.630   1.00 20.77  ? 155 LEU A CD2 1 
ATOM   1303 N  N   . HIS A 1 152 ? -17.473 -13.503 -3.026  1.00 22.82  ? 156 HIS A N   1 
ATOM   1304 C  CA  . HIS A 1 152 ? -18.051 -14.140 -4.209  1.00 26.66  ? 156 HIS A CA  1 
ATOM   1305 C  C   . HIS A 1 152 ? -18.983 -15.284 -3.792  1.00 26.78  ? 156 HIS A C   1 
ATOM   1306 O  O   . HIS A 1 152 ? -20.038 -15.496 -4.380  1.00 26.38  ? 156 HIS A O   1 
ATOM   1307 C  CB  . HIS A 1 152 ? -16.939 -14.667 -5.122  1.00 30.72  ? 156 HIS A CB  1 
ATOM   1308 C  CG  . HIS A 1 152 ? -17.439 -15.462 -6.289  1.00 36.68  ? 156 HIS A CG  1 
ATOM   1309 N  ND1 . HIS A 1 152 ? -17.818 -16.784 -6.183  1.00 39.25  ? 156 HIS A ND1 1 
ATOM   1310 C  CD2 . HIS A 1 152 ? -17.642 -15.115 -7.583  1.00 38.11  ? 156 HIS A CD2 1 
ATOM   1311 C  CE1 . HIS A 1 152 ? -18.232 -17.217 -7.361  1.00 39.84  ? 156 HIS A CE1 1 
ATOM   1312 N  NE2 . HIS A 1 152 ? -18.136 -16.224 -8.227  1.00 39.65  ? 156 HIS A NE2 1 
ATOM   1313 N  N   . ARG A 1 153 ? -18.577 -16.016 -2.763  1.00 27.22  ? 157 ARG A N   1 
ATOM   1314 C  CA  . ARG A 1 153 ? -19.363 -17.124 -2.237  1.00 28.35  ? 157 ARG A CA  1 
ATOM   1315 C  C   . ARG A 1 153 ? -20.690 -16.594 -1.680  1.00 29.55  ? 157 ARG A C   1 
ATOM   1316 O  O   . ARG A 1 153 ? -21.685 -17.318 -1.608  1.00 28.59  ? 157 ARG A O   1 
ATOM   1317 C  CB  . ARG A 1 153 ? -18.548 -17.825 -1.144  1.00 28.38  ? 157 ARG A CB  1 
ATOM   1318 C  CG  . ARG A 1 153 ? -19.302 -18.779 -0.247  1.00 27.44  ? 157 ARG A CG  1 
ATOM   1319 C  CD  . ARG A 1 153 ? -18.345 -19.372 0.792   1.00 25.37  ? 157 ARG A CD  1 
ATOM   1320 N  NE  . ARG A 1 153 ? -17.435 -20.339 0.188   1.00 24.08  ? 157 ARG A NE  1 
ATOM   1321 C  CZ  . ARG A 1 153 ? -16.109 -20.314 0.291   1.00 21.25  ? 157 ARG A CZ  1 
ATOM   1322 N  NH1 . ARG A 1 153 ? -15.493 -19.360 0.984   1.00 15.86  ? 157 ARG A NH1 1 
ATOM   1323 N  NH2 . ARG A 1 153 ? -15.396 -21.255 -0.311  1.00 19.84  ? 157 ARG A NH2 1 
ATOM   1324 N  N   . LEU A 1 154 ? -20.696 -15.317 -1.304  1.00 30.10  ? 158 LEU A N   1 
ATOM   1325 C  CA  . LEU A 1 154 ? -21.884 -14.672 -0.751  1.00 31.89  ? 158 LEU A CA  1 
ATOM   1326 C  C   . LEU A 1 154 ? -22.641 -13.833 -1.784  1.00 33.61  ? 158 LEU A C   1 
ATOM   1327 O  O   . LEU A 1 154 ? -23.553 -13.085 -1.432  1.00 34.52  ? 158 LEU A O   1 
ATOM   1328 C  CB  . LEU A 1 154 ? -21.486 -13.784 0.435   1.00 29.65  ? 158 LEU A CB  1 
ATOM   1329 C  CG  . LEU A 1 154 ? -20.955 -14.497 1.684   1.00 29.92  ? 158 LEU A CG  1 
ATOM   1330 C  CD1 . LEU A 1 154 ? -20.359 -13.483 2.648   1.00 29.34  ? 158 LEU A CD1 1 
ATOM   1331 C  CD2 . LEU A 1 154 ? -22.087 -15.269 2.351   1.00 27.87  ? 158 LEU A CD2 1 
ATOM   1332 N  N   . GLY A 1 155 ? -22.264 -13.954 -3.053  1.00 35.97  ? 159 GLY A N   1 
ATOM   1333 C  CA  . GLY A 1 155 ? -22.927 -13.185 -4.095  1.00 39.64  ? 159 GLY A CA  1 
ATOM   1334 C  C   . GLY A 1 155 ? -24.267 -13.764 -4.513  1.00 42.77  ? 159 GLY A C   1 
ATOM   1335 O  O   . GLY A 1 155 ? -24.782 -14.681 -3.872  1.00 43.96  ? 159 GLY A O   1 
ATOM   1336 N  N   . GLY A 1 156 ? -24.836 -13.229 -5.589  1.00 45.01  ? 160 GLY A N   1 
ATOM   1337 C  CA  . GLY A 1 156 ? -26.117 -13.719 -6.066  1.00 47.15  ? 160 GLY A CA  1 
ATOM   1338 C  C   . GLY A 1 156 ? -27.253 -12.748 -5.807  1.00 49.16  ? 160 GLY A C   1 
ATOM   1339 O  O   . GLY A 1 156 ? -27.008 -11.571 -5.538  1.00 49.08  ? 160 GLY A O   1 
ATOM   1340 N  N   . PRO A 1 157 ? -28.514 -13.210 -5.878  1.00 50.36  ? 161 PRO A N   1 
ATOM   1341 C  CA  . PRO A 1 157 ? -29.690 -12.362 -5.650  1.00 50.67  ? 161 PRO A CA  1 
ATOM   1342 C  C   . PRO A 1 157 ? -29.724 -11.734 -4.260  1.00 50.51  ? 161 PRO A C   1 
ATOM   1343 O  O   . PRO A 1 157 ? -30.144 -10.587 -4.097  1.00 51.12  ? 161 PRO A O   1 
ATOM   1344 C  CB  . PRO A 1 157 ? -30.858 -13.319 -5.889  1.00 50.85  ? 161 PRO A CB  1 
ATOM   1345 C  CG  . PRO A 1 157 ? -30.291 -14.644 -5.477  1.00 51.62  ? 161 PRO A CG  1 
ATOM   1346 C  CD  . PRO A 1 157 ? -28.919 -14.609 -6.104  1.00 51.22  ? 161 PRO A CD  1 
ATOM   1347 N  N   . GLU A 1 158 ? -29.281 -12.489 -3.260  1.00 49.57  ? 162 GLU A N   1 
ATOM   1348 C  CA  . GLU A 1 158 ? -29.254 -11.997 -1.887  1.00 48.36  ? 162 GLU A CA  1 
ATOM   1349 C  C   . GLU A 1 158 ? -27.858 -11.491 -1.519  1.00 45.47  ? 162 GLU A C   1 
ATOM   1350 O  O   . GLU A 1 158 ? -27.342 -11.774 -0.435  1.00 44.66  ? 162 GLU A O   1 
ATOM   1351 C  CB  . GLU A 1 158 ? -29.701 -13.105 -0.927  1.00 51.18  ? 162 GLU A CB  1 
ATOM   1352 C  CG  . GLU A 1 158 ? -29.167 -14.485 -1.286  1.00 55.64  ? 162 GLU A CG  1 
ATOM   1353 C  CD  . GLU A 1 158 ? -29.793 -15.593 -0.457  1.00 58.42  ? 162 GLU A CD  1 
ATOM   1354 O  OE1 . GLU A 1 158 ? -31.041 -15.678 -0.411  1.00 58.93  ? 162 GLU A OE1 1 
ATOM   1355 O  OE2 . GLU A 1 158 ? -29.033 -16.384 0.142   1.00 60.42  ? 162 GLU A OE2 1 
ATOM   1356 N  N   . ALA A 1 159 ? -27.259 -10.732 -2.434  1.00 41.04  ? 163 ALA A N   1 
ATOM   1357 C  CA  . ALA A 1 159 ? -25.927 -10.178 -2.233  1.00 37.18  ? 163 ALA A CA  1 
ATOM   1358 C  C   . ALA A 1 159 ? -25.910 -9.158  -1.093  1.00 34.79  ? 163 ALA A C   1 
ATOM   1359 O  O   . ALA A 1 159 ? -24.917 -9.036  -0.376  1.00 33.73  ? 163 ALA A O   1 
ATOM   1360 C  CB  . ALA A 1 159 ? -25.435 -9.530  -3.523  1.00 35.80  ? 163 ALA A CB  1 
ATOM   1361 N  N   . GLY A 1 160 ? -27.010 -8.427  -0.932  1.00 31.60  ? 164 GLY A N   1 
ATOM   1362 C  CA  . GLY A 1 160 ? -27.091 -7.440  0.131   1.00 29.05  ? 164 GLY A CA  1 
ATOM   1363 C  C   . GLY A 1 160 ? -26.953 -8.108  1.485   1.00 27.40  ? 164 GLY A C   1 
ATOM   1364 O  O   . GLY A 1 160 ? -26.231 -7.630  2.364   1.00 27.37  ? 164 GLY A O   1 
ATOM   1365 N  N   . LEU A 1 161 ? -27.652 -9.224  1.649   1.00 25.43  ? 165 LEU A N   1 
ATOM   1366 C  CA  . LEU A 1 161 ? -27.610 -9.990  2.887   1.00 24.70  ? 165 LEU A CA  1 
ATOM   1367 C  C   . LEU A 1 161 ? -26.185 -10.504 3.102   1.00 22.52  ? 165 LEU A C   1 
ATOM   1368 O  O   . LEU A 1 161 ? -25.665 -10.479 4.216   1.00 21.26  ? 165 LEU A O   1 
ATOM   1369 C  CB  . LEU A 1 161 ? -28.575 -11.171 2.793   1.00 25.96  ? 165 LEU A CB  1 
ATOM   1370 C  CG  . LEU A 1 161 ? -28.577 -12.176 3.944   1.00 27.85  ? 165 LEU A CG  1 
ATOM   1371 C  CD1 . LEU A 1 161 ? -29.075 -11.498 5.203   1.00 30.57  ? 165 LEU A CD1 1 
ATOM   1372 C  CD2 . LEU A 1 161 ? -29.471 -13.356 3.591   1.00 29.34  ? 165 LEU A CD2 1 
ATOM   1373 N  N   . GLY A 1 162 ? -25.562 -10.965 2.022   1.00 20.31  ? 166 GLY A N   1 
ATOM   1374 C  CA  . GLY A 1 162 ? -24.208 -11.475 2.110   1.00 20.23  ? 166 GLY A CA  1 
ATOM   1375 C  C   . GLY A 1 162 ? -23.211 -10.412 2.531   1.00 20.52  ? 166 GLY A C   1 
ATOM   1376 O  O   . GLY A 1 162 ? -22.345 -10.657 3.372   1.00 21.22  ? 166 GLY A O   1 
ATOM   1377 N  N   . GLU A 1 163 ? -23.327 -9.226  1.949   1.00 19.67  ? 167 GLU A N   1 
ATOM   1378 C  CA  . GLU A 1 163 ? -22.419 -8.138  2.278   1.00 21.14  ? 167 GLU A CA  1 
ATOM   1379 C  C   . GLU A 1 163 ? -22.538 -7.778  3.757   1.00 20.07  ? 167 GLU A C   1 
ATOM   1380 O  O   . GLU A 1 163 ? -21.539 -7.478  4.417   1.00 19.95  ? 167 GLU A O   1 
ATOM   1381 C  CB  . GLU A 1 163 ? -22.720 -6.912  1.411   1.00 22.54  ? 167 GLU A CB  1 
ATOM   1382 C  CG  . GLU A 1 163 ? -21.602 -5.882  1.408   1.00 26.06  ? 167 GLU A CG  1 
ATOM   1383 C  CD  . GLU A 1 163 ? -21.858 -4.732  0.451   1.00 26.79  ? 167 GLU A CD  1 
ATOM   1384 O  OE1 . GLU A 1 163 ? -20.943 -3.910  0.253   1.00 26.98  ? 167 GLU A OE1 1 
ATOM   1385 O  OE2 . GLU A 1 163 ? -22.974 -4.647  -0.099  1.00 30.76  ? 167 GLU A OE2 1 
ATOM   1386 N  N   . TYR A 1 164 ? -23.762 -7.812  4.279   1.00 18.14  ? 168 TYR A N   1 
ATOM   1387 C  CA  . TYR A 1 164 ? -23.991 -7.495  5.687   1.00 17.33  ? 168 TYR A CA  1 
ATOM   1388 C  C   . TYR A 1 164 ? -23.331 -8.534  6.594   1.00 17.26  ? 168 TYR A C   1 
ATOM   1389 O  O   . TYR A 1 164 ? -22.636 -8.181  7.546   1.00 16.90  ? 168 TYR A O   1 
ATOM   1390 C  CB  . TYR A 1 164 ? -25.495 -7.432  5.982   1.00 16.75  ? 168 TYR A CB  1 
ATOM   1391 C  CG  . TYR A 1 164 ? -25.833 -7.300  7.455   1.00 17.13  ? 168 TYR A CG  1 
ATOM   1392 C  CD1 . TYR A 1 164 ? -26.263 -8.404  8.194   1.00 16.39  ? 168 TYR A CD1 1 
ATOM   1393 C  CD2 . TYR A 1 164 ? -25.725 -6.072  8.108   1.00 16.19  ? 168 TYR A CD2 1 
ATOM   1394 C  CE1 . TYR A 1 164 ? -26.581 -8.286  9.548   1.00 16.14  ? 168 TYR A CE1 1 
ATOM   1395 C  CE2 . TYR A 1 164 ? -26.042 -5.942  9.459   1.00 15.26  ? 168 TYR A CE2 1 
ATOM   1396 C  CZ  . TYR A 1 164 ? -26.469 -7.052  10.174  1.00 17.27  ? 168 TYR A CZ  1 
ATOM   1397 O  OH  . TYR A 1 164 ? -26.790 -6.925  11.509  1.00 14.43  ? 168 TYR A OH  1 
ATOM   1398 N  N   . LEU A 1 165 ? -23.545 -9.811  6.285   1.00 15.77  ? 169 LEU A N   1 
ATOM   1399 C  CA  . LEU A 1 165 ? -22.983 -10.900 7.074   1.00 16.85  ? 169 LEU A CA  1 
ATOM   1400 C  C   . LEU A 1 165 ? -21.456 -10.900 7.089   1.00 17.22  ? 169 LEU A C   1 
ATOM   1401 O  O   . LEU A 1 165 ? -20.835 -11.172 8.118   1.00 16.72  ? 169 LEU A O   1 
ATOM   1402 C  CB  . LEU A 1 165 ? -23.496 -12.242 6.545   1.00 16.00  ? 169 LEU A CB  1 
ATOM   1403 C  CG  . LEU A 1 165 ? -24.987 -12.514 6.794   1.00 19.36  ? 169 LEU A CG  1 
ATOM   1404 C  CD1 . LEU A 1 165 ? -25.405 -13.816 6.119   1.00 19.26  ? 169 LEU A CD1 1 
ATOM   1405 C  CD2 . LEU A 1 165 ? -25.245 -12.584 8.299   1.00 18.66  ? 169 LEU A CD2 1 
ATOM   1406 N  N   . PHE A 1 166 ? -20.860 -10.598 5.941   1.00 17.25  ? 170 PHE A N   1 
ATOM   1407 C  CA  . PHE A 1 166 ? -19.409 -10.560 5.822   1.00 19.05  ? 170 PHE A CA  1 
ATOM   1408 C  C   . PHE A 1 166 ? -18.848 -9.469  6.731   1.00 18.42  ? 170 PHE A C   1 
ATOM   1409 O  O   . PHE A 1 166 ? -17.866 -9.684  7.434   1.00 18.85  ? 170 PHE A O   1 
ATOM   1410 C  CB  . PHE A 1 166 ? -19.004 -10.281 4.371   1.00 19.32  ? 170 PHE A CB  1 
ATOM   1411 C  CG  . PHE A 1 166 ? -17.516 -10.294 4.144   1.00 21.38  ? 170 PHE A CG  1 
ATOM   1412 C  CD1 . PHE A 1 166 ? -16.820 -11.496 4.063   1.00 21.28  ? 170 PHE A CD1 1 
ATOM   1413 C  CD2 . PHE A 1 166 ? -16.810 -9.101  4.016   1.00 20.04  ? 170 PHE A CD2 1 
ATOM   1414 C  CE1 . PHE A 1 166 ? -15.443 -11.509 3.855   1.00 21.91  ? 170 PHE A CE1 1 
ATOM   1415 C  CE2 . PHE A 1 166 ? -15.432 -9.104  3.809   1.00 22.03  ? 170 PHE A CE2 1 
ATOM   1416 C  CZ  . PHE A 1 166 ? -14.747 -10.308 3.729   1.00 21.23  ? 170 PHE A CZ  1 
ATOM   1417 N  N   . GLU A 1 167 ? -19.477 -8.299  6.719   1.00 17.17  ? 171 GLU A N   1 
ATOM   1418 C  CA  . GLU A 1 167 ? -19.021 -7.197  7.557   1.00 16.84  ? 171 GLU A CA  1 
ATOM   1419 C  C   . GLU A 1 167 ? -19.168 -7.537  9.040   1.00 16.70  ? 171 GLU A C   1 
ATOM   1420 O  O   . GLU A 1 167 ? -18.292 -7.215  9.848   1.00 16.47  ? 171 GLU A O   1 
ATOM   1421 C  CB  . GLU A 1 167 ? -19.806 -5.918  7.233   1.00 16.19  ? 171 GLU A CB  1 
ATOM   1422 C  CG  . GLU A 1 167 ? -19.357 -4.681  8.021   1.00 16.12  ? 171 GLU A CG  1 
ATOM   1423 C  CD  . GLU A 1 167 ? -20.174 -4.446  9.290   1.00 19.15  ? 171 GLU A CD  1 
ATOM   1424 O  OE1 . GLU A 1 167 ? -19.693 -3.703  10.171  1.00 19.14  ? 171 GLU A OE1 1 
ATOM   1425 O  OE2 . GLU A 1 167 ? -21.298 -4.986  9.404   1.00 17.89  ? 171 GLU A OE2 1 
ATOM   1426 N  N   . ARG A 1 168 ? -20.266 -8.202  9.388   1.00 15.64  ? 172 ARG A N   1 
ATOM   1427 C  CA  . ARG A 1 168 ? -20.540 -8.578  10.774  1.00 16.61  ? 172 ARG A CA  1 
ATOM   1428 C  C   . ARG A 1 168 ? -19.708 -9.747  11.300  1.00 17.08  ? 172 ARG A C   1 
ATOM   1429 O  O   . ARG A 1 168 ? -19.212 -9.701  12.425  1.00 16.52  ? 172 ARG A O   1 
ATOM   1430 C  CB  . ARG A 1 168 ? -22.022 -8.952  10.943  1.00 17.28  ? 172 ARG A CB  1 
ATOM   1431 C  CG  . ARG A 1 168 ? -23.031 -7.820  10.763  1.00 17.58  ? 172 ARG A CG  1 
ATOM   1432 C  CD  . ARG A 1 168 ? -23.063 -6.884  11.971  1.00 17.70  ? 172 ARG A CD  1 
ATOM   1433 N  NE  . ARG A 1 168 ? -22.117 -5.782  11.843  1.00 17.79  ? 172 ARG A NE  1 
ATOM   1434 C  CZ  . ARG A 1 168 ? -21.927 -4.847  12.771  1.00 17.89  ? 172 ARG A CZ  1 
ATOM   1435 N  NH1 . ARG A 1 168 ? -22.614 -4.881  13.906  1.00 15.76  ? 172 ARG A NH1 1 
ATOM   1436 N  NH2 . ARG A 1 168 ? -21.055 -3.870  12.555  1.00 17.16  ? 172 ARG A NH2 1 
ATOM   1437 N  N   . LEU A 1 169 ? -19.551 -10.788 10.486  1.00 17.47  ? 173 LEU A N   1 
ATOM   1438 C  CA  . LEU A 1 169 ? -18.848 -11.996 10.920  1.00 18.07  ? 173 LEU A CA  1 
ATOM   1439 C  C   . LEU A 1 169 ? -17.382 -12.176 10.537  1.00 18.42  ? 173 LEU A C   1 
ATOM   1440 O  O   . LEU A 1 169 ? -16.684 -12.983 11.147  1.00 18.79  ? 173 LEU A O   1 
ATOM   1441 C  CB  . LEU A 1 169 ? -19.644 -13.226 10.470  1.00 17.33  ? 173 LEU A CB  1 
ATOM   1442 C  CG  . LEU A 1 169 ? -21.102 -13.231 10.945  1.00 20.68  ? 173 LEU A CG  1 
ATOM   1443 C  CD1 . LEU A 1 169 ? -21.827 -14.471 10.421  1.00 21.17  ? 173 LEU A CD1 1 
ATOM   1444 C  CD2 . LEU A 1 169 ? -21.133 -13.190 12.474  1.00 19.38  ? 173 LEU A CD2 1 
ATOM   1445 N  N   . THR A 1 170 ? -16.908 -11.451 9.534   1.00 18.10  ? 174 THR A N   1 
ATOM   1446 C  CA  . THR A 1 170 ? -15.510 -11.577 9.149   1.00 19.53  ? 174 THR A CA  1 
ATOM   1447 C  C   . THR A 1 170 ? -14.686 -10.356 9.539   1.00 20.74  ? 174 THR A C   1 
ATOM   1448 O  O   . THR A 1 170 ? -13.629 -10.488 10.148  1.00 19.55  ? 174 THR A O   1 
ATOM   1449 C  CB  . THR A 1 170 ? -15.352 -11.818 7.627   1.00 19.14  ? 174 THR A CB  1 
ATOM   1450 O  OG1 . THR A 1 170 ? -15.903 -13.095 7.292   1.00 18.21  ? 174 THR A OG1 1 
ATOM   1451 C  CG2 . THR A 1 170 ? -13.869 -11.795 7.219   1.00 17.77  ? 174 THR A CG2 1 
ATOM   1452 N  N   . LEU A 1 171 ? -15.172 -9.169  9.195   1.00 22.91  ? 175 LEU A N   1 
ATOM   1453 C  CA  . LEU A 1 171 ? -14.441 -7.942  9.494   1.00 25.87  ? 175 LEU A CA  1 
ATOM   1454 C  C   . LEU A 1 171 ? -14.559 -7.471  10.938  1.00 28.52  ? 175 LEU A C   1 
ATOM   1455 O  O   . LEU A 1 171 ? -13.543 -6.958  11.459  1.00 31.04  ? 175 LEU A O   1 
ATOM   1456 C  CB  . LEU A 1 171 ? -14.875 -6.831  8.536   1.00 24.51  ? 175 LEU A CB  1 
ATOM   1457 C  CG  . LEU A 1 171 ? -14.535 -7.138  7.071   1.00 25.00  ? 175 LEU A CG  1 
ATOM   1458 C  CD1 . LEU A 1 171 ? -14.977 -5.988  6.178   1.00 25.52  ? 175 LEU A CD1 1 
ATOM   1459 C  CD2 . LEU A 1 171 ? -13.032 -7.380  6.935   1.00 23.95  ? 175 LEU A CD2 1 
HETATM 1460 CD CD  . CD  B 2 .   ? 16.975  -11.415 6.066   0.33 41.60  ? 191 CD  A CD  1 
HETATM 1461 CD CD  . CD  C 2 .   ? 22.391  5.776   -13.276 0.5  32.57  ? 192 CD  A CD  1 
HETATM 1462 CD CD  . CD  D 2 .   ? 20.063  -11.803 -1.600  0.33 104.05 ? 201 CD  A CD  1 
HETATM 1463 CD CD  . CD  E 2 .   ? 18.543  -9.422  -3.188  1.00 60.38  ? 202 CD  A CD  1 
HETATM 1464 CD CD  . CD  F 2 .   ? 14.698  -1.459  10.579  1.00 152.02 ? 203 CD  A CD  1 
HETATM 1465 CD CD  . CD  G 2 .   ? 18.988  -10.125 0.989   1.00 72.28  ? 204 CD  A CD  1 
HETATM 1466 CD CD  . CD  H 2 .   ? -4.690  0.979   14.163  1.00 114.50 ? 205 CD  A CD  1 
HETATM 1467 CD CD  . CD  I 2 .   ? 1.497   -1.352  11.934  1.00 103.87 ? 206 CD  A CD  1 
HETATM 1468 CD CD  . CD  J 2 .   ? 3.130   -3.278  9.327   1.00 143.03 ? 207 CD  A CD  1 
HETATM 1469 CD CD  . CD  K 2 .   ? -14.285 1.145   -8.545  1.00 164.38 ? 208 CD  A CD  1 
HETATM 1470 CD CD  . CD  L 2 .   ? -14.971 5.772   -11.980 1.00 158.77 ? 209 CD  A CD  1 
HETATM 1471 CD CD  . CD  M 2 .   ? 15.998  -3.397  9.557   1.00 89.09  ? 210 CD  A CD  1 
HETATM 1472 CD CD  . CD  N 2 .   ? -8.563  -3.122  14.854  1.00 155.42 ? 211 CD  A CD  1 
HETATM 1473 O  O   . HOH O 3 .   ? 2.554   -3.754  11.841  1.00 79.90  ? 301 HOH A O   1 
HETATM 1474 O  O   . HOH O 3 .   ? -23.224 10.446  5.878   1.00 15.46  ? 302 HOH A O   1 
HETATM 1475 O  O   . HOH O 3 .   ? 24.780  5.420   7.342   1.00 17.27  ? 303 HOH A O   1 
HETATM 1476 O  O   . HOH O 3 .   ? 24.783  -1.541  0.526   1.00 16.10  ? 304 HOH A O   1 
HETATM 1477 O  O   . HOH O 3 .   ? -22.089 -0.809  10.179  1.00 17.05  ? 305 HOH A O   1 
HETATM 1478 O  O   . HOH O 3 .   ? 6.538   -9.233  -2.090  1.00 16.37  ? 306 HOH A O   1 
HETATM 1479 O  O   . HOH O 3 .   ? 24.859  4.996   2.559   1.00 20.09  ? 307 HOH A O   1 
HETATM 1480 O  O   . HOH O 3 .   ? 26.492  2.150   3.532   1.00 15.90  ? 308 HOH A O   1 
HETATM 1481 O  O   . HOH O 3 .   ? -8.279  16.852  -0.536  1.00 18.40  ? 309 HOH A O   1 
HETATM 1482 O  O   . HOH O 3 .   ? 22.421  1.759   -4.332  1.00 23.75  ? 310 HOH A O   1 
HETATM 1483 O  O   . HOH O 3 .   ? -14.921 -17.721 5.776   1.00 17.89  ? 311 HOH A O   1 
HETATM 1484 O  O   . HOH O 3 .   ? 26.514  4.653   5.093   1.00 22.01  ? 312 HOH A O   1 
HETATM 1485 O  O   . HOH O 3 .   ? -12.025 -13.981 4.479   1.00 19.67  ? 313 HOH A O   1 
HETATM 1486 O  O   . HOH O 3 .   ? 3.860   -0.912  -10.028 1.00 29.38  ? 314 HOH A O   1 
HETATM 1487 O  O   . HOH O 3 .   ? 0.928   10.976  -6.720  1.00 33.20  ? 315 HOH A O   1 
HETATM 1488 O  O   . HOH O 3 .   ? 27.519  6.205   -2.588  1.00 26.40  ? 316 HOH A O   1 
HETATM 1489 O  O   . HOH O 3 .   ? 25.104  0.511   -4.927  1.00 27.77  ? 317 HOH A O   1 
HETATM 1490 O  O   . HOH O 3 .   ? 8.741   11.503  -2.701  1.00 22.52  ? 318 HOH A O   1 
HETATM 1491 O  O   . HOH O 3 .   ? -11.469 9.730   -3.393  1.00 22.08  ? 319 HOH A O   1 
HETATM 1492 O  O   . HOH O 3 .   ? 19.089  0.888   2.067   1.00 23.04  ? 320 HOH A O   1 
HETATM 1493 O  O   . HOH O 3 .   ? -6.866  -3.828  7.939   1.00 26.93  ? 321 HOH A O   1 
HETATM 1494 O  O   . HOH O 3 .   ? -19.232 9.906   10.790  1.00 29.98  ? 322 HOH A O   1 
HETATM 1495 O  O   . HOH O 3 .   ? 16.134  13.761  3.335   1.00 33.21  ? 323 HOH A O   1 
HETATM 1496 O  O   . HOH O 3 .   ? 10.124  3.493   -7.284  1.00 30.94  ? 324 HOH A O   1 
HETATM 1497 O  O   . HOH O 3 .   ? -2.453  -13.769 4.964   1.00 25.81  ? 325 HOH A O   1 
HETATM 1498 O  O   . HOH O 3 .   ? 7.900   -7.815  5.504   1.00 38.18  ? 326 HOH A O   1 
HETATM 1499 O  O   . HOH O 3 .   ? 12.216  10.304  -8.031  1.00 33.38  ? 327 HOH A O   1 
HETATM 1500 O  O   . HOH O 3 .   ? -14.342 -14.869 6.100   1.00 26.78  ? 328 HOH A O   1 
HETATM 1501 O  O   . HOH O 3 .   ? 12.729  -8.399  -7.819  1.00 30.32  ? 329 HOH A O   1 
HETATM 1502 O  O   . HOH O 3 .   ? -13.238 -2.052  -8.379  1.00 35.14  ? 330 HOH A O   1 
HETATM 1503 O  O   . HOH O 3 .   ? -6.799  0.369   -7.498  1.00 28.42  ? 331 HOH A O   1 
HETATM 1504 O  O   . HOH O 3 .   ? -13.064 12.260  -3.832  1.00 26.94  ? 332 HOH A O   1 
HETATM 1505 O  O   . HOH O 3 .   ? 18.862  10.931  -7.032  1.00 30.89  ? 333 HOH A O   1 
HETATM 1506 O  O   . HOH O 3 .   ? 3.699   -2.422  2.200   1.00 33.61  ? 334 HOH A O   1 
HETATM 1507 O  O   . HOH O 3 .   ? 18.711  -3.333  5.818   1.00 33.64  ? 335 HOH A O   1 
HETATM 1508 O  O   . HOH O 3 .   ? -6.707  5.635   -6.111  1.00 27.74  ? 336 HOH A O   1 
HETATM 1509 O  O   . HOH O 3 .   ? -12.482 -4.291  10.298  1.00 30.42  ? 337 HOH A O   1 
HETATM 1510 O  O   . HOH O 3 .   ? -19.068 -6.357  3.719   1.00 26.93  ? 338 HOH A O   1 
HETATM 1511 O  O   . HOH O 3 .   ? 5.828   -9.716  -11.144 1.00 37.73  ? 339 HOH A O   1 
HETATM 1512 O  O   . HOH O 3 .   ? 10.225  0.611   -7.995  1.00 31.71  ? 340 HOH A O   1 
HETATM 1513 O  O   . HOH O 3 .   ? -14.250 0.312   -6.102  1.00 42.61  ? 341 HOH A O   1 
HETATM 1514 O  O   . HOH O 3 .   ? -14.986 10.829  -2.019  1.00 28.76  ? 342 HOH A O   1 
HETATM 1515 O  O   . HOH O 3 .   ? -1.040  9.906   4.980   1.00 40.73  ? 343 HOH A O   1 
HETATM 1516 O  O   . HOH O 3 .   ? -8.397  -6.501  -8.678  1.00 33.07  ? 344 HOH A O   1 
HETATM 1517 O  O   . HOH O 3 .   ? 18.402  -6.900  -11.306 1.00 36.54  ? 345 HOH A O   1 
HETATM 1518 O  O   . HOH O 3 .   ? 21.279  13.698  -2.753  1.00 38.72  ? 346 HOH A O   1 
HETATM 1519 O  O   . HOH O 3 .   ? 15.880  5.550   -10.501 1.00 33.78  ? 347 HOH A O   1 
HETATM 1520 O  O   . HOH O 3 .   ? 4.943   17.327  -8.174  1.00 45.13  ? 348 HOH A O   1 
HETATM 1521 O  O   . HOH O 3 .   ? -14.481 8.931   0.411   1.00 35.02  ? 349 HOH A O   1 
HETATM 1522 O  O   . HOH O 3 .   ? -5.324  -15.148 5.022   1.00 42.19  ? 350 HOH A O   1 
HETATM 1523 O  O   . HOH O 3 .   ? 25.390  6.770   -8.208  1.00 31.17  ? 351 HOH A O   1 
HETATM 1524 O  O   . HOH O 3 .   ? 13.817  2.505   8.424   1.00 39.04  ? 352 HOH A O   1 
HETATM 1525 O  O   . HOH O 3 .   ? -16.913 -14.251 13.552  1.00 37.14  ? 353 HOH A O   1 
HETATM 1526 O  O   . HOH O 3 .   ? 14.180  11.478  4.333   1.00 33.50  ? 354 HOH A O   1 
HETATM 1527 O  O   . HOH O 3 .   ? 30.723  4.503   -2.017  1.00 37.99  ? 355 HOH A O   1 
HETATM 1528 O  O   . HOH O 3 .   ? -11.881 -16.506 -5.699  1.00 42.96  ? 356 HOH A O   1 
HETATM 1529 O  O   . HOH O 3 .   ? -17.797 3.779   10.403  1.00 35.49  ? 357 HOH A O   1 
HETATM 1530 O  O   . HOH O 3 .   ? 0.650   -2.843  4.214   1.00 40.59  ? 358 HOH A O   1 
HETATM 1531 O  O   . HOH O 3 .   ? -2.487  -3.691  -10.292 1.00 29.45  ? 359 HOH A O   1 
HETATM 1532 O  O   . HOH O 3 .   ? 14.075  -2.309  -11.674 1.00 34.05  ? 360 HOH A O   1 
HETATM 1533 O  O   . HOH O 3 .   ? -16.287 -18.496 -3.590  1.00 45.32  ? 361 HOH A O   1 
HETATM 1534 O  O   . HOH O 3 .   ? 25.270  -0.376  3.138   1.00 19.51  ? 362 HOH A O   1 
HETATM 1535 O  O   . HOH O 3 .   ? -2.334  6.740   10.718  1.00 45.07  ? 363 HOH A O   1 
HETATM 1536 O  O   . HOH O 3 .   ? -12.382 14.275  -6.482  1.00 39.92  ? 364 HOH A O   1 
HETATM 1537 O  O   . HOH O 3 .   ? 15.695  -8.686  -7.550  1.00 42.51  ? 365 HOH A O   1 
HETATM 1538 O  O   . HOH O 3 .   ? 8.175   0.823   -10.344 1.00 48.40  ? 366 HOH A O   1 
HETATM 1539 O  O   . HOH O 3 .   ? 8.553   -4.030  9.356   1.00 49.69  ? 367 HOH A O   1 
HETATM 1540 O  O   . HOH O 3 .   ? -8.431  -0.693  -9.885  1.00 39.69  ? 368 HOH A O   1 
HETATM 1541 O  O   . HOH O 3 .   ? -0.311  4.190   -5.090  1.00 39.56  ? 369 HOH A O   1 
HETATM 1542 O  O   . HOH O 3 .   ? -5.573  -7.970  -9.106  1.00 49.47  ? 370 HOH A O   1 
HETATM 1543 O  O   . HOH O 3 .   ? 2.869   21.573  -6.833  1.00 48.18  ? 371 HOH A O   1 
HETATM 1544 O  O   . HOH O 3 .   ? 3.256   -0.653  4.769   1.00 39.38  ? 372 HOH A O   1 
HETATM 1545 O  O   . HOH O 3 .   ? -20.139 -10.560 -3.767  1.00 52.44  ? 373 HOH A O   1 
HETATM 1546 O  O   . HOH O 3 .   ? 0.420   -7.849  6.121   1.00 34.18  ? 374 HOH A O   1 
HETATM 1547 O  O   . HOH O 3 .   ? 26.773  -3.146  -9.776  1.00 51.57  ? 375 HOH A O   1 
HETATM 1548 O  O   . HOH O 3 .   ? 2.981   13.318  -8.524  1.00 42.54  ? 376 HOH A O   1 
HETATM 1549 O  O   . HOH O 3 .   ? 24.359  12.595  -0.891  1.00 46.78  ? 377 HOH A O   1 
HETATM 1550 O  O   . HOH O 3 .   ? -15.706 -11.363 -5.015  1.00 43.72  ? 378 HOH A O   1 
HETATM 1551 O  O   . HOH O 3 .   ? 7.377   3.561   10.484  1.00 42.13  ? 379 HOH A O   1 
HETATM 1552 O  O   . HOH O 3 .   ? -22.172 -9.593  -1.512  1.00 47.33  ? 380 HOH A O   1 
HETATM 1553 O  O   . HOH O 3 .   ? 21.204  -5.362  6.538   1.00 50.68  ? 381 HOH A O   1 
HETATM 1554 O  O   . HOH O 3 .   ? 17.478  8.043   -11.849 1.00 42.50  ? 382 HOH A O   1 
HETATM 1555 O  O   . HOH O 3 .   ? -28.055 7.992   -1.132  1.00 49.44  ? 383 HOH A O   1 
HETATM 1556 O  O   . HOH O 3 .   ? 7.559   -15.592 4.808   1.00 53.66  ? 384 HOH A O   1 
HETATM 1557 O  O   . HOH O 3 .   ? -16.290 7.842   -8.437  1.00 49.82  ? 385 HOH A O   1 
HETATM 1558 O  O   . HOH O 3 .   ? -19.725 3.199   -7.913  1.00 53.47  ? 386 HOH A O   1 
HETATM 1559 O  O   . HOH O 3 .   ? -14.345 8.708   -12.927 1.00 74.78  ? 387 HOH A O   1 
HETATM 1560 O  O   . HOH O 3 .   ? 12.766  0.743   -9.627  1.00 43.07  ? 388 HOH A O   1 
HETATM 1561 O  O   . HOH O 3 .   ? 28.139  -1.558  -5.535  1.00 36.23  ? 389 HOH A O   1 
HETATM 1562 O  O   . HOH O 3 .   ? 26.842  3.069   -5.725  1.00 45.63  ? 390 HOH A O   1 
HETATM 1563 O  O   . HOH O 3 .   ? 7.737   -3.997  -13.761 1.00 49.22  ? 391 HOH A O   1 
HETATM 1564 O  O   . HOH O 3 .   ? -11.507 11.053  -8.001  1.00 50.37  ? 392 HOH A O   1 
HETATM 1565 O  O   . HOH O 3 .   ? 24.816  -6.730  -10.652 1.00 53.62  ? 393 HOH A O   1 
HETATM 1566 O  O   . HOH O 3 .   ? 17.430  -9.834  3.978   1.00 54.30  ? 394 HOH A O   1 
HETATM 1567 O  O   . HOH O 3 .   ? 20.991  -8.017  -3.704  1.00 48.13  ? 395 HOH A O   1 
HETATM 1568 O  O   . HOH O 3 .   ? 19.112  -10.461 -5.570  1.00 37.67  ? 396 HOH A O   1 
HETATM 1569 O  O   . HOH O 3 .   ? 21.003  -9.424  -0.777  1.00 29.75  ? 397 HOH A O   1 
HETATM 1570 O  O   . HOH O 3 .   ? -23.486 9.151   -6.114  1.00 60.23  ? 398 HOH A O   1 
HETATM 1571 O  O   . HOH O 3 .   ? -20.461 1.277   16.325  1.00 59.74  ? 399 HOH A O   1 
# 
loop_
_pdbx_poly_seq_scheme.asym_id 
_pdbx_poly_seq_scheme.entity_id 
_pdbx_poly_seq_scheme.seq_id 
_pdbx_poly_seq_scheme.mon_id 
_pdbx_poly_seq_scheme.ndb_seq_num 
_pdbx_poly_seq_scheme.pdb_seq_num 
_pdbx_poly_seq_scheme.auth_seq_num 
_pdbx_poly_seq_scheme.pdb_mon_id 
_pdbx_poly_seq_scheme.auth_mon_id 
_pdbx_poly_seq_scheme.pdb_strand_id 
_pdbx_poly_seq_scheme.pdb_ins_code 
_pdbx_poly_seq_scheme.hetero 
A 1 1   SER 1   5   5   SER SER A . n 
A 1 2   SER 2   6   6   SER SER A . n 
A 1 3   GLN 3   7   7   GLN GLN A . n 
A 1 4   ILE 4   8   8   ILE ILE A . n 
A 1 5   ARG 5   9   9   ARG ARG A . n 
A 1 6   GLN 6   10  10  GLN GLN A . n 
A 1 7   ASN 7   11  11  ASN ASN A . n 
A 1 8   TYR 8   12  12  TYR TYR A . n 
A 1 9   SER 9   13  13  SER SER A . n 
A 1 10  THR 10  14  14  THR THR A . n 
A 1 11  ASP 11  15  15  ASP ASP A . n 
A 1 12  VAL 12  16  16  VAL VAL A . n 
A 1 13  GLU 13  17  17  GLU GLU A . n 
A 1 14  ALA 14  18  18  ALA ALA A . n 
A 1 15  ALA 15  19  19  ALA ALA A . n 
A 1 16  VAL 16  20  20  VAL VAL A . n 
A 1 17  ASN 17  21  21  ASN ASN A . n 
A 1 18  SER 18  22  22  SER SER A . n 
A 1 19  LEU 19  23  23  LEU LEU A . n 
A 1 20  VAL 20  24  24  VAL VAL A . n 
A 1 21  ASN 21  25  25  ASN ASN A . n 
A 1 22  LEU 22  26  26  LEU LEU A . n 
A 1 23  TYR 23  27  27  TYR TYR A . n 
A 1 24  LEU 24  28  28  LEU LEU A . n 
A 1 25  GLN 25  29  29  GLN GLN A . n 
A 1 26  ALA 26  30  30  ALA ALA A . n 
A 1 27  SER 27  31  31  SER SER A . n 
A 1 28  TYR 28  32  32  TYR TYR A . n 
A 1 29  THR 29  33  33  THR THR A . n 
A 1 30  TYR 30  34  34  TYR TYR A . n 
A 1 31  LEU 31  35  35  LEU LEU A . n 
A 1 32  SER 32  36  36  SER SER A . n 
A 1 33  LEU 33  37  37  LEU LEU A . n 
A 1 34  GLY 34  38  38  GLY GLY A . n 
A 1 35  PHE 35  39  39  PHE PHE A . n 
A 1 36  TYR 36  40  40  TYR TYR A . n 
A 1 37  PHE 37  41  41  PHE PHE A . n 
A 1 38  ASP 38  42  42  ASP ASP A . n 
A 1 39  ARG 39  43  43  ARG ARG A . n 
A 1 40  ASP 40  44  44  ASP ASP A . n 
A 1 41  ASP 41  45  45  ASP ASP A . n 
A 1 42  VAL 42  46  46  VAL VAL A . n 
A 1 43  ALA 43  47  47  ALA ALA A . n 
A 1 44  LEU 44  48  48  LEU LEU A . n 
A 1 45  GLU 45  49  49  GLU GLU A . n 
A 1 46  GLY 46  50  50  GLY GLY A . n 
A 1 47  VAL 47  51  51  VAL VAL A . n 
A 1 48  SER 48  52  52  SER SER A . n 
A 1 49  HIS 49  53  53  HIS HIS A . n 
A 1 50  PHE 50  54  54  PHE PHE A . n 
A 1 51  PHE 51  55  55  PHE PHE A . n 
A 1 52  ARG 52  56  56  ARG ARG A . n 
A 1 53  GLU 53  57  57  GLU GLU A . n 
A 1 54  LEU 54  58  58  LEU LEU A . n 
A 1 55  ALA 55  59  59  ALA ALA A . n 
A 1 56  GLU 56  60  60  GLU GLU A . n 
A 1 57  GLU 57  61  61  GLU GLU A . n 
A 1 58  LYS 58  62  62  LYS LYS A . n 
A 1 59  ARG 59  63  63  ARG ARG A . n 
A 1 60  GLU 60  64  64  GLU GLU A . n 
A 1 61  GLY 61  65  65  GLY GLY A . n 
A 1 62  TYR 62  66  66  TYR TYR A . n 
A 1 63  GLU 63  67  67  GLU GLU A . n 
A 1 64  ARG 64  68  68  ARG ARG A . n 
A 1 65  LEU 65  69  69  LEU LEU A . n 
A 1 66  LEU 66  70  70  LEU LEU A . n 
A 1 67  LYS 67  71  71  LYS LYS A . n 
A 1 68  MET 68  72  72  MET MET A . n 
A 1 69  GLN 69  73  73  GLN GLN A . n 
A 1 70  ASN 70  74  74  ASN ASN A . n 
A 1 71  GLN 71  75  75  GLN GLN A . n 
A 1 72  ARG 72  76  76  ARG ARG A . n 
A 1 73  GLY 73  77  77  GLY GLY A . n 
A 1 74  GLY 74  78  78  GLY GLY A . n 
A 1 75  ARG 75  79  79  ARG ARG A . n 
A 1 76  ALA 76  80  80  ALA ALA A . n 
A 1 77  LEU 77  81  81  LEU LEU A . n 
A 1 78  PHE 78  82  82  PHE PHE A . n 
A 1 79  GLN 79  83  83  GLN GLN A . n 
A 1 80  ASP 80  84  84  ASP ASP A . n 
A 1 81  ILE 81  85  85  ILE ILE A . n 
A 1 82  LYS 82  86  86  LYS LYS A . n 
A 1 83  LYS 83  87  87  LYS LYS A . n 
A 1 84  PRO 84  88  88  PRO PRO A . n 
A 1 85  ALA 85  89  89  ALA ALA A . n 
A 1 86  GLU 86  90  90  GLU GLU A . n 
A 1 87  ASP 87  91  91  ASP ASP A . n 
A 1 88  GLU 88  92  92  GLU GLU A . n 
A 1 89  TRP 89  93  93  TRP TRP A . n 
A 1 90  GLY 90  94  94  GLY GLY A . n 
A 1 91  LYS 91  95  95  LYS LYS A . n 
A 1 92  THR 92  96  96  THR THR A . n 
A 1 93  PRO 93  97  97  PRO PRO A . n 
A 1 94  ASP 94  98  98  ASP ASP A . n 
A 1 95  ALA 95  99  99  ALA ALA A . n 
A 1 96  MET 96  100 100 MET MET A . n 
A 1 97  LYS 97  101 101 LYS LYS A . n 
A 1 98  ALA 98  102 102 ALA ALA A . n 
A 1 99  ALA 99  103 103 ALA ALA A . n 
A 1 100 MET 100 104 104 MET MET A . n 
A 1 101 ALA 101 105 105 ALA ALA A . n 
A 1 102 LEU 102 106 106 LEU LEU A . n 
A 1 103 GLU 103 107 107 GLU GLU A . n 
A 1 104 LYS 104 108 108 LYS LYS A . n 
A 1 105 LYS 105 109 109 LYS LYS A . n 
A 1 106 LEU 106 110 110 LEU LEU A . n 
A 1 107 ASN 107 111 111 ASN ASN A . n 
A 1 108 GLN 108 112 112 GLN GLN A . n 
A 1 109 ALA 109 113 113 ALA ALA A . n 
A 1 110 LEU 110 114 114 LEU LEU A . n 
A 1 111 LEU 111 115 115 LEU LEU A . n 
A 1 112 ASP 112 116 116 ASP ASP A . n 
A 1 113 LEU 113 117 117 LEU LEU A . n 
A 1 114 HIS 114 118 118 HIS HIS A . n 
A 1 115 ALA 115 119 119 ALA ALA A . n 
A 1 116 LEU 116 120 120 LEU LEU A . n 
A 1 117 GLY 117 121 121 GLY GLY A . n 
A 1 118 SER 118 122 122 SER SER A . n 
A 1 119 ALA 119 123 123 ALA ALA A . n 
A 1 120 ARG 120 124 124 ARG ARG A . n 
A 1 121 THR 121 125 125 THR THR A . n 
A 1 122 ASP 122 126 126 ASP ASP A . n 
A 1 123 PRO 123 127 127 PRO PRO A . n 
A 1 124 HIS 124 128 128 HIS HIS A . n 
A 1 125 LEU 125 129 129 LEU LEU A . n 
A 1 126 CYS 126 130 130 CYS CYS A . n 
A 1 127 ASP 127 131 131 ASP ASP A . n 
A 1 128 PHE 128 132 132 PHE PHE A . n 
A 1 129 LEU 129 133 133 LEU LEU A . n 
A 1 130 GLU 130 134 134 GLU GLU A . n 
A 1 131 THR 131 135 135 THR THR A . n 
A 1 132 HIS 132 136 136 HIS HIS A . n 
A 1 133 PHE 133 137 137 PHE PHE A . n 
A 1 134 LEU 134 138 138 LEU LEU A . n 
A 1 135 ASP 135 139 139 ASP ASP A . n 
A 1 136 GLU 136 140 140 GLU GLU A . n 
A 1 137 GLU 137 141 141 GLU GLU A . n 
A 1 138 VAL 138 142 142 VAL VAL A . n 
A 1 139 LYS 139 143 143 LYS LYS A . n 
A 1 140 LEU 140 144 144 LEU LEU A . n 
A 1 141 ILE 141 145 145 ILE ILE A . n 
A 1 142 LYS 142 146 146 LYS LYS A . n 
A 1 143 LYS 143 147 147 LYS LYS A . n 
A 1 144 MET 144 148 148 MET MET A . n 
A 1 145 GLY 145 149 149 GLY GLY A . n 
A 1 146 ASP 146 150 150 ASP ASP A . n 
A 1 147 HIS 147 151 151 HIS HIS A . n 
A 1 148 LEU 148 152 152 LEU LEU A . n 
A 1 149 THR 149 153 153 THR THR A . n 
A 1 150 ASN 150 154 154 ASN ASN A . n 
A 1 151 LEU 151 155 155 LEU LEU A . n 
A 1 152 HIS 152 156 156 HIS HIS A . n 
A 1 153 ARG 153 157 157 ARG ARG A . n 
A 1 154 LEU 154 158 158 LEU LEU A . n 
A 1 155 GLY 155 159 159 GLY GLY A . n 
A 1 156 GLY 156 160 160 GLY GLY A . n 
A 1 157 PRO 157 161 161 PRO PRO A . n 
A 1 158 GLU 158 162 162 GLU GLU A . n 
A 1 159 ALA 159 163 163 ALA ALA A . n 
A 1 160 GLY 160 164 164 GLY GLY A . n 
A 1 161 LEU 161 165 165 LEU LEU A . n 
A 1 162 GLY 162 166 166 GLY GLY A . n 
A 1 163 GLU 163 167 167 GLU GLU A . n 
A 1 164 TYR 164 168 168 TYR TYR A . n 
A 1 165 LEU 165 169 169 LEU LEU A . n 
A 1 166 PHE 166 170 170 PHE PHE A . n 
A 1 167 GLU 167 171 171 GLU GLU A . n 
A 1 168 ARG 168 172 172 ARG ARG A . n 
A 1 169 LEU 169 173 173 LEU LEU A . n 
A 1 170 THR 170 174 174 THR THR A . n 
A 1 171 LEU 171 175 175 LEU LEU A . n 
A 1 172 LYS 172 176 ?   ?   ?   A . n 
A 1 173 HIS 173 177 ?   ?   ?   A . n 
A 1 174 ASP 174 178 ?   ?   ?   A . n 
# 
loop_
_pdbx_nonpoly_scheme.asym_id 
_pdbx_nonpoly_scheme.entity_id 
_pdbx_nonpoly_scheme.mon_id 
_pdbx_nonpoly_scheme.ndb_seq_num 
_pdbx_nonpoly_scheme.pdb_seq_num 
_pdbx_nonpoly_scheme.auth_seq_num 
_pdbx_nonpoly_scheme.pdb_mon_id 
_pdbx_nonpoly_scheme.auth_mon_id 
_pdbx_nonpoly_scheme.pdb_strand_id 
_pdbx_nonpoly_scheme.pdb_ins_code 
B 2 CD  1  191 191 CD  CD  A . 
C 2 CD  1  192 192 CD  CD  A . 
D 2 CD  1  201 201 CD  CD  A . 
E 2 CD  1  202 202 CD  CD  A . 
F 2 CD  1  203 203 CD  CD  A . 
G 2 CD  1  204 204 CD  CD  A . 
H 2 CD  1  205 205 CD  CD  A . 
I 2 CD  1  206 206 CD  CD  A . 
J 2 CD  1  207 207 CD  CD  A . 
K 2 CD  1  208 208 CD  CD  A . 
L 2 CD  1  209 209 CD  CD  A . 
M 2 CD  1  210 210 CD  CD  A . 
N 2 CD  1  211 211 CD  CD  A . 
O 3 HOH 1  301 301 HOH WAT A . 
O 3 HOH 2  302 302 HOH WAT A . 
O 3 HOH 3  303 303 HOH WAT A . 
O 3 HOH 4  304 304 HOH WAT A . 
O 3 HOH 5  305 305 HOH WAT A . 
O 3 HOH 6  306 306 HOH WAT A . 
O 3 HOH 7  307 307 HOH WAT A . 
O 3 HOH 8  308 308 HOH WAT A . 
O 3 HOH 9  309 309 HOH WAT A . 
O 3 HOH 10 310 310 HOH WAT A . 
O 3 HOH 11 311 311 HOH WAT A . 
O 3 HOH 12 312 312 HOH WAT A . 
O 3 HOH 13 313 313 HOH WAT A . 
O 3 HOH 14 314 314 HOH WAT A . 
O 3 HOH 15 315 315 HOH WAT A . 
O 3 HOH 16 316 316 HOH WAT A . 
O 3 HOH 17 317 317 HOH WAT A . 
O 3 HOH 18 318 318 HOH WAT A . 
O 3 HOH 19 319 319 HOH WAT A . 
O 3 HOH 20 320 320 HOH WAT A . 
O 3 HOH 21 321 321 HOH WAT A . 
O 3 HOH 22 322 322 HOH WAT A . 
O 3 HOH 23 323 323 HOH WAT A . 
O 3 HOH 24 324 324 HOH WAT A . 
O 3 HOH 25 325 325 HOH WAT A . 
O 3 HOH 26 326 326 HOH WAT A . 
O 3 HOH 27 327 327 HOH WAT A . 
O 3 HOH 28 328 328 HOH WAT A . 
O 3 HOH 29 329 329 HOH WAT A . 
O 3 HOH 30 330 330 HOH WAT A . 
O 3 HOH 31 331 331 HOH WAT A . 
O 3 HOH 32 332 332 HOH WAT A . 
O 3 HOH 33 333 333 HOH WAT A . 
O 3 HOH 34 334 334 HOH WAT A . 
O 3 HOH 35 335 335 HOH WAT A . 
O 3 HOH 36 336 336 HOH WAT A . 
O 3 HOH 37 337 337 HOH WAT A . 
O 3 HOH 38 338 338 HOH WAT A . 
O 3 HOH 39 339 339 HOH WAT A . 
O 3 HOH 40 340 340 HOH WAT A . 
O 3 HOH 41 341 341 HOH WAT A . 
O 3 HOH 42 342 342 HOH WAT A . 
O 3 HOH 43 343 343 HOH WAT A . 
O 3 HOH 44 344 344 HOH WAT A . 
O 3 HOH 45 345 345 HOH WAT A . 
O 3 HOH 46 346 346 HOH WAT A . 
O 3 HOH 47 347 347 HOH WAT A . 
O 3 HOH 48 348 348 HOH WAT A . 
O 3 HOH 49 349 349 HOH WAT A . 
O 3 HOH 50 350 350 HOH WAT A . 
O 3 HOH 51 351 351 HOH WAT A . 
O 3 HOH 52 352 352 HOH WAT A . 
O 3 HOH 53 353 353 HOH WAT A . 
O 3 HOH 54 354 354 HOH WAT A . 
O 3 HOH 55 355 355 HOH WAT A . 
O 3 HOH 56 356 356 HOH WAT A . 
O 3 HOH 57 357 357 HOH WAT A . 
O 3 HOH 58 358 358 HOH WAT A . 
O 3 HOH 59 359 359 HOH WAT A . 
O 3 HOH 60 360 360 HOH WAT A . 
O 3 HOH 61 361 361 HOH WAT A . 
O 3 HOH 62 362 362 HOH WAT A . 
O 3 HOH 63 363 363 HOH WAT A . 
O 3 HOH 64 364 364 HOH WAT A . 
O 3 HOH 65 365 365 HOH WAT A . 
O 3 HOH 66 366 366 HOH WAT A . 
O 3 HOH 67 367 367 HOH WAT A . 
O 3 HOH 68 368 368 HOH WAT A . 
O 3 HOH 69 369 369 HOH WAT A . 
O 3 HOH 70 370 370 HOH WAT A . 
O 3 HOH 71 371 371 HOH WAT A . 
O 3 HOH 72 372 372 HOH WAT A . 
O 3 HOH 73 373 373 HOH WAT A . 
O 3 HOH 74 374 374 HOH WAT A . 
O 3 HOH 75 375 375 HOH WAT A . 
O 3 HOH 76 376 376 HOH WAT A . 
O 3 HOH 77 377 377 HOH WAT A . 
O 3 HOH 78 378 378 HOH WAT A . 
O 3 HOH 79 379 379 HOH WAT A . 
O 3 HOH 80 380 380 HOH WAT A . 
O 3 HOH 81 381 381 HOH WAT A . 
O 3 HOH 82 382 382 HOH WAT A . 
O 3 HOH 83 383 383 HOH WAT A . 
O 3 HOH 84 384 384 HOH WAT A . 
O 3 HOH 85 385 385 HOH WAT A . 
O 3 HOH 86 386 386 HOH WAT A . 
O 3 HOH 87 387 387 HOH WAT A . 
O 3 HOH 88 388 388 HOH WAT A . 
O 3 HOH 89 389 389 HOH WAT A . 
O 3 HOH 90 390 390 HOH WAT A . 
O 3 HOH 91 391 391 HOH WAT A . 
O 3 HOH 92 392 392 HOH WAT A . 
O 3 HOH 93 393 393 HOH WAT A . 
O 3 HOH 94 394 394 HOH WAT A . 
O 3 HOH 95 395 395 HOH WAT A . 
O 3 HOH 96 396 396 HOH WAT A . 
O 3 HOH 97 397 397 HOH WAT A . 
O 3 HOH 98 398 398 HOH WAT A . 
O 3 HOH 99 399 399 HOH WAT A . 
# 
_pdbx_struct_assembly.id                   1 
_pdbx_struct_assembly.details              author_and_software_defined_assembly 
_pdbx_struct_assembly.method_details       PISA,PQS 
_pdbx_struct_assembly.oligomeric_details   24-meric 
_pdbx_struct_assembly.oligomeric_count     24 
# 
_pdbx_struct_assembly_gen.assembly_id       1 
_pdbx_struct_assembly_gen.oper_expression   1,2,3,4,5,6,7,8,9,10,11,12,13,14,15,16,17,18,19,20,21,22,23,24 
_pdbx_struct_assembly_gen.asym_id_list      A,B,C,D,E,F,G,H,I,J,K,L,M,N,O 
# 
loop_
_pdbx_struct_assembly_prop.biol_id 
_pdbx_struct_assembly_prop.type 
_pdbx_struct_assembly_prop.value 
_pdbx_struct_assembly_prop.details 
1 'ABSA (A^2)' 119550 ? 
1 MORE         -1630  ? 
1 'SSA (A^2)'  139770 ? 
# 
loop_
_pdbx_struct_oper_list.id 
_pdbx_struct_oper_list.type 
_pdbx_struct_oper_list.name 
_pdbx_struct_oper_list.symmetry_operation 
_pdbx_struct_oper_list.matrix[1][1] 
_pdbx_struct_oper_list.matrix[1][2] 
_pdbx_struct_oper_list.matrix[1][3] 
_pdbx_struct_oper_list.vector[1] 
_pdbx_struct_oper_list.matrix[2][1] 
_pdbx_struct_oper_list.matrix[2][2] 
_pdbx_struct_oper_list.matrix[2][3] 
_pdbx_struct_oper_list.vector[2] 
_pdbx_struct_oper_list.matrix[3][1] 
_pdbx_struct_oper_list.matrix[3][2] 
_pdbx_struct_oper_list.matrix[3][3] 
_pdbx_struct_oper_list.vector[3] 
1  'identity operation'         1_555  x,y,z    1.0000000000  0.0000000000  0.0000000000  0.0000000000   0.0000000000  1.0000000000  0.0000000000  0.0000000000   0.0000000000  0.0000000000  1.0000000000  0.0000000000  
2  'crystal symmetry operation' 2_555  -x,-y,z  -0.4480064675 0.7599525435  -0.4709164858 29.5411895486  0.7599525435  0.0462583970  -0.6483303882 23.8649969741  -0.4709164858 -0.6483303882 -0.5982519294 73.1399553011 
3  'crystal symmetry operation' 3_555  -x,y,-z  -0.4207748731 0.1351444609  0.8970420731  -44.1386154916 0.1351444609  -0.9684681750 0.2092973211  -28.4368706423 0.8970420731  0.2092973211  0.3892430481  32.7847283808 
4  'crystal symmetry operation' 4_555  x,-y,-z  -0.1312186594 -0.8950970044 -0.4261255872 12.2660335030  -0.8950970044 -0.0777902219 0.4390330671  -32.2490358661 -0.4261255872 0.4390330671  -0.7909911187 92.7485173710 
5  'crystal symmetry operation' 5_555  z,x,y    -0.2911607489 0.7761685097  -0.5592744074 34.1704662148  -0.8287322618 -0.4966924943 -0.2578747841 -1.4522175582  -0.4779416873 0.3884057294  0.7878532433  13.8337644600 
6  'crystal symmetry operation' 6_555  z,-x,-y  0.9836646704  0.1772305530  -0.0315142412 3.1871853175   0.1152521758  -0.4855853300 0.8665586093  -56.6484694476 0.1382778083  -0.8560351736 -0.4980793404 66.6076510344 
7  'crystal symmetry operation' 7_555  -z,-x,y  -0.2742846719 -0.9080978978 -0.3164271271 6.6144355138   0.0502599420  0.3150597973  -0.9477400816 40.7969025488  0.9603342423  -0.2758541864 -0.0407751254 49.7139599254 
8  'crystal symmetry operation' 8_555  -z,x,-y  -0.4182192496 -0.0453011649 0.9072157757  -46.3034794860 0.6632201440  0.6672180270  0.3390562565  -19.5171250773 -0.6206703633 0.7434836306  -0.2489987774 68.5178256331 
9  'crystal symmetry operation' 9_555  y,z,x    -0.2911607489 -0.8287322618 -0.4779416873 15.3573317211  0.7761685097  -0.4966924943 0.3884057294  -32.6164587746 -0.5592744074 -0.2578747841 0.7878532433  7.8372007576  
10 'crystal symmetry operation' 10_555 -y,z,-x  -0.2742846719 0.0502599420  0.9603342423  -47.9782297200 -0.9080978978 0.3150597973  -0.2758541864 6.8668951031   -0.3164271271 -0.9477400816 -0.0407751254 42.7849395322 
11 'crystal symmetry operation' 11_555 y,-z,-x  -0.4182192496 0.6632201440  -0.6206703633 36.1061277917  -0.0453011649 0.6672180270  0.7434836306  -40.0173056331 0.9072157757  0.3390562565  -0.2489987774 65.6855052431 
12 'crystal symmetry operation' 12_555 -y,-z,x  0.9836646704  0.1152521758  0.1382778083  -5.8166222328  0.1772305530  -0.4855853300 -0.8560351736 28.9459597703  -0.0315142412 0.8665586093  -0.4980793404 82.3655555199 
13 'crystal symmetry operation' 13_555 y,x,-z   -0.9853767647 -0.0972986583 -0.1398770982 4.8946283465   -0.0972986583 -0.3526036658 0.9307006103  -58.7340520087 -0.1398770982 0.9307006103  0.3379804306  41.3671703964 
14 'crystal symmetry operation' 14_555 -y,-x,-z 0.4333832323  -0.6626538853 0.6107935841  -36.7672103351 -0.6626538853 -0.6936547311 -0.2823702221 -1.9518544997  0.6107935841  -0.2823702221 -0.7397285011 84.1660753554 
15 'crystal symmetry operation' 15_555 y,-x,z   0.2759967662  -0.0682134596 -0.9587349524 46.5688311664  0.8281660031  0.5231291985  0.2011887497  -13.8997123991 0.4878184666  -0.8495191379 0.2008740353  32.1555356043 
16 'crystal symmetry operation' 16_555 -y,x,z   0.2759967662  0.8281660031  0.4878184666  -17.0276416178 -0.0682134596 0.5231291985  -0.8495191379 37.7647093732  -0.9587349524 0.2011887497  0.2008740353  40.9844196967 
17 'crystal symmetry operation' 17_555 x,z,-y   0.4343906703  -0.7708199681 0.4659842512  -30.5698831122 -0.1242770363 0.4611048890  0.8785997380  -48.6716422641 -0.8921098384 -0.4395666708 0.1045044407  39.9114666378 
18 'crystal symmetry operation' 18_555 -x,z,y   -0.9998360911 -0.0076523517 0.0164083039  -2.0510148867  -0.0076523517 -0.6427375861 -0.7660481949 22.9220785926  0.0164083039  -0.7660481949 0.6425736772  10.7106736521 
19 'crystal symmetry operation' 19_555 -x,-z,-y 0.1310547505  0.9027493562  0.4097172834  -12.5464110563 0.9027493562  -0.2794721920 0.3270151278  -27.4939522608 0.4097172834  0.3270151278  -0.8515825585 95.2140100297 
20 'crystal symmetry operation' 20_555 x,-z,y   0.4343906703  -0.1242770363 -0.8921098384 42.8359166152  -0.7708199681 0.4611048890  -0.4395666708 16.4226063980  0.4659842512  0.8785997380  0.1045044407  52.8370507332 
21 'crystal symmetry operation' 21_555 z,y,-x   0.2896125635  0.9010118048  0.3229586517  -8.1608367238  -0.7658673439 0.0157659125  0.6428052952  -41.4335293219 0.5740834213  -0.4335079741 0.6946215241  11.5116937988 
22 'crystal symmetry operation' 22_555 z,-y,x   0.4028913580  0.0523872579  -0.9137473004 45.5184882561  0.0523872579  -0.9980437368 -0.0341214701 -16.6671576839 -0.9137473004 -0.0341214701 -0.4048476212 68.9297216956 
23 'crystal symmetry operation' 23_555 -z,y,x   0.2896125635  -0.7658673439 0.5740834213  -35.9777787678 0.9010118048  0.0157659125  -0.4335079741 12.9966586796  0.3229586517  0.6428052952  0.6946215241  21.2730345820 
24 'crystal symmetry operation' 24_555 -z,-y,-x -0.9821164849 -0.1875317188 0.0167052273  -3.7112652045  -0.1875317188 0.9665119118  -0.1751758510 8.2831187919   0.0167052273  -0.1751758510 -0.9843954270 96.9587509765 
# 
loop_
_pdbx_struct_special_symmetry.id 
_pdbx_struct_special_symmetry.PDB_model_num 
_pdbx_struct_special_symmetry.auth_asym_id 
_pdbx_struct_special_symmetry.auth_comp_id 
_pdbx_struct_special_symmetry.auth_seq_id 
_pdbx_struct_special_symmetry.PDB_ins_code 
_pdbx_struct_special_symmetry.label_asym_id 
_pdbx_struct_special_symmetry.label_comp_id 
_pdbx_struct_special_symmetry.label_seq_id 
1 1 A CD 191 ? B CD . 
2 1 A CD 192 ? C CD . 
3 1 A CD 201 ? D CD . 
# 
loop_
_pdbx_struct_conn_angle.id 
_pdbx_struct_conn_angle.ptnr1_label_atom_id 
_pdbx_struct_conn_angle.ptnr1_label_alt_id 
_pdbx_struct_conn_angle.ptnr1_label_asym_id 
_pdbx_struct_conn_angle.ptnr1_label_comp_id 
_pdbx_struct_conn_angle.ptnr1_label_seq_id 
_pdbx_struct_conn_angle.ptnr1_auth_atom_id 
_pdbx_struct_conn_angle.ptnr1_auth_asym_id 
_pdbx_struct_conn_angle.ptnr1_auth_comp_id 
_pdbx_struct_conn_angle.ptnr1_auth_seq_id 
_pdbx_struct_conn_angle.ptnr1_PDB_ins_code 
_pdbx_struct_conn_angle.ptnr1_symmetry 
_pdbx_struct_conn_angle.ptnr2_label_atom_id 
_pdbx_struct_conn_angle.ptnr2_label_alt_id 
_pdbx_struct_conn_angle.ptnr2_label_asym_id 
_pdbx_struct_conn_angle.ptnr2_label_comp_id 
_pdbx_struct_conn_angle.ptnr2_label_seq_id 
_pdbx_struct_conn_angle.ptnr2_auth_atom_id 
_pdbx_struct_conn_angle.ptnr2_auth_asym_id 
_pdbx_struct_conn_angle.ptnr2_auth_comp_id 
_pdbx_struct_conn_angle.ptnr2_auth_seq_id 
_pdbx_struct_conn_angle.ptnr2_PDB_ins_code 
_pdbx_struct_conn_angle.ptnr2_symmetry 
_pdbx_struct_conn_angle.ptnr3_label_atom_id 
_pdbx_struct_conn_angle.ptnr3_label_alt_id 
_pdbx_struct_conn_angle.ptnr3_label_asym_id 
_pdbx_struct_conn_angle.ptnr3_label_comp_id 
_pdbx_struct_conn_angle.ptnr3_label_seq_id 
_pdbx_struct_conn_angle.ptnr3_auth_atom_id 
_pdbx_struct_conn_angle.ptnr3_auth_asym_id 
_pdbx_struct_conn_angle.ptnr3_auth_comp_id 
_pdbx_struct_conn_angle.ptnr3_auth_seq_id 
_pdbx_struct_conn_angle.ptnr3_PDB_ins_code 
_pdbx_struct_conn_angle.ptnr3_symmetry 
_pdbx_struct_conn_angle.value 
_pdbx_struct_conn_angle.value_esd 
1  OD2 ? A ASP 11  ? A ASP 15  ? 1_555  CD ? C CD . ? A CD 192 ? 1_555 OD1 ? A ASP 11  ? A ASP 15  ? 1_555  51.0  ? 
2  OD2 ? A ASP 11  ? A ASP 15  ? 1_555  CD ? C CD . ? A CD 192 ? 1_555 OD1 ? A ASP 11  ? A ASP 15  ? 48_555 149.2 ? 
3  OD1 ? A ASP 11  ? A ASP 15  ? 1_555  CD ? C CD . ? A CD 192 ? 1_555 OD1 ? A ASP 11  ? A ASP 15  ? 48_555 98.2  ? 
4  OD2 ? A ASP 11  ? A ASP 15  ? 1_555  CD ? C CD . ? A CD 192 ? 1_555 OD2 ? A ASP 11  ? A ASP 15  ? 48_555 159.8 ? 
5  OD1 ? A ASP 11  ? A ASP 15  ? 1_555  CD ? C CD . ? A CD 192 ? 1_555 OD2 ? A ASP 11  ? A ASP 15  ? 48_555 149.2 ? 
6  OD1 ? A ASP 11  ? A ASP 15  ? 48_555 CD ? C CD . ? A CD 192 ? 1_555 OD2 ? A ASP 11  ? A ASP 15  ? 48_555 51.0  ? 
7  OE2 ? A GLU 56  ? A GLU 60  ? 1_555  CD ? H CD . ? A CD 205 ? 1_555 OE1 ? A GLU 56  ? A GLU 60  ? 1_555  44.7  ? 
8  OE1 ? A GLU 57  ? A GLU 61  ? 1_555  CD ? I CD . ? A CD 206 ? 1_555 OE1 ? A GLU 60  ? A GLU 64  ? 1_555  96.9  ? 
9  OE1 ? A GLU 57  ? A GLU 61  ? 1_555  CD ? I CD . ? A CD 206 ? 1_555 OE2 ? A GLU 60  ? A GLU 64  ? 1_555  92.2  ? 
10 OE1 ? A GLU 60  ? A GLU 64  ? 1_555  CD ? I CD . ? A CD 206 ? 1_555 OE2 ? A GLU 60  ? A GLU 64  ? 1_555  47.9  ? 
11 OE1 ? A GLU 57  ? A GLU 61  ? 1_555  CD ? I CD . ? A CD 206 ? 1_555 O   ? O HOH .   ? A HOH 301 ? 1_555  117.0 ? 
12 OE1 ? A GLU 60  ? A GLU 64  ? 1_555  CD ? I CD . ? A CD 206 ? 1_555 O   ? O HOH .   ? A HOH 301 ? 1_555  139.1 ? 
13 OE2 ? A GLU 60  ? A GLU 64  ? 1_555  CD ? I CD . ? A CD 206 ? 1_555 O   ? O HOH .   ? A HOH 301 ? 1_555  105.4 ? 
14 OE2 ? A GLU 57  ? A GLU 61  ? 1_555  CD ? J CD . ? A CD 207 ? 1_555 OE1 ? A GLU 136 ? A GLU 140 ? 1_555  120.6 ? 
15 OE2 ? A GLU 57  ? A GLU 61  ? 1_555  CD ? J CD . ? A CD 207 ? 1_555 O   ? O HOH .   ? A HOH 301 ? 1_555  79.1  ? 
16 OE1 ? A GLU 136 ? A GLU 140 ? 1_555  CD ? J CD . ? A CD 207 ? 1_555 O   ? O HOH .   ? A HOH 301 ? 1_555  147.0 ? 
17 OE1 ? A GLU 86  ? A GLU 90  ? 1_555  CD ? L CD . ? A CD 209 ? 1_555 OE2 ? A GLU 86  ? A GLU 90  ? 1_555  47.6  ? 
18 OE1 ? A GLU 86  ? A GLU 90  ? 1_555  CD ? L CD . ? A CD 209 ? 1_555 O   ? O HOH .   ? A HOH 387 ? 1_555  124.6 ? 
19 OE2 ? A GLU 86  ? A GLU 90  ? 1_555  CD ? L CD . ? A CD 209 ? 1_555 O   ? O HOH .   ? A HOH 387 ? 1_555  99.2  ? 
20 NE2 ? A HIS 114 ? A HIS 118 ? 1_555  CD ? E CD . ? A CD 202 ? 1_555 SG  A A CYS 126 ? A CYS 130 ? 1_555  71.1  ? 
21 NE2 ? A HIS 114 ? A HIS 118 ? 1_555  CD ? E CD . ? A CD 202 ? 1_555 O   ? O HOH .   ? A HOH 395 ? 1_555  127.3 ? 
22 SG  A A CYS 126 ? A CYS 130 ? 1_555  CD ? E CD . ? A CD 202 ? 1_555 O   ? O HOH .   ? A HOH 395 ? 1_555  92.7  ? 
23 NE2 ? A HIS 114 ? A HIS 118 ? 1_555  CD ? E CD . ? A CD 202 ? 1_555 O   ? O HOH .   ? A HOH 396 ? 1_555  113.7 ? 
24 SG  A A CYS 126 ? A CYS 130 ? 1_555  CD ? E CD . ? A CD 202 ? 1_555 O   ? O HOH .   ? A HOH 396 ? 1_555  173.8 ? 
25 O   ? O HOH .   ? A HOH 395 ? 1_555  CD ? E CD . ? A CD 202 ? 1_555 O   ? O HOH .   ? A HOH 396 ? 1_555  81.2  ? 
26 NE2 ? A HIS 114 ? A HIS 118 ? 1_555  CD ? E CD . ? A CD 202 ? 1_555 O   ? O HOH .   ? A HOH 397 ? 9_555  87.6  ? 
27 SG  A A CYS 126 ? A CYS 130 ? 1_555  CD ? E CD . ? A CD 202 ? 1_555 O   ? O HOH .   ? A HOH 397 ? 9_555  89.4  ? 
28 O   ? O HOH .   ? A HOH 395 ? 1_555  CD ? E CD . ? A CD 202 ? 1_555 O   ? O HOH .   ? A HOH 397 ? 9_555  143.6 ? 
29 O   ? O HOH .   ? A HOH 396 ? 1_555  CD ? E CD . ? A CD 202 ? 1_555 O   ? O HOH .   ? A HOH 397 ? 9_555  94.7  ? 
30 SG  A A CYS 126 ? A CYS 130 ? 1_555  CD ? G CD . ? A CD 204 ? 1_555 OE1 ? A GLU 130 ? A GLU 134 ? 1_555  87.9  ? 
31 SG  A A CYS 126 ? A CYS 130 ? 1_555  CD ? G CD . ? A CD 204 ? 1_555 OE1 ? A GLU 130 ? A GLU 134 ? 5_555  127.9 ? 
32 OE1 ? A GLU 130 ? A GLU 134 ? 1_555  CD ? G CD . ? A CD 204 ? 1_555 OE1 ? A GLU 130 ? A GLU 134 ? 5_555  117.5 ? 
33 SG  A A CYS 126 ? A CYS 130 ? 1_555  CD ? G CD . ? A CD 204 ? 1_555 O   ? O HOH .   ? A HOH 397 ? 1_555  65.8  ? 
34 OE1 ? A GLU 130 ? A GLU 134 ? 1_555  CD ? G CD . ? A CD 204 ? 1_555 O   ? O HOH .   ? A HOH 397 ? 1_555  147.0 ? 
35 OE1 ? A GLU 130 ? A GLU 134 ? 5_555  CD ? G CD . ? A CD 204 ? 1_555 O   ? O HOH .   ? A HOH 397 ? 1_555  94.9  ? 
36 NE2 ? A HIS 132 ? A HIS 136 ? 1_555  CD ? F CD . ? A CD 203 ? 1_555 CD  ? M CD  .   ? A CD  210 ? 1_555  60.5  ? 
37 NE2 ? A HIS 132 ? A HIS 136 ? 1_555  CD ? M CD . ? A CD 210 ? 1_555 O   ? O HOH .   ? A HOH 384 ? 5_555  105.4 ? 
38 O   ? O HOH .   ? A HOH 394 ? 1_555  CD ? B CD . ? A CD 191 ? 1_555 O   ? O HOH .   ? A HOH 394 ? 9_555  68.0  ? 
39 O   ? O HOH .   ? A HOH 394 ? 1_555  CD ? B CD . ? A CD 191 ? 1_555 O   ? O HOH .   ? A HOH 394 ? 5_555  68.0  ? 
40 O   ? O HOH .   ? A HOH 394 ? 9_555  CD ? B CD . ? A CD 191 ? 1_555 O   ? O HOH .   ? A HOH 394 ? 5_555  68.0  ? 
41 O   ? O HOH .   ? A HOH 397 ? 1_555  CD ? D CD . ? A CD 201 ? 1_555 O   ? O HOH .   ? A HOH 397 ? 5_555  116.3 ? 
42 O   ? O HOH .   ? A HOH 397 ? 1_555  CD ? D CD . ? A CD 201 ? 1_555 O   ? O HOH .   ? A HOH 397 ? 9_555  116.3 ? 
43 O   ? O HOH .   ? A HOH 397 ? 5_555  CD ? D CD . ? A CD 201 ? 1_555 O   ? O HOH .   ? A HOH 397 ? 9_555  116.3 ? 
# 
loop_
_pdbx_audit_revision_history.ordinal 
_pdbx_audit_revision_history.data_content_type 
_pdbx_audit_revision_history.major_revision 
_pdbx_audit_revision_history.minor_revision 
_pdbx_audit_revision_history.revision_date 
1 'Structure model' 1 0 2006-07-04 
2 'Structure model' 1 1 2008-05-01 
3 'Structure model' 1 2 2011-07-13 
4 'Structure model' 1 3 2011-11-16 
5 'Structure model' 1 4 2023-08-30 
# 
_pdbx_audit_revision_details.ordinal             1 
_pdbx_audit_revision_details.revision_ordinal    1 
_pdbx_audit_revision_details.data_content_type   'Structure model' 
_pdbx_audit_revision_details.provider            repository 
_pdbx_audit_revision_details.type                'Initial release' 
_pdbx_audit_revision_details.description         ? 
_pdbx_audit_revision_details.details             ? 
# 
loop_
_pdbx_audit_revision_group.ordinal 
_pdbx_audit_revision_group.revision_ordinal 
_pdbx_audit_revision_group.data_content_type 
_pdbx_audit_revision_group.group 
1 2 'Structure model' 'Version format compliance' 
2 3 'Structure model' 'Derived calculations'      
3 3 'Structure model' 'Version format compliance' 
4 4 'Structure model' 'Atomic model'              
5 5 'Structure model' 'Data collection'           
6 5 'Structure model' 'Database references'       
7 5 'Structure model' 'Derived calculations'      
8 5 'Structure model' 'Refinement description'    
# 
loop_
_pdbx_audit_revision_category.ordinal 
_pdbx_audit_revision_category.revision_ordinal 
_pdbx_audit_revision_category.data_content_type 
_pdbx_audit_revision_category.category 
1 5 'Structure model' chem_comp_atom                
2 5 'Structure model' chem_comp_bond                
3 5 'Structure model' database_2                    
4 5 'Structure model' pdbx_initial_refinement_model 
5 5 'Structure model' pdbx_struct_conn_angle        
6 5 'Structure model' struct_conn                   
7 5 'Structure model' struct_site                   
# 
loop_
_pdbx_audit_revision_item.ordinal 
_pdbx_audit_revision_item.revision_ordinal 
_pdbx_audit_revision_item.data_content_type 
_pdbx_audit_revision_item.item 
1  5 'Structure model' '_database_2.pdbx_DOI'                        
2  5 'Structure model' '_database_2.pdbx_database_accession'         
3  5 'Structure model' '_pdbx_struct_conn_angle.ptnr1_auth_comp_id'  
4  5 'Structure model' '_pdbx_struct_conn_angle.ptnr1_auth_seq_id'   
5  5 'Structure model' '_pdbx_struct_conn_angle.ptnr1_label_alt_id'  
6  5 'Structure model' '_pdbx_struct_conn_angle.ptnr1_label_asym_id' 
7  5 'Structure model' '_pdbx_struct_conn_angle.ptnr1_label_atom_id' 
8  5 'Structure model' '_pdbx_struct_conn_angle.ptnr1_label_comp_id' 
9  5 'Structure model' '_pdbx_struct_conn_angle.ptnr1_label_seq_id'  
10 5 'Structure model' '_pdbx_struct_conn_angle.ptnr1_symmetry'      
11 5 'Structure model' '_pdbx_struct_conn_angle.ptnr2_auth_seq_id'   
12 5 'Structure model' '_pdbx_struct_conn_angle.ptnr2_label_asym_id' 
13 5 'Structure model' '_pdbx_struct_conn_angle.ptnr3_auth_comp_id'  
14 5 'Structure model' '_pdbx_struct_conn_angle.ptnr3_auth_seq_id'   
15 5 'Structure model' '_pdbx_struct_conn_angle.ptnr3_label_alt_id'  
16 5 'Structure model' '_pdbx_struct_conn_angle.ptnr3_label_asym_id' 
17 5 'Structure model' '_pdbx_struct_conn_angle.ptnr3_label_atom_id' 
18 5 'Structure model' '_pdbx_struct_conn_angle.ptnr3_label_comp_id' 
19 5 'Structure model' '_pdbx_struct_conn_angle.ptnr3_label_seq_id'  
20 5 'Structure model' '_pdbx_struct_conn_angle.ptnr3_symmetry'      
21 5 'Structure model' '_pdbx_struct_conn_angle.value'               
22 5 'Structure model' '_struct_conn.pdbx_dist_value'                
23 5 'Structure model' '_struct_conn.pdbx_ptnr1_label_alt_id'        
24 5 'Structure model' '_struct_conn.pdbx_ptnr2_label_alt_id'        
25 5 'Structure model' '_struct_conn.ptnr1_auth_comp_id'             
26 5 'Structure model' '_struct_conn.ptnr1_auth_seq_id'              
27 5 'Structure model' '_struct_conn.ptnr1_label_asym_id'            
28 5 'Structure model' '_struct_conn.ptnr1_label_atom_id'            
29 5 'Structure model' '_struct_conn.ptnr1_label_comp_id'            
30 5 'Structure model' '_struct_conn.ptnr1_label_seq_id'             
31 5 'Structure model' '_struct_conn.ptnr1_symmetry'                 
32 5 'Structure model' '_struct_conn.ptnr2_auth_comp_id'             
33 5 'Structure model' '_struct_conn.ptnr2_auth_seq_id'              
34 5 'Structure model' '_struct_conn.ptnr2_label_asym_id'            
35 5 'Structure model' '_struct_conn.ptnr2_label_atom_id'            
36 5 'Structure model' '_struct_conn.ptnr2_label_comp_id'            
37 5 'Structure model' '_struct_conn.ptnr2_label_seq_id'             
38 5 'Structure model' '_struct_conn.ptnr2_symmetry'                 
39 5 'Structure model' '_struct_site.pdbx_auth_asym_id'              
40 5 'Structure model' '_struct_site.pdbx_auth_comp_id'              
41 5 'Structure model' '_struct_site.pdbx_auth_seq_id'               
# 
loop_
_software.name 
_software.classification 
_software.version 
_software.citation_id 
_software.pdbx_ordinal 
CNX       refinement       2000.1 ? 1 
DENZO     'data reduction' .      ? 2 
SCALEPACK 'data scaling'   .      ? 3 
AMoRE     phasing          .      ? 4 
# 
loop_
_pdbx_validate_torsion.id 
_pdbx_validate_torsion.PDB_model_num 
_pdbx_validate_torsion.auth_comp_id 
_pdbx_validate_torsion.auth_asym_id 
_pdbx_validate_torsion.auth_seq_id 
_pdbx_validate_torsion.PDB_ins_code 
_pdbx_validate_torsion.label_alt_id 
_pdbx_validate_torsion.phi 
_pdbx_validate_torsion.psi 
1 1 VAL A 46  ? ? -126.65 -55.05 
2 1 PHE A 137 ? ? -128.69 -51.00 
3 1 GLU A 162 ? ? -98.04  44.58  
# 
loop_
_pdbx_unobs_or_zero_occ_residues.id 
_pdbx_unobs_or_zero_occ_residues.PDB_model_num 
_pdbx_unobs_or_zero_occ_residues.polymer_flag 
_pdbx_unobs_or_zero_occ_residues.occupancy_flag 
_pdbx_unobs_or_zero_occ_residues.auth_asym_id 
_pdbx_unobs_or_zero_occ_residues.auth_comp_id 
_pdbx_unobs_or_zero_occ_residues.auth_seq_id 
_pdbx_unobs_or_zero_occ_residues.PDB_ins_code 
_pdbx_unobs_or_zero_occ_residues.label_asym_id 
_pdbx_unobs_or_zero_occ_residues.label_comp_id 
_pdbx_unobs_or_zero_occ_residues.label_seq_id 
1 1 Y 1 A LYS 176 ? A LYS 172 
2 1 Y 1 A HIS 177 ? A HIS 173 
3 1 Y 1 A ASP 178 ? A ASP 174 
# 
loop_
_chem_comp_atom.comp_id 
_chem_comp_atom.atom_id 
_chem_comp_atom.type_symbol 
_chem_comp_atom.pdbx_aromatic_flag 
_chem_comp_atom.pdbx_stereo_config 
_chem_comp_atom.pdbx_ordinal 
ALA N    N  N N 1   
ALA CA   C  N S 2   
ALA C    C  N N 3   
ALA O    O  N N 4   
ALA CB   C  N N 5   
ALA OXT  O  N N 6   
ALA H    H  N N 7   
ALA H2   H  N N 8   
ALA HA   H  N N 9   
ALA HB1  H  N N 10  
ALA HB2  H  N N 11  
ALA HB3  H  N N 12  
ALA HXT  H  N N 13  
ARG N    N  N N 14  
ARG CA   C  N S 15  
ARG C    C  N N 16  
ARG O    O  N N 17  
ARG CB   C  N N 18  
ARG CG   C  N N 19  
ARG CD   C  N N 20  
ARG NE   N  N N 21  
ARG CZ   C  N N 22  
ARG NH1  N  N N 23  
ARG NH2  N  N N 24  
ARG OXT  O  N N 25  
ARG H    H  N N 26  
ARG H2   H  N N 27  
ARG HA   H  N N 28  
ARG HB2  H  N N 29  
ARG HB3  H  N N 30  
ARG HG2  H  N N 31  
ARG HG3  H  N N 32  
ARG HD2  H  N N 33  
ARG HD3  H  N N 34  
ARG HE   H  N N 35  
ARG HH11 H  N N 36  
ARG HH12 H  N N 37  
ARG HH21 H  N N 38  
ARG HH22 H  N N 39  
ARG HXT  H  N N 40  
ASN N    N  N N 41  
ASN CA   C  N S 42  
ASN C    C  N N 43  
ASN O    O  N N 44  
ASN CB   C  N N 45  
ASN CG   C  N N 46  
ASN OD1  O  N N 47  
ASN ND2  N  N N 48  
ASN OXT  O  N N 49  
ASN H    H  N N 50  
ASN H2   H  N N 51  
ASN HA   H  N N 52  
ASN HB2  H  N N 53  
ASN HB3  H  N N 54  
ASN HD21 H  N N 55  
ASN HD22 H  N N 56  
ASN HXT  H  N N 57  
ASP N    N  N N 58  
ASP CA   C  N S 59  
ASP C    C  N N 60  
ASP O    O  N N 61  
ASP CB   C  N N 62  
ASP CG   C  N N 63  
ASP OD1  O  N N 64  
ASP OD2  O  N N 65  
ASP OXT  O  N N 66  
ASP H    H  N N 67  
ASP H2   H  N N 68  
ASP HA   H  N N 69  
ASP HB2  H  N N 70  
ASP HB3  H  N N 71  
ASP HD2  H  N N 72  
ASP HXT  H  N N 73  
CD  CD   CD N N 74  
CYS N    N  N N 75  
CYS CA   C  N R 76  
CYS C    C  N N 77  
CYS O    O  N N 78  
CYS CB   C  N N 79  
CYS SG   S  N N 80  
CYS OXT  O  N N 81  
CYS H    H  N N 82  
CYS H2   H  N N 83  
CYS HA   H  N N 84  
CYS HB2  H  N N 85  
CYS HB3  H  N N 86  
CYS HG   H  N N 87  
CYS HXT  H  N N 88  
GLN N    N  N N 89  
GLN CA   C  N S 90  
GLN C    C  N N 91  
GLN O    O  N N 92  
GLN CB   C  N N 93  
GLN CG   C  N N 94  
GLN CD   C  N N 95  
GLN OE1  O  N N 96  
GLN NE2  N  N N 97  
GLN OXT  O  N N 98  
GLN H    H  N N 99  
GLN H2   H  N N 100 
GLN HA   H  N N 101 
GLN HB2  H  N N 102 
GLN HB3  H  N N 103 
GLN HG2  H  N N 104 
GLN HG3  H  N N 105 
GLN HE21 H  N N 106 
GLN HE22 H  N N 107 
GLN HXT  H  N N 108 
GLU N    N  N N 109 
GLU CA   C  N S 110 
GLU C    C  N N 111 
GLU O    O  N N 112 
GLU CB   C  N N 113 
GLU CG   C  N N 114 
GLU CD   C  N N 115 
GLU OE1  O  N N 116 
GLU OE2  O  N N 117 
GLU OXT  O  N N 118 
GLU H    H  N N 119 
GLU H2   H  N N 120 
GLU HA   H  N N 121 
GLU HB2  H  N N 122 
GLU HB3  H  N N 123 
GLU HG2  H  N N 124 
GLU HG3  H  N N 125 
GLU HE2  H  N N 126 
GLU HXT  H  N N 127 
GLY N    N  N N 128 
GLY CA   C  N N 129 
GLY C    C  N N 130 
GLY O    O  N N 131 
GLY OXT  O  N N 132 
GLY H    H  N N 133 
GLY H2   H  N N 134 
GLY HA2  H  N N 135 
GLY HA3  H  N N 136 
GLY HXT  H  N N 137 
HIS N    N  N N 138 
HIS CA   C  N S 139 
HIS C    C  N N 140 
HIS O    O  N N 141 
HIS CB   C  N N 142 
HIS CG   C  Y N 143 
HIS ND1  N  Y N 144 
HIS CD2  C  Y N 145 
HIS CE1  C  Y N 146 
HIS NE2  N  Y N 147 
HIS OXT  O  N N 148 
HIS H    H  N N 149 
HIS H2   H  N N 150 
HIS HA   H  N N 151 
HIS HB2  H  N N 152 
HIS HB3  H  N N 153 
HIS HD1  H  N N 154 
HIS HD2  H  N N 155 
HIS HE1  H  N N 156 
HIS HE2  H  N N 157 
HIS HXT  H  N N 158 
HOH O    O  N N 159 
HOH H1   H  N N 160 
HOH H2   H  N N 161 
ILE N    N  N N 162 
ILE CA   C  N S 163 
ILE C    C  N N 164 
ILE O    O  N N 165 
ILE CB   C  N S 166 
ILE CG1  C  N N 167 
ILE CG2  C  N N 168 
ILE CD1  C  N N 169 
ILE OXT  O  N N 170 
ILE H    H  N N 171 
ILE H2   H  N N 172 
ILE HA   H  N N 173 
ILE HB   H  N N 174 
ILE HG12 H  N N 175 
ILE HG13 H  N N 176 
ILE HG21 H  N N 177 
ILE HG22 H  N N 178 
ILE HG23 H  N N 179 
ILE HD11 H  N N 180 
ILE HD12 H  N N 181 
ILE HD13 H  N N 182 
ILE HXT  H  N N 183 
LEU N    N  N N 184 
LEU CA   C  N S 185 
LEU C    C  N N 186 
LEU O    O  N N 187 
LEU CB   C  N N 188 
LEU CG   C  N N 189 
LEU CD1  C  N N 190 
LEU CD2  C  N N 191 
LEU OXT  O  N N 192 
LEU H    H  N N 193 
LEU H2   H  N N 194 
LEU HA   H  N N 195 
LEU HB2  H  N N 196 
LEU HB3  H  N N 197 
LEU HG   H  N N 198 
LEU HD11 H  N N 199 
LEU HD12 H  N N 200 
LEU HD13 H  N N 201 
LEU HD21 H  N N 202 
LEU HD22 H  N N 203 
LEU HD23 H  N N 204 
LEU HXT  H  N N 205 
LYS N    N  N N 206 
LYS CA   C  N S 207 
LYS C    C  N N 208 
LYS O    O  N N 209 
LYS CB   C  N N 210 
LYS CG   C  N N 211 
LYS CD   C  N N 212 
LYS CE   C  N N 213 
LYS NZ   N  N N 214 
LYS OXT  O  N N 215 
LYS H    H  N N 216 
LYS H2   H  N N 217 
LYS HA   H  N N 218 
LYS HB2  H  N N 219 
LYS HB3  H  N N 220 
LYS HG2  H  N N 221 
LYS HG3  H  N N 222 
LYS HD2  H  N N 223 
LYS HD3  H  N N 224 
LYS HE2  H  N N 225 
LYS HE3  H  N N 226 
LYS HZ1  H  N N 227 
LYS HZ2  H  N N 228 
LYS HZ3  H  N N 229 
LYS HXT  H  N N 230 
MET N    N  N N 231 
MET CA   C  N S 232 
MET C    C  N N 233 
MET O    O  N N 234 
MET CB   C  N N 235 
MET CG   C  N N 236 
MET SD   S  N N 237 
MET CE   C  N N 238 
MET OXT  O  N N 239 
MET H    H  N N 240 
MET H2   H  N N 241 
MET HA   H  N N 242 
MET HB2  H  N N 243 
MET HB3  H  N N 244 
MET HG2  H  N N 245 
MET HG3  H  N N 246 
MET HE1  H  N N 247 
MET HE2  H  N N 248 
MET HE3  H  N N 249 
MET HXT  H  N N 250 
PHE N    N  N N 251 
PHE CA   C  N S 252 
PHE C    C  N N 253 
PHE O    O  N N 254 
PHE CB   C  N N 255 
PHE CG   C  Y N 256 
PHE CD1  C  Y N 257 
PHE CD2  C  Y N 258 
PHE CE1  C  Y N 259 
PHE CE2  C  Y N 260 
PHE CZ   C  Y N 261 
PHE OXT  O  N N 262 
PHE H    H  N N 263 
PHE H2   H  N N 264 
PHE HA   H  N N 265 
PHE HB2  H  N N 266 
PHE HB3  H  N N 267 
PHE HD1  H  N N 268 
PHE HD2  H  N N 269 
PHE HE1  H  N N 270 
PHE HE2  H  N N 271 
PHE HZ   H  N N 272 
PHE HXT  H  N N 273 
PRO N    N  N N 274 
PRO CA   C  N S 275 
PRO C    C  N N 276 
PRO O    O  N N 277 
PRO CB   C  N N 278 
PRO CG   C  N N 279 
PRO CD   C  N N 280 
PRO OXT  O  N N 281 
PRO H    H  N N 282 
PRO HA   H  N N 283 
PRO HB2  H  N N 284 
PRO HB3  H  N N 285 
PRO HG2  H  N N 286 
PRO HG3  H  N N 287 
PRO HD2  H  N N 288 
PRO HD3  H  N N 289 
PRO HXT  H  N N 290 
SER N    N  N N 291 
SER CA   C  N S 292 
SER C    C  N N 293 
SER O    O  N N 294 
SER CB   C  N N 295 
SER OG   O  N N 296 
SER OXT  O  N N 297 
SER H    H  N N 298 
SER H2   H  N N 299 
SER HA   H  N N 300 
SER HB2  H  N N 301 
SER HB3  H  N N 302 
SER HG   H  N N 303 
SER HXT  H  N N 304 
THR N    N  N N 305 
THR CA   C  N S 306 
THR C    C  N N 307 
THR O    O  N N 308 
THR CB   C  N R 309 
THR OG1  O  N N 310 
THR CG2  C  N N 311 
THR OXT  O  N N 312 
THR H    H  N N 313 
THR H2   H  N N 314 
THR HA   H  N N 315 
THR HB   H  N N 316 
THR HG1  H  N N 317 
THR HG21 H  N N 318 
THR HG22 H  N N 319 
THR HG23 H  N N 320 
THR HXT  H  N N 321 
TRP N    N  N N 322 
TRP CA   C  N S 323 
TRP C    C  N N 324 
TRP O    O  N N 325 
TRP CB   C  N N 326 
TRP CG   C  Y N 327 
TRP CD1  C  Y N 328 
TRP CD2  C  Y N 329 
TRP NE1  N  Y N 330 
TRP CE2  C  Y N 331 
TRP CE3  C  Y N 332 
TRP CZ2  C  Y N 333 
TRP CZ3  C  Y N 334 
TRP CH2  C  Y N 335 
TRP OXT  O  N N 336 
TRP H    H  N N 337 
TRP H2   H  N N 338 
TRP HA   H  N N 339 
TRP HB2  H  N N 340 
TRP HB3  H  N N 341 
TRP HD1  H  N N 342 
TRP HE1  H  N N 343 
TRP HE3  H  N N 344 
TRP HZ2  H  N N 345 
TRP HZ3  H  N N 346 
TRP HH2  H  N N 347 
TRP HXT  H  N N 348 
TYR N    N  N N 349 
TYR CA   C  N S 350 
TYR C    C  N N 351 
TYR O    O  N N 352 
TYR CB   C  N N 353 
TYR CG   C  Y N 354 
TYR CD1  C  Y N 355 
TYR CD2  C  Y N 356 
TYR CE1  C  Y N 357 
TYR CE2  C  Y N 358 
TYR CZ   C  Y N 359 
TYR OH   O  N N 360 
TYR OXT  O  N N 361 
TYR H    H  N N 362 
TYR H2   H  N N 363 
TYR HA   H  N N 364 
TYR HB2  H  N N 365 
TYR HB3  H  N N 366 
TYR HD1  H  N N 367 
TYR HD2  H  N N 368 
TYR HE1  H  N N 369 
TYR HE2  H  N N 370 
TYR HH   H  N N 371 
TYR HXT  H  N N 372 
VAL N    N  N N 373 
VAL CA   C  N S 374 
VAL C    C  N N 375 
VAL O    O  N N 376 
VAL CB   C  N N 377 
VAL CG1  C  N N 378 
VAL CG2  C  N N 379 
VAL OXT  O  N N 380 
VAL H    H  N N 381 
VAL H2   H  N N 382 
VAL HA   H  N N 383 
VAL HB   H  N N 384 
VAL HG11 H  N N 385 
VAL HG12 H  N N 386 
VAL HG13 H  N N 387 
VAL HG21 H  N N 388 
VAL HG22 H  N N 389 
VAL HG23 H  N N 390 
VAL HXT  H  N N 391 
# 
loop_
_chem_comp_bond.comp_id 
_chem_comp_bond.atom_id_1 
_chem_comp_bond.atom_id_2 
_chem_comp_bond.value_order 
_chem_comp_bond.pdbx_aromatic_flag 
_chem_comp_bond.pdbx_stereo_config 
_chem_comp_bond.pdbx_ordinal 
ALA N   CA   sing N N 1   
ALA N   H    sing N N 2   
ALA N   H2   sing N N 3   
ALA CA  C    sing N N 4   
ALA CA  CB   sing N N 5   
ALA CA  HA   sing N N 6   
ALA C   O    doub N N 7   
ALA C   OXT  sing N N 8   
ALA CB  HB1  sing N N 9   
ALA CB  HB2  sing N N 10  
ALA CB  HB3  sing N N 11  
ALA OXT HXT  sing N N 12  
ARG N   CA   sing N N 13  
ARG N   H    sing N N 14  
ARG N   H2   sing N N 15  
ARG CA  C    sing N N 16  
ARG CA  CB   sing N N 17  
ARG CA  HA   sing N N 18  
ARG C   O    doub N N 19  
ARG C   OXT  sing N N 20  
ARG CB  CG   sing N N 21  
ARG CB  HB2  sing N N 22  
ARG CB  HB3  sing N N 23  
ARG CG  CD   sing N N 24  
ARG CG  HG2  sing N N 25  
ARG CG  HG3  sing N N 26  
ARG CD  NE   sing N N 27  
ARG CD  HD2  sing N N 28  
ARG CD  HD3  sing N N 29  
ARG NE  CZ   sing N N 30  
ARG NE  HE   sing N N 31  
ARG CZ  NH1  sing N N 32  
ARG CZ  NH2  doub N N 33  
ARG NH1 HH11 sing N N 34  
ARG NH1 HH12 sing N N 35  
ARG NH2 HH21 sing N N 36  
ARG NH2 HH22 sing N N 37  
ARG OXT HXT  sing N N 38  
ASN N   CA   sing N N 39  
ASN N   H    sing N N 40  
ASN N   H2   sing N N 41  
ASN CA  C    sing N N 42  
ASN CA  CB   sing N N 43  
ASN CA  HA   sing N N 44  
ASN C   O    doub N N 45  
ASN C   OXT  sing N N 46  
ASN CB  CG   sing N N 47  
ASN CB  HB2  sing N N 48  
ASN CB  HB3  sing N N 49  
ASN CG  OD1  doub N N 50  
ASN CG  ND2  sing N N 51  
ASN ND2 HD21 sing N N 52  
ASN ND2 HD22 sing N N 53  
ASN OXT HXT  sing N N 54  
ASP N   CA   sing N N 55  
ASP N   H    sing N N 56  
ASP N   H2   sing N N 57  
ASP CA  C    sing N N 58  
ASP CA  CB   sing N N 59  
ASP CA  HA   sing N N 60  
ASP C   O    doub N N 61  
ASP C   OXT  sing N N 62  
ASP CB  CG   sing N N 63  
ASP CB  HB2  sing N N 64  
ASP CB  HB3  sing N N 65  
ASP CG  OD1  doub N N 66  
ASP CG  OD2  sing N N 67  
ASP OD2 HD2  sing N N 68  
ASP OXT HXT  sing N N 69  
CYS N   CA   sing N N 70  
CYS N   H    sing N N 71  
CYS N   H2   sing N N 72  
CYS CA  C    sing N N 73  
CYS CA  CB   sing N N 74  
CYS CA  HA   sing N N 75  
CYS C   O    doub N N 76  
CYS C   OXT  sing N N 77  
CYS CB  SG   sing N N 78  
CYS CB  HB2  sing N N 79  
CYS CB  HB3  sing N N 80  
CYS SG  HG   sing N N 81  
CYS OXT HXT  sing N N 82  
GLN N   CA   sing N N 83  
GLN N   H    sing N N 84  
GLN N   H2   sing N N 85  
GLN CA  C    sing N N 86  
GLN CA  CB   sing N N 87  
GLN CA  HA   sing N N 88  
GLN C   O    doub N N 89  
GLN C   OXT  sing N N 90  
GLN CB  CG   sing N N 91  
GLN CB  HB2  sing N N 92  
GLN CB  HB3  sing N N 93  
GLN CG  CD   sing N N 94  
GLN CG  HG2  sing N N 95  
GLN CG  HG3  sing N N 96  
GLN CD  OE1  doub N N 97  
GLN CD  NE2  sing N N 98  
GLN NE2 HE21 sing N N 99  
GLN NE2 HE22 sing N N 100 
GLN OXT HXT  sing N N 101 
GLU N   CA   sing N N 102 
GLU N   H    sing N N 103 
GLU N   H2   sing N N 104 
GLU CA  C    sing N N 105 
GLU CA  CB   sing N N 106 
GLU CA  HA   sing N N 107 
GLU C   O    doub N N 108 
GLU C   OXT  sing N N 109 
GLU CB  CG   sing N N 110 
GLU CB  HB2  sing N N 111 
GLU CB  HB3  sing N N 112 
GLU CG  CD   sing N N 113 
GLU CG  HG2  sing N N 114 
GLU CG  HG3  sing N N 115 
GLU CD  OE1  doub N N 116 
GLU CD  OE2  sing N N 117 
GLU OE2 HE2  sing N N 118 
GLU OXT HXT  sing N N 119 
GLY N   CA   sing N N 120 
GLY N   H    sing N N 121 
GLY N   H2   sing N N 122 
GLY CA  C    sing N N 123 
GLY CA  HA2  sing N N 124 
GLY CA  HA3  sing N N 125 
GLY C   O    doub N N 126 
GLY C   OXT  sing N N 127 
GLY OXT HXT  sing N N 128 
HIS N   CA   sing N N 129 
HIS N   H    sing N N 130 
HIS N   H2   sing N N 131 
HIS CA  C    sing N N 132 
HIS CA  CB   sing N N 133 
HIS CA  HA   sing N N 134 
HIS C   O    doub N N 135 
HIS C   OXT  sing N N 136 
HIS CB  CG   sing N N 137 
HIS CB  HB2  sing N N 138 
HIS CB  HB3  sing N N 139 
HIS CG  ND1  sing Y N 140 
HIS CG  CD2  doub Y N 141 
HIS ND1 CE1  doub Y N 142 
HIS ND1 HD1  sing N N 143 
HIS CD2 NE2  sing Y N 144 
HIS CD2 HD2  sing N N 145 
HIS CE1 NE2  sing Y N 146 
HIS CE1 HE1  sing N N 147 
HIS NE2 HE2  sing N N 148 
HIS OXT HXT  sing N N 149 
HOH O   H1   sing N N 150 
HOH O   H2   sing N N 151 
ILE N   CA   sing N N 152 
ILE N   H    sing N N 153 
ILE N   H2   sing N N 154 
ILE CA  C    sing N N 155 
ILE CA  CB   sing N N 156 
ILE CA  HA   sing N N 157 
ILE C   O    doub N N 158 
ILE C   OXT  sing N N 159 
ILE CB  CG1  sing N N 160 
ILE CB  CG2  sing N N 161 
ILE CB  HB   sing N N 162 
ILE CG1 CD1  sing N N 163 
ILE CG1 HG12 sing N N 164 
ILE CG1 HG13 sing N N 165 
ILE CG2 HG21 sing N N 166 
ILE CG2 HG22 sing N N 167 
ILE CG2 HG23 sing N N 168 
ILE CD1 HD11 sing N N 169 
ILE CD1 HD12 sing N N 170 
ILE CD1 HD13 sing N N 171 
ILE OXT HXT  sing N N 172 
LEU N   CA   sing N N 173 
LEU N   H    sing N N 174 
LEU N   H2   sing N N 175 
LEU CA  C    sing N N 176 
LEU CA  CB   sing N N 177 
LEU CA  HA   sing N N 178 
LEU C   O    doub N N 179 
LEU C   OXT  sing N N 180 
LEU CB  CG   sing N N 181 
LEU CB  HB2  sing N N 182 
LEU CB  HB3  sing N N 183 
LEU CG  CD1  sing N N 184 
LEU CG  CD2  sing N N 185 
LEU CG  HG   sing N N 186 
LEU CD1 HD11 sing N N 187 
LEU CD1 HD12 sing N N 188 
LEU CD1 HD13 sing N N 189 
LEU CD2 HD21 sing N N 190 
LEU CD2 HD22 sing N N 191 
LEU CD2 HD23 sing N N 192 
LEU OXT HXT  sing N N 193 
LYS N   CA   sing N N 194 
LYS N   H    sing N N 195 
LYS N   H2   sing N N 196 
LYS CA  C    sing N N 197 
LYS CA  CB   sing N N 198 
LYS CA  HA   sing N N 199 
LYS C   O    doub N N 200 
LYS C   OXT  sing N N 201 
LYS CB  CG   sing N N 202 
LYS CB  HB2  sing N N 203 
LYS CB  HB3  sing N N 204 
LYS CG  CD   sing N N 205 
LYS CG  HG2  sing N N 206 
LYS CG  HG3  sing N N 207 
LYS CD  CE   sing N N 208 
LYS CD  HD2  sing N N 209 
LYS CD  HD3  sing N N 210 
LYS CE  NZ   sing N N 211 
LYS CE  HE2  sing N N 212 
LYS CE  HE3  sing N N 213 
LYS NZ  HZ1  sing N N 214 
LYS NZ  HZ2  sing N N 215 
LYS NZ  HZ3  sing N N 216 
LYS OXT HXT  sing N N 217 
MET N   CA   sing N N 218 
MET N   H    sing N N 219 
MET N   H2   sing N N 220 
MET CA  C    sing N N 221 
MET CA  CB   sing N N 222 
MET CA  HA   sing N N 223 
MET C   O    doub N N 224 
MET C   OXT  sing N N 225 
MET CB  CG   sing N N 226 
MET CB  HB2  sing N N 227 
MET CB  HB3  sing N N 228 
MET CG  SD   sing N N 229 
MET CG  HG2  sing N N 230 
MET CG  HG3  sing N N 231 
MET SD  CE   sing N N 232 
MET CE  HE1  sing N N 233 
MET CE  HE2  sing N N 234 
MET CE  HE3  sing N N 235 
MET OXT HXT  sing N N 236 
PHE N   CA   sing N N 237 
PHE N   H    sing N N 238 
PHE N   H2   sing N N 239 
PHE CA  C    sing N N 240 
PHE CA  CB   sing N N 241 
PHE CA  HA   sing N N 242 
PHE C   O    doub N N 243 
PHE C   OXT  sing N N 244 
PHE CB  CG   sing N N 245 
PHE CB  HB2  sing N N 246 
PHE CB  HB3  sing N N 247 
PHE CG  CD1  doub Y N 248 
PHE CG  CD2  sing Y N 249 
PHE CD1 CE1  sing Y N 250 
PHE CD1 HD1  sing N N 251 
PHE CD2 CE2  doub Y N 252 
PHE CD2 HD2  sing N N 253 
PHE CE1 CZ   doub Y N 254 
PHE CE1 HE1  sing N N 255 
PHE CE2 CZ   sing Y N 256 
PHE CE2 HE2  sing N N 257 
PHE CZ  HZ   sing N N 258 
PHE OXT HXT  sing N N 259 
PRO N   CA   sing N N 260 
PRO N   CD   sing N N 261 
PRO N   H    sing N N 262 
PRO CA  C    sing N N 263 
PRO CA  CB   sing N N 264 
PRO CA  HA   sing N N 265 
PRO C   O    doub N N 266 
PRO C   OXT  sing N N 267 
PRO CB  CG   sing N N 268 
PRO CB  HB2  sing N N 269 
PRO CB  HB3  sing N N 270 
PRO CG  CD   sing N N 271 
PRO CG  HG2  sing N N 272 
PRO CG  HG3  sing N N 273 
PRO CD  HD2  sing N N 274 
PRO CD  HD3  sing N N 275 
PRO OXT HXT  sing N N 276 
SER N   CA   sing N N 277 
SER N   H    sing N N 278 
SER N   H2   sing N N 279 
SER CA  C    sing N N 280 
SER CA  CB   sing N N 281 
SER CA  HA   sing N N 282 
SER C   O    doub N N 283 
SER C   OXT  sing N N 284 
SER CB  OG   sing N N 285 
SER CB  HB2  sing N N 286 
SER CB  HB3  sing N N 287 
SER OG  HG   sing N N 288 
SER OXT HXT  sing N N 289 
THR N   CA   sing N N 290 
THR N   H    sing N N 291 
THR N   H2   sing N N 292 
THR CA  C    sing N N 293 
THR CA  CB   sing N N 294 
THR CA  HA   sing N N 295 
THR C   O    doub N N 296 
THR C   OXT  sing N N 297 
THR CB  OG1  sing N N 298 
THR CB  CG2  sing N N 299 
THR CB  HB   sing N N 300 
THR OG1 HG1  sing N N 301 
THR CG2 HG21 sing N N 302 
THR CG2 HG22 sing N N 303 
THR CG2 HG23 sing N N 304 
THR OXT HXT  sing N N 305 
TRP N   CA   sing N N 306 
TRP N   H    sing N N 307 
TRP N   H2   sing N N 308 
TRP CA  C    sing N N 309 
TRP CA  CB   sing N N 310 
TRP CA  HA   sing N N 311 
TRP C   O    doub N N 312 
TRP C   OXT  sing N N 313 
TRP CB  CG   sing N N 314 
TRP CB  HB2  sing N N 315 
TRP CB  HB3  sing N N 316 
TRP CG  CD1  doub Y N 317 
TRP CG  CD2  sing Y N 318 
TRP CD1 NE1  sing Y N 319 
TRP CD1 HD1  sing N N 320 
TRP CD2 CE2  doub Y N 321 
TRP CD2 CE3  sing Y N 322 
TRP NE1 CE2  sing Y N 323 
TRP NE1 HE1  sing N N 324 
TRP CE2 CZ2  sing Y N 325 
TRP CE3 CZ3  doub Y N 326 
TRP CE3 HE3  sing N N 327 
TRP CZ2 CH2  doub Y N 328 
TRP CZ2 HZ2  sing N N 329 
TRP CZ3 CH2  sing Y N 330 
TRP CZ3 HZ3  sing N N 331 
TRP CH2 HH2  sing N N 332 
TRP OXT HXT  sing N N 333 
TYR N   CA   sing N N 334 
TYR N   H    sing N N 335 
TYR N   H2   sing N N 336 
TYR CA  C    sing N N 337 
TYR CA  CB   sing N N 338 
TYR CA  HA   sing N N 339 
TYR C   O    doub N N 340 
TYR C   OXT  sing N N 341 
TYR CB  CG   sing N N 342 
TYR CB  HB2  sing N N 343 
TYR CB  HB3  sing N N 344 
TYR CG  CD1  doub Y N 345 
TYR CG  CD2  sing Y N 346 
TYR CD1 CE1  sing Y N 347 
TYR CD1 HD1  sing N N 348 
TYR CD2 CE2  doub Y N 349 
TYR CD2 HD2  sing N N 350 
TYR CE1 CZ   doub Y N 351 
TYR CE1 HE1  sing N N 352 
TYR CE2 CZ   sing Y N 353 
TYR CE2 HE2  sing N N 354 
TYR CZ  OH   sing N N 355 
TYR OH  HH   sing N N 356 
TYR OXT HXT  sing N N 357 
VAL N   CA   sing N N 358 
VAL N   H    sing N N 359 
VAL N   H2   sing N N 360 
VAL CA  C    sing N N 361 
VAL CA  CB   sing N N 362 
VAL CA  HA   sing N N 363 
VAL C   O    doub N N 364 
VAL C   OXT  sing N N 365 
VAL CB  CG1  sing N N 366 
VAL CB  CG2  sing N N 367 
VAL CB  HB   sing N N 368 
VAL CG1 HG11 sing N N 369 
VAL CG1 HG12 sing N N 370 
VAL CG1 HG13 sing N N 371 
VAL CG2 HG21 sing N N 372 
VAL CG2 HG22 sing N N 373 
VAL CG2 HG23 sing N N 374 
VAL OXT HXT  sing N N 375 
# 
loop_
_pdbx_entity_nonpoly.entity_id 
_pdbx_entity_nonpoly.name 
_pdbx_entity_nonpoly.comp_id 
2 'CADMIUM ION' CD  
3 water         HOH 
# 
_pdbx_initial_refinement_model.id               1 
_pdbx_initial_refinement_model.entity_id_list   ? 
_pdbx_initial_refinement_model.type             'experimental model' 
_pdbx_initial_refinement_model.source_name      PDB 
_pdbx_initial_refinement_model.accession_code   2FFX 
_pdbx_initial_refinement_model.details          'pdb entry 2FFX' 
# 
